data_2LR4
#
_entry.id   2LR4
#
_entity_poly.entity_id   1
_entity_poly.type   'polypeptide(L)'
_entity_poly.pdbx_seq_one_letter_code
;GAEALPLYYLQITGITSDGNDFAWDNLTSSQTKAPNVLKGNKLYVKARFMGYTKLTVITGKDGKNLLYNGTAKMFKSDAI
LGQNKVVIGWDKYFEIPMDALQDNSIQIKALSSGTTFVYSQKIDFERE
;
_entity_poly.pdbx_strand_id   A
#
# COMPACT_ATOMS: atom_id res chain seq x y z
N GLY A 1 7.35 -20.87 13.80
CA GLY A 1 7.63 -20.03 12.64
C GLY A 1 7.55 -20.84 11.36
N ALA A 2 6.37 -20.87 10.73
CA ALA A 2 6.11 -21.49 9.45
C ALA A 2 5.40 -20.49 8.55
N GLU A 3 4.19 -20.08 8.93
CA GLU A 3 3.39 -19.18 8.12
C GLU A 3 3.57 -17.70 8.51
N ALA A 4 4.49 -17.42 9.43
CA ALA A 4 4.95 -16.09 9.80
C ALA A 4 6.37 -15.83 9.28
N LEU A 5 6.64 -16.39 8.11
CA LEU A 5 7.72 -15.99 7.23
C LEU A 5 7.71 -14.48 7.09
N PRO A 6 8.88 -13.87 6.81
CA PRO A 6 8.99 -12.45 6.63
C PRO A 6 8.28 -12.06 5.34
N LEU A 7 8.04 -10.76 5.21
CA LEU A 7 7.47 -10.15 4.02
C LEU A 7 8.32 -10.52 2.80
N TYR A 8 7.74 -11.24 1.84
CA TYR A 8 8.38 -11.67 0.61
C TYR A 8 7.78 -11.06 -0.65
N TYR A 9 6.68 -10.28 -0.57
CA TYR A 9 6.10 -9.61 -1.74
C TYR A 9 5.30 -8.42 -1.29
N LEU A 10 5.54 -7.27 -1.91
CA LEU A 10 4.95 -5.99 -1.63
C LEU A 10 4.57 -5.44 -3.00
N GLN A 11 3.34 -5.01 -3.17
CA GLN A 11 2.90 -4.40 -4.41
C GLN A 11 1.60 -3.65 -4.13
N ILE A 12 1.46 -2.42 -4.64
CA ILE A 12 0.29 -1.57 -4.40
C ILE A 12 -1.03 -2.28 -4.75
N THR A 13 -1.07 -3.15 -5.75
CA THR A 13 -2.13 -4.10 -6.09
C THR A 13 -3.50 -3.49 -6.46
N GLY A 14 -4.13 -2.67 -5.63
CA GLY A 14 -5.29 -1.88 -5.98
C GLY A 14 -5.19 -0.49 -5.39
N ILE A 15 -5.88 0.46 -6.00
CA ILE A 15 -5.90 1.84 -5.54
C ILE A 15 -7.25 2.41 -5.91
N THR A 16 -7.75 3.34 -5.10
CA THR A 16 -8.88 4.18 -5.43
C THR A 16 -8.77 5.44 -4.59
N SER A 17 -9.75 6.31 -4.72
CA SER A 17 -10.03 7.39 -3.81
C SER A 17 -11.53 7.43 -3.58
N ASP A 18 -11.92 8.20 -2.57
CA ASP A 18 -13.29 8.54 -2.20
C ASP A 18 -14.02 9.18 -3.37
N GLY A 19 -13.35 10.06 -4.12
CA GLY A 19 -13.92 10.71 -5.29
C GLY A 19 -14.06 9.82 -6.53
N ASN A 20 -13.57 8.56 -6.53
CA ASN A 20 -13.50 7.71 -7.72
C ASN A 20 -14.50 6.55 -7.68
N ASP A 21 -15.60 6.69 -6.93
CA ASP A 21 -16.63 5.65 -6.76
C ASP A 21 -16.09 4.40 -6.03
N PHE A 22 -14.98 4.56 -5.31
CA PHE A 22 -14.26 3.47 -4.67
C PHE A 22 -13.87 2.38 -5.70
N ALA A 23 -13.67 2.78 -6.97
CA ALA A 23 -13.23 1.95 -8.09
C ALA A 23 -11.80 1.44 -7.87
N TRP A 24 -11.64 0.27 -7.25
CA TRP A 24 -10.38 -0.31 -6.79
C TRP A 24 -9.35 -0.61 -7.86
N ASP A 25 -9.78 -0.67 -9.13
CA ASP A 25 -8.97 -0.69 -10.35
C ASP A 25 -7.75 -1.62 -10.20
N ASN A 26 -7.97 -2.93 -10.35
CA ASN A 26 -6.94 -3.95 -10.22
C ASN A 26 -5.71 -3.61 -11.04
N LEU A 27 -4.61 -3.27 -10.37
CA LEU A 27 -3.41 -2.78 -11.02
C LEU A 27 -2.75 -3.93 -11.75
N THR A 28 -2.21 -3.66 -12.93
CA THR A 28 -1.41 -4.60 -13.68
C THR A 28 -0.23 -5.09 -12.84
N SER A 29 0.28 -6.28 -13.15
CA SER A 29 1.13 -7.05 -12.24
C SER A 29 2.49 -6.41 -11.94
N SER A 30 2.87 -5.37 -12.68
CA SER A 30 4.08 -4.59 -12.49
C SER A 30 3.81 -3.12 -12.85
N GLN A 31 2.56 -2.66 -12.69
CA GLN A 31 2.10 -1.32 -13.04
C GLN A 31 3.05 -0.27 -12.45
N THR A 32 3.25 0.85 -13.16
CA THR A 32 4.05 2.00 -12.71
C THR A 32 3.24 3.30 -12.68
N LYS A 33 2.00 3.30 -13.17
CA LYS A 33 1.18 4.49 -13.30
C LYS A 33 -0.27 4.17 -13.01
N ALA A 34 -1.07 5.19 -12.70
CA ALA A 34 -2.42 5.01 -12.23
C ALA A 34 -3.29 4.42 -13.33
N PRO A 35 -4.42 3.79 -12.94
CA PRO A 35 -5.48 3.49 -13.86
C PRO A 35 -6.07 4.77 -14.44
N ASN A 36 -6.35 5.76 -13.58
CA ASN A 36 -6.99 7.01 -13.94
C ASN A 36 -6.59 8.07 -12.93
N VAL A 37 -6.89 9.32 -13.25
CA VAL A 37 -6.95 10.42 -12.31
C VAL A 37 -7.94 10.16 -11.18
N LEU A 38 -7.37 9.92 -10.00
CA LEU A 38 -8.03 9.73 -8.72
C LEU A 38 -8.55 11.07 -8.20
N LYS A 39 -9.86 11.30 -8.26
CA LYS A 39 -10.47 12.50 -7.70
C LYS A 39 -10.41 12.46 -6.17
N GLY A 40 -10.55 13.59 -5.47
CA GLY A 40 -10.60 13.60 -4.01
C GLY A 40 -9.21 13.84 -3.40
N ASN A 41 -9.09 13.59 -2.09
CA ASN A 41 -7.81 13.56 -1.36
C ASN A 41 -7.66 12.29 -0.51
N LYS A 42 -8.76 11.62 -0.16
CA LYS A 42 -8.70 10.37 0.60
C LYS A 42 -8.26 9.24 -0.32
N LEU A 43 -6.96 9.02 -0.38
CA LEU A 43 -6.33 8.00 -1.20
C LEU A 43 -6.41 6.68 -0.44
N TYR A 44 -6.96 5.67 -1.08
CA TYR A 44 -7.11 4.33 -0.52
C TYR A 44 -6.26 3.37 -1.34
N VAL A 45 -5.20 2.83 -0.75
CA VAL A 45 -4.48 1.69 -1.34
C VAL A 45 -5.09 0.41 -0.76
N LYS A 46 -5.03 -0.68 -1.54
CA LYS A 46 -5.28 -2.04 -1.12
C LYS A 46 -4.07 -2.87 -1.59
N ALA A 47 -3.01 -2.89 -0.78
CA ALA A 47 -1.71 -3.45 -1.15
C ALA A 47 -1.50 -4.83 -0.52
N ARG A 48 -0.90 -5.72 -1.31
CA ARG A 48 -0.72 -7.12 -0.94
C ARG A 48 0.62 -7.26 -0.23
N PHE A 49 0.62 -7.72 1.01
CA PHE A 49 1.80 -7.97 1.83
C PHE A 49 1.82 -9.48 2.06
N MET A 50 2.57 -10.21 1.22
CA MET A 50 2.70 -11.65 1.36
C MET A 50 3.85 -11.85 2.32
N GLY A 51 3.55 -12.26 3.54
CA GLY A 51 4.52 -12.43 4.63
C GLY A 51 4.25 -11.46 5.78
N TYR A 52 4.80 -11.76 6.95
CA TYR A 52 4.56 -11.05 8.19
C TYR A 52 5.29 -9.70 8.18
N THR A 53 4.57 -8.62 8.49
CA THR A 53 5.12 -7.33 8.85
C THR A 53 4.10 -6.64 9.75
N LYS A 54 4.61 -5.81 10.66
CA LYS A 54 3.90 -4.70 11.29
C LYS A 54 4.78 -3.45 11.30
N LEU A 55 5.75 -3.34 10.38
CA LEU A 55 6.65 -2.20 10.24
C LEU A 55 6.45 -1.64 8.82
N THR A 56 5.35 -0.95 8.59
CA THR A 56 5.11 -0.21 7.35
C THR A 56 5.75 1.17 7.49
N VAL A 57 6.27 1.73 6.40
CA VAL A 57 6.79 3.08 6.37
C VAL A 57 6.33 3.71 5.05
N ILE A 58 6.01 5.01 5.10
CA ILE A 58 5.66 5.85 3.97
C ILE A 58 6.30 7.18 4.34
N THR A 59 7.24 7.66 3.53
CA THR A 59 8.14 8.74 3.89
C THR A 59 7.49 10.13 3.70
N GLY A 60 6.47 10.23 2.84
CA GLY A 60 5.82 11.49 2.53
C GLY A 60 6.78 12.54 1.96
N LYS A 61 6.28 13.76 1.82
CA LYS A 61 7.10 14.86 1.32
C LYS A 61 8.19 15.25 2.31
N ASP A 62 7.82 15.38 3.59
CA ASP A 62 8.70 15.91 4.62
C ASP A 62 9.83 14.94 4.98
N GLY A 63 9.68 13.66 4.62
CA GLY A 63 10.70 12.66 4.85
C GLY A 63 10.58 12.02 6.23
N LYS A 64 9.37 11.75 6.72
CA LYS A 64 9.10 11.09 8.00
C LYS A 64 7.97 10.10 7.83
N ASN A 65 7.85 9.13 8.75
CA ASN A 65 6.87 8.05 8.67
C ASN A 65 5.48 8.61 8.82
N LEU A 66 4.75 8.78 7.72
CA LEU A 66 3.41 9.38 7.72
C LEU A 66 2.43 8.62 8.60
N LEU A 67 2.55 7.29 8.65
CA LEU A 67 1.73 6.45 9.52
C LEU A 67 2.03 6.65 11.01
N TYR A 68 3.06 7.41 11.38
CA TYR A 68 3.34 7.87 12.74
C TYR A 68 3.37 9.41 12.78
N ASN A 69 2.88 10.09 11.74
CA ASN A 69 2.88 11.56 11.63
C ASN A 69 1.55 12.11 12.09
N GLY A 70 0.44 11.69 11.47
CA GLY A 70 -0.88 12.14 11.86
C GLY A 70 -2.00 11.67 10.93
N THR A 71 -1.83 11.72 9.61
CA THR A 71 -2.96 11.55 8.69
C THR A 71 -3.15 10.08 8.34
N ALA A 72 -2.13 9.46 7.71
CA ALA A 72 -2.24 8.09 7.27
C ALA A 72 -2.38 7.20 8.50
N LYS A 73 -3.28 6.24 8.41
CA LYS A 73 -3.44 5.16 9.35
C LYS A 73 -3.76 3.91 8.55
N MET A 74 -3.32 2.75 9.03
CA MET A 74 -4.03 1.52 8.72
C MET A 74 -5.32 1.58 9.54
N PHE A 75 -6.46 1.22 8.94
CA PHE A 75 -7.76 1.28 9.60
C PHE A 75 -8.64 0.06 9.27
N LYS A 76 -8.12 -0.90 8.50
CA LYS A 76 -8.88 -2.05 8.00
C LYS A 76 -7.85 -3.12 7.68
N SER A 77 -8.13 -4.37 8.06
CA SER A 77 -7.19 -5.46 7.96
C SER A 77 -7.98 -6.74 7.76
N ASP A 78 -8.08 -7.25 6.53
CA ASP A 78 -8.81 -8.49 6.27
C ASP A 78 -7.76 -9.61 6.29
N ALA A 79 -8.09 -10.79 5.79
CA ALA A 79 -7.15 -11.89 5.63
C ALA A 79 -7.18 -12.41 4.19
N ILE A 80 -6.14 -13.15 3.79
CA ILE A 80 -6.02 -13.81 2.49
C ILE A 80 -5.55 -15.23 2.74
N LEU A 81 -5.99 -16.13 1.87
CA LEU A 81 -5.63 -17.54 1.88
C LEU A 81 -4.89 -17.92 0.60
N GLY A 82 -3.91 -18.81 0.72
CA GLY A 82 -3.24 -19.43 -0.41
C GLY A 82 -3.87 -20.79 -0.70
N GLN A 83 -5.19 -20.81 -0.92
CA GLN A 83 -6.02 -21.97 -1.25
C GLN A 83 -6.16 -22.96 -0.09
N ASN A 84 -5.05 -23.55 0.37
CA ASN A 84 -5.00 -24.62 1.38
C ASN A 84 -5.25 -24.09 2.81
N LYS A 85 -6.03 -23.01 2.96
CA LYS A 85 -6.21 -22.20 4.17
C LYS A 85 -4.91 -21.62 4.75
N VAL A 86 -3.81 -21.70 4.01
CA VAL A 86 -2.52 -21.13 4.39
C VAL A 86 -2.65 -19.60 4.43
N VAL A 87 -2.26 -18.98 5.54
CA VAL A 87 -2.26 -17.52 5.71
C VAL A 87 -1.05 -16.97 4.94
N ILE A 88 -1.21 -16.74 3.63
CA ILE A 88 -0.14 -16.18 2.81
C ILE A 88 0.11 -14.70 3.13
N GLY A 89 -0.90 -13.99 3.61
CA GLY A 89 -0.78 -12.58 3.90
C GLY A 89 -2.13 -11.98 4.24
N TRP A 90 -2.16 -10.65 4.34
CA TRP A 90 -3.36 -9.89 4.70
C TRP A 90 -3.29 -8.62 3.87
N ASP A 91 -4.42 -8.14 3.37
CA ASP A 91 -4.48 -6.94 2.53
C ASP A 91 -4.51 -5.73 3.48
N LYS A 92 -3.35 -5.16 3.81
CA LYS A 92 -3.31 -4.02 4.74
C LYS A 92 -3.76 -2.74 4.02
N TYR A 93 -4.96 -2.25 4.35
CA TYR A 93 -5.52 -1.04 3.77
C TYR A 93 -4.91 0.20 4.44
N PHE A 94 -4.92 1.35 3.77
CA PHE A 94 -4.36 2.60 4.29
C PHE A 94 -5.17 3.81 3.83
N GLU A 95 -5.21 4.88 4.64
CA GLU A 95 -5.94 6.12 4.37
C GLU A 95 -4.96 7.28 4.16
N ILE A 96 -4.30 7.36 3.01
CA ILE A 96 -3.27 8.35 2.79
C ILE A 96 -3.94 9.67 2.34
N PRO A 97 -3.47 10.85 2.77
CA PRO A 97 -3.78 12.10 2.07
C PRO A 97 -2.95 12.11 0.78
N MET A 98 -3.55 12.40 -0.38
CA MET A 98 -2.76 12.70 -1.58
C MET A 98 -1.84 13.89 -1.31
N ASP A 99 -2.40 14.89 -0.61
CA ASP A 99 -1.80 16.21 -0.42
C ASP A 99 -0.38 16.10 0.17
N ALA A 100 -0.18 15.25 1.18
CA ALA A 100 1.08 15.16 1.94
C ALA A 100 2.21 14.39 1.22
N LEU A 101 2.02 13.95 -0.02
CA LEU A 101 3.00 13.11 -0.73
C LEU A 101 4.03 13.97 -1.45
N GLN A 102 5.22 13.41 -1.67
CA GLN A 102 6.38 14.11 -2.17
C GLN A 102 6.23 14.53 -3.63
N ASP A 103 5.51 13.73 -4.40
CA ASP A 103 5.29 13.88 -5.82
C ASP A 103 3.85 13.44 -6.09
N ASN A 104 3.42 13.34 -7.34
CA ASN A 104 2.09 12.89 -7.67
C ASN A 104 2.06 11.36 -7.75
N SER A 105 2.81 10.65 -6.91
CA SER A 105 2.75 9.20 -6.86
C SER A 105 2.57 8.73 -5.43
N ILE A 106 2.17 7.48 -5.29
CA ILE A 106 2.17 6.78 -4.01
C ILE A 106 3.22 5.68 -4.07
N GLN A 107 3.75 5.28 -2.92
CA GLN A 107 4.64 4.15 -2.74
C GLN A 107 4.58 3.77 -1.26
N ILE A 108 4.73 2.48 -0.96
CA ILE A 108 4.88 1.94 0.40
C ILE A 108 6.27 1.30 0.46
N LYS A 109 6.83 1.17 1.66
CA LYS A 109 7.97 0.28 1.89
C LYS A 109 7.81 -0.41 3.25
N ALA A 110 8.28 -1.65 3.47
CA ALA A 110 8.06 -2.34 4.74
C ALA A 110 9.24 -3.23 5.08
N LEU A 111 9.45 -3.51 6.37
CA LEU A 111 10.53 -4.41 6.80
C LEU A 111 10.17 -5.84 6.41
N SER A 112 10.99 -6.43 5.56
CA SER A 112 11.00 -7.85 5.25
C SER A 112 11.69 -8.57 6.41
N SER A 113 13.02 -8.62 6.43
CA SER A 113 13.80 -9.33 7.44
C SER A 113 15.13 -8.58 7.63
N GLY A 114 15.62 -8.55 8.87
CA GLY A 114 16.87 -7.93 9.28
C GLY A 114 16.78 -6.42 9.10
N THR A 115 17.28 -5.93 7.96
CA THR A 115 17.15 -4.53 7.58
C THR A 115 16.71 -4.39 6.12
N THR A 116 16.32 -5.48 5.44
CA THR A 116 15.68 -5.41 4.13
C THR A 116 14.36 -4.68 4.31
N PHE A 117 14.23 -3.62 3.55
CA PHE A 117 13.05 -2.81 3.44
C PHE A 117 12.58 -2.98 2.01
N VAL A 118 11.54 -3.79 1.78
CA VAL A 118 10.96 -3.89 0.45
C VAL A 118 10.42 -2.53 0.11
N TYR A 119 10.81 -2.04 -1.05
CA TYR A 119 10.19 -0.90 -1.66
C TYR A 119 9.16 -1.48 -2.61
N SER A 120 7.92 -1.02 -2.51
CA SER A 120 6.97 -1.23 -3.56
C SER A 120 7.46 -0.49 -4.82
N GLN A 121 6.73 -0.62 -5.92
CA GLN A 121 6.93 0.26 -7.07
C GLN A 121 6.59 1.72 -6.71
N LYS A 122 6.68 2.61 -7.69
CA LYS A 122 5.99 3.89 -7.70
C LYS A 122 4.76 3.75 -8.60
N ILE A 123 3.64 4.39 -8.26
CA ILE A 123 2.44 4.51 -9.09
C ILE A 123 2.11 6.00 -9.16
N ASP A 124 2.51 6.62 -10.27
CA ASP A 124 2.23 8.03 -10.60
C ASP A 124 0.74 8.18 -10.89
N PHE A 125 0.08 9.26 -10.48
CA PHE A 125 -1.34 9.49 -10.69
C PHE A 125 -1.63 10.96 -11.00
N GLU A 126 -2.88 11.28 -11.37
CA GLU A 126 -3.33 12.63 -11.65
C GLU A 126 -4.31 13.07 -10.56
N ARG A 127 -4.38 14.38 -10.27
CA ARG A 127 -5.11 14.98 -9.15
C ARG A 127 -6.30 15.77 -9.69
N GLU A 128 -7.42 15.08 -9.90
CA GLU A 128 -8.64 15.57 -10.57
C GLU A 128 -8.40 16.04 -12.00
N GLY A 1 3.70 -25.87 9.46
CA GLY A 1 4.34 -24.56 9.51
C GLY A 1 3.31 -23.47 9.31
N ALA A 2 3.49 -22.63 8.28
CA ALA A 2 2.74 -21.38 8.10
C ALA A 2 2.75 -20.53 9.38
N GLU A 3 3.89 -20.48 10.04
CA GLU A 3 4.23 -19.52 11.08
C GLU A 3 4.34 -18.12 10.46
N ALA A 4 4.59 -17.10 11.30
CA ALA A 4 4.83 -15.72 10.92
C ALA A 4 6.15 -15.50 10.16
N LEU A 5 6.25 -16.08 8.98
CA LEU A 5 7.25 -15.77 7.98
C LEU A 5 7.30 -14.27 7.65
N PRO A 6 8.43 -13.73 7.20
CA PRO A 6 8.58 -12.32 6.90
C PRO A 6 8.16 -12.01 5.47
N LEU A 7 8.00 -10.72 5.18
CA LEU A 7 7.59 -10.16 3.90
C LEU A 7 8.49 -10.57 2.72
N TYR A 8 7.93 -11.23 1.71
CA TYR A 8 8.61 -11.56 0.45
C TYR A 8 7.99 -10.86 -0.77
N TYR A 9 6.92 -10.07 -0.61
CA TYR A 9 6.29 -9.35 -1.71
C TYR A 9 5.70 -8.05 -1.20
N LEU A 10 5.80 -6.97 -1.99
CA LEU A 10 5.24 -5.66 -1.67
C LEU A 10 4.81 -5.00 -2.97
N GLN A 11 3.51 -4.91 -3.21
CA GLN A 11 2.93 -4.26 -4.39
C GLN A 11 1.70 -3.47 -3.97
N ILE A 12 1.38 -2.43 -4.74
CA ILE A 12 0.19 -1.64 -4.50
C ILE A 12 -1.09 -2.43 -4.80
N THR A 13 -1.13 -3.32 -5.79
CA THR A 13 -2.22 -4.28 -6.06
C THR A 13 -3.60 -3.67 -6.39
N GLY A 14 -4.23 -2.85 -5.53
CA GLY A 14 -5.42 -2.07 -5.85
C GLY A 14 -5.30 -0.66 -5.30
N ILE A 15 -5.99 0.30 -5.91
CA ILE A 15 -6.02 1.70 -5.47
C ILE A 15 -7.41 2.28 -5.76
N THR A 16 -7.87 3.21 -4.93
CA THR A 16 -9.02 4.04 -5.24
C THR A 16 -8.93 5.32 -4.40
N SER A 17 -9.91 6.21 -4.55
CA SER A 17 -10.23 7.21 -3.55
C SER A 17 -11.72 7.10 -3.23
N ASP A 18 -12.15 7.90 -2.24
CA ASP A 18 -13.55 8.12 -1.89
C ASP A 18 -14.29 8.69 -3.10
N GLY A 19 -13.72 9.73 -3.75
CA GLY A 19 -14.32 10.37 -4.91
C GLY A 19 -14.23 9.56 -6.21
N ASN A 20 -13.94 8.25 -6.19
CA ASN A 20 -13.86 7.42 -7.41
C ASN A 20 -14.85 6.25 -7.44
N ASP A 21 -15.89 6.28 -6.61
CA ASP A 21 -16.89 5.22 -6.46
C ASP A 21 -16.29 3.95 -5.84
N PHE A 22 -15.17 4.11 -5.12
CA PHE A 22 -14.42 3.04 -4.48
C PHE A 22 -13.97 1.98 -5.51
N ALA A 23 -13.81 2.38 -6.78
CA ALA A 23 -13.32 1.55 -7.87
C ALA A 23 -11.86 1.14 -7.67
N TRP A 24 -11.62 -0.01 -7.02
CA TRP A 24 -10.33 -0.52 -6.56
C TRP A 24 -9.27 -0.80 -7.62
N ASP A 25 -9.63 -0.83 -8.90
CA ASP A 25 -8.75 -0.92 -10.07
C ASP A 25 -7.63 -1.96 -9.88
N ASN A 26 -7.84 -3.22 -10.28
CA ASN A 26 -6.83 -4.28 -10.10
C ASN A 26 -5.59 -3.98 -10.94
N LEU A 27 -4.55 -3.47 -10.30
CA LEU A 27 -3.39 -2.91 -10.95
C LEU A 27 -2.56 -4.01 -11.58
N THR A 28 -2.04 -3.73 -12.77
CA THR A 28 -1.21 -4.65 -13.53
C THR A 28 0.04 -5.02 -12.74
N SER A 29 0.57 -6.20 -13.07
CA SER A 29 1.58 -6.93 -12.32
C SER A 29 2.90 -6.17 -12.13
N SER A 30 3.18 -5.21 -13.03
CA SER A 30 4.40 -4.42 -13.07
C SER A 30 4.10 -2.96 -13.42
N GLN A 31 2.86 -2.49 -13.16
CA GLN A 31 2.41 -1.13 -13.47
C GLN A 31 3.34 -0.08 -12.87
N THR A 32 3.34 1.12 -13.46
CA THR A 32 4.15 2.26 -13.04
C THR A 32 3.34 3.55 -12.92
N LYS A 33 2.05 3.53 -13.31
CA LYS A 33 1.21 4.72 -13.29
C LYS A 33 -0.24 4.35 -12.97
N ALA A 34 -1.01 5.33 -12.52
CA ALA A 34 -2.37 5.11 -12.08
C ALA A 34 -3.24 4.76 -13.29
N PRO A 35 -4.35 4.06 -13.05
CA PRO A 35 -5.37 3.82 -14.07
C PRO A 35 -6.07 5.11 -14.52
N ASN A 36 -6.24 6.10 -13.64
CA ASN A 36 -7.16 7.21 -13.87
C ASN A 36 -6.78 8.40 -12.99
N VAL A 37 -7.44 9.53 -13.19
CA VAL A 37 -7.43 10.61 -12.20
C VAL A 37 -8.19 10.12 -10.97
N LEU A 38 -7.46 9.88 -9.89
CA LEU A 38 -8.02 9.62 -8.56
C LEU A 38 -8.50 10.96 -8.00
N LYS A 39 -9.79 11.24 -8.13
CA LYS A 39 -10.40 12.43 -7.54
C LYS A 39 -10.35 12.34 -6.02
N GLY A 40 -10.69 13.43 -5.33
CA GLY A 40 -10.76 13.40 -3.88
C GLY A 40 -9.42 13.75 -3.27
N ASN A 41 -9.22 13.26 -2.05
CA ASN A 41 -8.03 13.44 -1.22
C ASN A 41 -7.69 12.14 -0.48
N LYS A 42 -8.68 11.34 -0.07
CA LYS A 42 -8.47 10.12 0.71
C LYS A 42 -7.96 9.03 -0.22
N LEU A 43 -6.67 8.72 -0.17
CA LEU A 43 -5.99 7.83 -1.09
C LEU A 43 -5.98 6.44 -0.43
N TYR A 44 -6.83 5.56 -0.94
CA TYR A 44 -7.00 4.21 -0.41
C TYR A 44 -6.13 3.26 -1.23
N VAL A 45 -5.21 2.53 -0.59
CA VAL A 45 -4.17 1.69 -1.22
C VAL A 45 -4.24 0.26 -0.66
N LYS A 46 -4.68 -0.74 -1.44
CA LYS A 46 -4.89 -2.12 -0.99
C LYS A 46 -3.65 -2.93 -1.37
N ALA A 47 -2.57 -2.75 -0.59
CA ALA A 47 -1.21 -3.13 -0.97
C ALA A 47 -0.84 -4.54 -0.53
N ARG A 48 -0.89 -5.58 -1.36
CA ARG A 48 -0.81 -6.99 -0.90
C ARG A 48 0.53 -7.33 -0.25
N PHE A 49 0.57 -7.46 1.08
CA PHE A 49 1.76 -7.89 1.81
C PHE A 49 1.74 -9.41 1.89
N MET A 50 2.62 -10.09 1.15
CA MET A 50 2.81 -11.53 1.30
C MET A 50 3.90 -11.76 2.33
N GLY A 51 3.48 -12.11 3.55
CA GLY A 51 4.34 -12.30 4.71
C GLY A 51 3.97 -11.34 5.83
N TYR A 52 4.46 -11.61 7.05
CA TYR A 52 4.17 -10.83 8.24
C TYR A 52 5.03 -9.58 8.18
N THR A 53 4.41 -8.40 8.25
CA THR A 53 5.10 -7.13 8.27
C THR A 53 4.21 -6.15 9.05
N LYS A 54 4.74 -5.62 10.16
CA LYS A 54 4.04 -4.71 11.07
C LYS A 54 4.86 -3.45 11.36
N LEU A 55 5.70 -3.05 10.41
CA LEU A 55 6.48 -1.83 10.43
C LEU A 55 6.43 -1.23 9.01
N THR A 56 5.32 -0.58 8.70
CA THR A 56 5.03 -0.02 7.38
C THR A 56 5.37 1.47 7.39
N VAL A 57 6.04 1.94 6.33
CA VAL A 57 6.60 3.28 6.27
C VAL A 57 6.26 3.90 4.91
N ILE A 58 6.06 5.21 4.91
CA ILE A 58 5.76 6.03 3.74
C ILE A 58 6.46 7.36 4.06
N THR A 59 7.64 7.62 3.47
CA THR A 59 8.54 8.69 3.88
C THR A 59 8.02 10.10 3.53
N GLY A 60 6.95 10.20 2.73
CA GLY A 60 6.26 11.44 2.37
C GLY A 60 7.19 12.53 1.86
N LYS A 61 6.65 13.74 1.86
CA LYS A 61 7.36 14.94 1.41
C LYS A 61 8.26 15.54 2.49
N ASP A 62 7.94 15.28 3.75
CA ASP A 62 8.66 15.79 4.91
C ASP A 62 9.86 14.93 5.27
N GLY A 63 9.97 13.74 4.68
CA GLY A 63 11.02 12.78 5.00
C GLY A 63 10.81 12.06 6.33
N LYS A 64 9.60 12.00 6.89
CA LYS A 64 9.27 11.19 8.05
C LYS A 64 8.14 10.25 7.69
N ASN A 65 7.83 9.28 8.55
CA ASN A 65 6.78 8.32 8.23
C ASN A 65 5.42 8.99 8.33
N LEU A 66 4.77 9.21 7.18
CA LEU A 66 3.40 9.71 7.07
C LEU A 66 2.47 8.88 7.93
N LEU A 67 2.66 7.56 7.94
CA LEU A 67 1.81 6.63 8.64
C LEU A 67 1.90 6.78 10.16
N TYR A 68 2.88 7.56 10.66
CA TYR A 68 2.97 7.98 12.05
C TYR A 68 2.76 9.49 12.23
N ASN A 69 2.77 10.28 11.15
CA ASN A 69 2.69 11.73 11.16
C ASN A 69 1.35 12.18 11.75
N GLY A 70 0.25 11.64 11.21
CA GLY A 70 -1.07 11.80 11.81
C GLY A 70 -2.22 11.43 10.88
N THR A 71 -2.07 11.62 9.57
CA THR A 71 -3.18 11.45 8.63
C THR A 71 -3.24 9.99 8.18
N ALA A 72 -2.20 9.55 7.48
CA ALA A 72 -2.12 8.21 6.94
C ALA A 72 -2.11 7.21 8.09
N LYS A 73 -3.00 6.23 8.04
CA LYS A 73 -3.16 5.24 9.09
C LYS A 73 -3.92 4.05 8.52
N MET A 74 -3.55 2.84 8.92
CA MET A 74 -4.31 1.64 8.57
C MET A 74 -5.56 1.61 9.43
N PHE A 75 -6.70 1.31 8.83
CA PHE A 75 -7.99 1.19 9.50
C PHE A 75 -8.73 -0.11 9.15
N LYS A 76 -8.12 -1.03 8.40
CA LYS A 76 -8.72 -2.31 8.02
C LYS A 76 -7.56 -3.24 7.66
N SER A 77 -7.66 -4.53 8.01
CA SER A 77 -6.69 -5.55 7.66
C SER A 77 -7.43 -6.86 7.48
N ASP A 78 -7.87 -7.12 6.25
CA ASP A 78 -8.60 -8.36 5.92
C ASP A 78 -7.60 -9.50 5.67
N ALA A 79 -8.04 -10.74 5.53
CA ALA A 79 -7.16 -11.91 5.45
C ALA A 79 -7.04 -12.42 4.01
N ILE A 80 -5.89 -12.97 3.65
CA ILE A 80 -5.60 -13.48 2.31
C ILE A 80 -5.19 -14.94 2.43
N LEU A 81 -6.12 -15.85 2.11
CA LEU A 81 -5.83 -17.25 1.95
C LEU A 81 -5.25 -17.48 0.54
N GLY A 82 -4.29 -18.39 0.38
CA GLY A 82 -3.61 -18.64 -0.89
C GLY A 82 -4.36 -19.68 -1.71
N GLN A 83 -3.84 -20.90 -1.80
CA GLN A 83 -4.50 -22.04 -2.47
C GLN A 83 -4.34 -23.31 -1.64
N ASN A 84 -4.64 -23.22 -0.34
CA ASN A 84 -4.55 -24.35 0.60
C ASN A 84 -5.21 -24.08 1.97
N LYS A 85 -6.06 -23.04 2.09
CA LYS A 85 -6.41 -22.46 3.39
C LYS A 85 -5.13 -22.11 4.15
N VAL A 86 -4.22 -21.43 3.46
CA VAL A 86 -2.94 -20.96 3.98
C VAL A 86 -2.99 -19.44 4.00
N VAL A 87 -2.87 -18.81 5.17
CA VAL A 87 -2.73 -17.36 5.25
C VAL A 87 -1.39 -17.01 4.59
N ILE A 88 -1.43 -16.54 3.35
CA ILE A 88 -0.24 -16.07 2.63
C ILE A 88 0.06 -14.62 2.95
N GLY A 89 -0.93 -13.87 3.44
CA GLY A 89 -0.80 -12.45 3.69
C GLY A 89 -2.09 -11.86 4.19
N TRP A 90 -2.14 -10.54 4.25
CA TRP A 90 -3.30 -9.79 4.71
C TRP A 90 -3.46 -8.58 3.83
N ASP A 91 -4.71 -8.17 3.61
CA ASP A 91 -5.09 -6.98 2.85
C ASP A 91 -5.05 -5.84 3.88
N LYS A 92 -3.88 -5.26 4.16
CA LYS A 92 -3.72 -4.08 5.02
C LYS A 92 -4.14 -2.88 4.16
N TYR A 93 -5.14 -2.13 4.62
CA TYR A 93 -5.60 -0.91 3.96
C TYR A 93 -4.92 0.31 4.60
N PHE A 94 -4.93 1.50 3.97
CA PHE A 94 -4.34 2.73 4.51
C PHE A 94 -5.08 3.97 4.00
N GLU A 95 -5.16 5.04 4.79
CA GLU A 95 -5.86 6.27 4.42
C GLU A 95 -4.90 7.44 4.18
N ILE A 96 -4.19 7.43 3.05
CA ILE A 96 -3.10 8.37 2.84
C ILE A 96 -3.67 9.68 2.24
N PRO A 97 -3.25 10.87 2.70
CA PRO A 97 -3.54 12.12 2.00
C PRO A 97 -2.72 12.20 0.71
N MET A 98 -3.38 12.43 -0.43
CA MET A 98 -2.67 12.76 -1.68
C MET A 98 -1.78 13.99 -1.48
N ASP A 99 -2.33 15.00 -0.79
CA ASP A 99 -1.76 16.33 -0.62
C ASP A 99 -0.53 16.37 0.30
N ALA A 100 -0.10 15.25 0.90
CA ALA A 100 1.12 15.19 1.74
C ALA A 100 2.20 14.26 1.15
N LEU A 101 2.02 13.75 -0.06
CA LEU A 101 3.02 12.87 -0.69
C LEU A 101 4.14 13.67 -1.32
N GLN A 102 5.31 13.05 -1.40
CA GLN A 102 6.55 13.59 -1.92
C GLN A 102 6.43 14.11 -3.34
N ASP A 103 5.75 13.35 -4.18
CA ASP A 103 5.59 13.53 -5.60
C ASP A 103 4.12 13.18 -5.86
N ASN A 104 3.65 13.39 -7.09
CA ASN A 104 2.34 12.91 -7.53
C ASN A 104 2.44 11.42 -7.84
N SER A 105 2.97 10.61 -6.93
CA SER A 105 2.98 9.16 -7.00
C SER A 105 2.79 8.59 -5.60
N ILE A 106 2.34 7.33 -5.49
CA ILE A 106 2.21 6.64 -4.22
C ILE A 106 3.01 5.34 -4.27
N GLN A 107 3.68 5.04 -3.16
CA GLN A 107 4.48 3.86 -2.89
C GLN A 107 4.39 3.60 -1.39
N ILE A 108 4.37 2.34 -0.96
CA ILE A 108 4.53 1.95 0.44
C ILE A 108 5.82 1.13 0.53
N LYS A 109 6.51 1.13 1.67
CA LYS A 109 7.73 0.35 1.87
C LYS A 109 7.68 -0.25 3.28
N ALA A 110 8.14 -1.49 3.45
CA ALA A 110 8.09 -2.19 4.74
C ALA A 110 9.32 -3.08 4.96
N LEU A 111 9.68 -3.31 6.23
CA LEU A 111 10.74 -4.24 6.63
C LEU A 111 10.25 -5.68 6.46
N SER A 112 11.03 -6.52 5.80
CA SER A 112 10.87 -7.98 5.86
C SER A 112 11.29 -8.45 7.26
N SER A 113 12.60 -8.59 7.50
CA SER A 113 13.18 -9.15 8.73
C SER A 113 14.70 -9.21 8.52
N GLY A 114 15.43 -8.43 9.30
CA GLY A 114 16.89 -8.41 9.25
C GLY A 114 17.36 -7.50 8.12
N THR A 115 17.38 -6.19 8.39
CA THR A 115 17.78 -5.06 7.56
C THR A 115 17.01 -4.89 6.24
N THR A 116 16.32 -5.93 5.78
CA THR A 116 15.68 -5.97 4.48
C THR A 116 14.51 -5.05 4.47
N PHE A 117 14.56 -4.04 3.63
CA PHE A 117 13.46 -3.13 3.42
C PHE A 117 13.02 -3.25 1.97
N VAL A 118 11.76 -3.59 1.79
CA VAL A 118 11.15 -3.81 0.49
C VAL A 118 10.37 -2.54 0.19
N TYR A 119 10.46 -2.05 -1.04
CA TYR A 119 9.80 -0.87 -1.54
C TYR A 119 8.83 -1.31 -2.61
N SER A 120 7.57 -0.88 -2.52
CA SER A 120 6.59 -1.24 -3.53
C SER A 120 6.97 -0.61 -4.85
N GLN A 121 6.34 -1.05 -5.93
CA GLN A 121 6.48 -0.33 -7.19
C GLN A 121 5.85 1.06 -7.06
N LYS A 122 6.43 2.01 -7.79
CA LYS A 122 6.06 3.42 -7.84
C LYS A 122 4.86 3.56 -8.76
N ILE A 123 3.82 4.28 -8.36
CA ILE A 123 2.67 4.57 -9.21
C ILE A 123 2.39 6.06 -9.18
N ASP A 124 2.79 6.76 -10.26
CA ASP A 124 2.41 8.14 -10.54
C ASP A 124 0.89 8.22 -10.67
N PHE A 125 0.26 9.33 -10.28
CA PHE A 125 -1.18 9.52 -10.39
C PHE A 125 -1.49 10.96 -10.77
N GLU A 126 -2.75 11.21 -11.13
CA GLU A 126 -3.33 12.53 -11.20
C GLU A 126 -4.40 12.56 -10.13
N ARG A 127 -4.36 13.64 -9.37
CA ARG A 127 -5.41 14.04 -8.46
C ARG A 127 -6.03 15.24 -9.10
N GLU A 128 -7.30 15.12 -9.40
CA GLU A 128 -8.12 16.27 -9.74
C GLU A 128 -7.91 17.33 -8.66
N GLY A 1 4.38 -26.24 8.58
CA GLY A 1 2.92 -26.09 8.49
C GLY A 1 2.51 -24.72 8.98
N ALA A 2 2.58 -23.73 8.08
CA ALA A 2 2.84 -22.31 8.37
C ALA A 2 4.13 -22.15 9.19
N GLU A 3 4.59 -20.91 9.34
CA GLU A 3 5.71 -20.56 10.23
C GLU A 3 5.72 -19.05 10.56
N ALA A 4 4.62 -18.35 10.24
CA ALA A 4 4.57 -16.90 10.15
C ALA A 4 5.77 -16.37 9.37
N LEU A 5 5.86 -16.85 8.12
CA LEU A 5 6.88 -16.47 7.14
C LEU A 5 6.98 -14.94 7.05
N PRO A 6 8.18 -14.39 6.79
CA PRO A 6 8.39 -12.96 6.66
C PRO A 6 7.79 -12.47 5.35
N LEU A 7 7.70 -11.14 5.21
CA LEU A 7 7.13 -10.47 4.05
C LEU A 7 7.99 -10.64 2.79
N TYR A 8 7.61 -11.59 1.93
CA TYR A 8 8.31 -11.89 0.69
C TYR A 8 7.79 -11.08 -0.51
N TYR A 9 6.65 -10.38 -0.42
CA TYR A 9 6.06 -9.66 -1.55
C TYR A 9 5.21 -8.49 -1.10
N LEU A 10 5.45 -7.31 -1.67
CA LEU A 10 4.85 -6.04 -1.28
C LEU A 10 4.62 -5.24 -2.57
N GLN A 11 3.36 -4.99 -2.92
CA GLN A 11 2.94 -4.22 -4.08
C GLN A 11 1.70 -3.39 -3.71
N ILE A 12 1.45 -2.28 -4.42
CA ILE A 12 0.27 -1.43 -4.21
C ILE A 12 -1.00 -2.23 -4.53
N THR A 13 -0.97 -3.10 -5.55
CA THR A 13 -1.97 -4.10 -5.88
C THR A 13 -3.35 -3.55 -6.32
N GLY A 14 -4.08 -2.81 -5.49
CA GLY A 14 -5.29 -2.09 -5.91
C GLY A 14 -5.30 -0.70 -5.27
N ILE A 15 -6.02 0.25 -5.86
CA ILE A 15 -6.07 1.63 -5.39
C ILE A 15 -7.45 2.20 -5.72
N THR A 16 -7.88 3.19 -4.95
CA THR A 16 -9.05 4.00 -5.24
C THR A 16 -8.89 5.30 -4.46
N SER A 17 -9.86 6.19 -4.52
CA SER A 17 -10.00 7.33 -3.62
C SER A 17 -11.49 7.55 -3.38
N ASP A 18 -11.81 8.48 -2.48
CA ASP A 18 -13.18 8.87 -2.14
C ASP A 18 -13.96 9.23 -3.42
N GLY A 19 -13.39 10.12 -4.25
CA GLY A 19 -13.95 10.52 -5.53
C GLY A 19 -13.72 9.51 -6.67
N ASN A 20 -13.50 8.23 -6.36
CA ASN A 20 -13.39 7.18 -7.36
C ASN A 20 -14.47 6.10 -7.22
N ASP A 21 -15.44 6.26 -6.31
CA ASP A 21 -16.55 5.30 -6.09
C ASP A 21 -16.06 3.96 -5.53
N PHE A 22 -14.90 3.98 -4.84
CA PHE A 22 -14.22 2.78 -4.35
C PHE A 22 -13.88 1.80 -5.49
N ALA A 23 -13.75 2.29 -6.74
CA ALA A 23 -13.26 1.53 -7.88
C ALA A 23 -11.79 1.12 -7.65
N TRP A 24 -11.57 -0.07 -7.10
CA TRP A 24 -10.28 -0.58 -6.63
C TRP A 24 -9.27 -0.89 -7.72
N ASP A 25 -9.71 -0.88 -8.97
CA ASP A 25 -8.91 -0.80 -10.21
C ASP A 25 -7.67 -1.69 -10.16
N ASN A 26 -7.79 -2.97 -10.51
CA ASN A 26 -6.71 -3.95 -10.42
C ASN A 26 -5.44 -3.50 -11.13
N LEU A 27 -4.44 -3.12 -10.35
CA LEU A 27 -3.20 -2.59 -10.89
C LEU A 27 -2.43 -3.75 -11.49
N THR A 28 -1.91 -3.55 -12.68
CA THR A 28 -1.02 -4.50 -13.32
C THR A 28 0.22 -4.70 -12.44
N SER A 29 0.86 -5.87 -12.54
CA SER A 29 2.06 -6.17 -11.76
C SER A 29 3.12 -5.09 -12.01
N SER A 30 3.51 -4.93 -13.27
CA SER A 30 4.50 -3.95 -13.74
C SER A 30 3.94 -2.54 -13.93
N GLN A 31 2.78 -2.21 -13.36
CA GLN A 31 2.21 -0.87 -13.48
C GLN A 31 3.19 0.14 -12.90
N THR A 32 3.31 1.32 -13.53
CA THR A 32 4.11 2.45 -13.02
C THR A 32 3.30 3.77 -13.03
N LYS A 33 2.05 3.71 -13.48
CA LYS A 33 1.15 4.85 -13.56
C LYS A 33 -0.27 4.39 -13.29
N ALA A 34 -1.01 5.21 -12.55
CA ALA A 34 -2.34 4.92 -12.08
C ALA A 34 -3.26 4.65 -13.25
N PRO A 35 -4.40 4.02 -12.99
CA PRO A 35 -5.48 3.93 -13.96
C PRO A 35 -5.94 5.32 -14.39
N ASN A 36 -5.97 6.27 -13.45
CA ASN A 36 -6.78 7.46 -13.59
C ASN A 36 -6.30 8.58 -12.69
N VAL A 37 -6.86 9.76 -12.91
CA VAL A 37 -7.05 10.76 -11.89
C VAL A 37 -8.04 10.27 -10.85
N LEU A 38 -7.48 9.88 -9.71
CA LEU A 38 -8.21 9.59 -8.49
C LEU A 38 -8.66 10.92 -7.90
N LYS A 39 -9.96 11.24 -7.98
CA LYS A 39 -10.49 12.45 -7.38
C LYS A 39 -10.61 12.30 -5.88
N GLY A 40 -10.68 13.43 -5.18
CA GLY A 40 -10.66 13.53 -3.74
C GLY A 40 -9.26 13.81 -3.25
N ASN A 41 -8.98 13.50 -1.99
CA ASN A 41 -7.67 13.54 -1.35
C ASN A 41 -7.40 12.26 -0.55
N LYS A 42 -8.42 11.60 -0.03
CA LYS A 42 -8.21 10.34 0.67
C LYS A 42 -7.88 9.26 -0.36
N LEU A 43 -6.62 8.84 -0.36
CA LEU A 43 -6.00 7.93 -1.31
C LEU A 43 -5.97 6.54 -0.69
N TYR A 44 -6.98 5.74 -0.99
CA TYR A 44 -7.15 4.43 -0.40
C TYR A 44 -6.36 3.40 -1.22
N VAL A 45 -5.35 2.78 -0.61
CA VAL A 45 -4.63 1.66 -1.22
C VAL A 45 -5.16 0.35 -0.61
N LYS A 46 -5.14 -0.73 -1.39
CA LYS A 46 -5.42 -2.11 -0.98
C LYS A 46 -4.15 -2.89 -1.31
N ALA A 47 -3.20 -2.88 -0.39
CA ALA A 47 -1.83 -3.32 -0.60
C ALA A 47 -1.66 -4.76 -0.12
N ARG A 48 -1.18 -5.61 -1.01
CA ARG A 48 -0.82 -6.99 -0.70
C ARG A 48 0.45 -7.00 0.14
N PHE A 49 0.45 -7.69 1.29
CA PHE A 49 1.65 -7.98 2.07
C PHE A 49 1.71 -9.50 2.24
N MET A 50 2.48 -10.20 1.41
CA MET A 50 2.61 -11.65 1.53
C MET A 50 3.66 -11.98 2.60
N GLY A 51 3.24 -11.97 3.86
CA GLY A 51 4.04 -12.37 5.00
C GLY A 51 3.98 -11.37 6.15
N TYR A 52 4.56 -11.75 7.29
CA TYR A 52 4.59 -10.91 8.48
C TYR A 52 5.51 -9.72 8.24
N THR A 53 5.00 -8.54 8.55
CA THR A 53 5.75 -7.33 8.83
C THR A 53 4.93 -6.57 9.87
N LYS A 54 5.59 -5.67 10.60
CA LYS A 54 4.94 -4.65 11.42
C LYS A 54 5.70 -3.32 11.29
N LEU A 55 6.39 -3.08 10.17
CA LEU A 55 7.16 -1.88 9.87
C LEU A 55 6.78 -1.39 8.47
N THR A 56 5.57 -0.83 8.31
CA THR A 56 5.18 -0.16 7.08
C THR A 56 5.71 1.28 7.13
N VAL A 57 6.33 1.79 6.05
CA VAL A 57 6.73 3.19 5.95
C VAL A 57 6.16 3.83 4.67
N ILE A 58 5.75 5.09 4.81
CA ILE A 58 5.18 5.96 3.79
C ILE A 58 5.91 7.29 4.01
N THR A 59 6.95 7.58 3.24
CA THR A 59 7.91 8.65 3.43
C THR A 59 7.24 10.03 3.38
N GLY A 60 6.39 10.29 2.37
CA GLY A 60 5.67 11.55 2.22
C GLY A 60 6.57 12.74 1.92
N LYS A 61 6.01 13.96 1.89
CA LYS A 61 6.81 15.17 1.66
C LYS A 61 7.78 15.43 2.82
N ASP A 62 7.38 15.01 4.03
CA ASP A 62 8.18 15.16 5.23
C ASP A 62 9.50 14.36 5.17
N GLY A 63 9.61 13.35 4.28
CA GLY A 63 10.83 12.57 4.17
C GLY A 63 11.01 11.60 5.35
N LYS A 64 9.91 11.17 5.98
CA LYS A 64 9.95 10.33 7.18
C LYS A 64 8.88 9.27 7.19
N ASN A 65 7.66 9.54 7.68
CA ASN A 65 6.71 8.48 7.94
C ASN A 65 5.32 9.06 8.21
N LEU A 66 4.51 9.26 7.16
CA LEU A 66 3.17 9.84 7.28
C LEU A 66 2.27 9.01 8.19
N LEU A 67 2.51 7.70 8.30
CA LEU A 67 1.77 6.83 9.21
C LEU A 67 2.00 7.19 10.69
N TYR A 68 3.07 7.94 11.00
CA TYR A 68 3.31 8.56 12.29
C TYR A 68 2.83 10.01 12.29
N ASN A 69 2.89 10.74 11.16
CA ASN A 69 2.41 12.13 11.09
C ASN A 69 0.93 12.19 11.46
N GLY A 70 0.17 11.19 11.01
CA GLY A 70 -1.15 10.88 11.54
C GLY A 70 -2.27 11.02 10.52
N THR A 71 -2.00 11.56 9.33
CA THR A 71 -3.02 11.61 8.29
C THR A 71 -3.21 10.20 7.70
N ALA A 72 -2.10 9.58 7.28
CA ALA A 72 -2.10 8.20 6.85
C ALA A 72 -2.22 7.30 8.08
N LYS A 73 -3.01 6.24 7.97
CA LYS A 73 -3.26 5.27 9.02
C LYS A 73 -3.84 4.01 8.36
N MET A 74 -3.86 2.88 9.07
CA MET A 74 -4.68 1.75 8.72
C MET A 74 -6.00 1.78 9.51
N PHE A 75 -7.08 1.39 8.85
CA PHE A 75 -8.44 1.29 9.35
C PHE A 75 -9.11 -0.05 8.95
N LYS A 76 -8.44 -0.92 8.18
CA LYS A 76 -8.99 -2.17 7.66
C LYS A 76 -7.81 -3.06 7.32
N SER A 77 -7.83 -4.34 7.67
CA SER A 77 -7.00 -5.34 7.00
C SER A 77 -7.90 -6.53 6.63
N ASP A 78 -7.48 -7.39 5.70
CA ASP A 78 -8.19 -8.62 5.33
C ASP A 78 -7.18 -9.77 5.26
N ALA A 79 -7.63 -11.01 5.41
CA ALA A 79 -6.78 -12.19 5.60
C ALA A 79 -6.65 -12.93 4.27
N ILE A 80 -5.46 -12.94 3.69
CA ILE A 80 -5.23 -13.58 2.40
C ILE A 80 -4.92 -15.05 2.69
N LEU A 81 -5.98 -15.84 2.66
CA LEU A 81 -5.85 -17.29 2.62
C LEU A 81 -5.40 -17.68 1.22
N GLY A 82 -4.38 -18.51 1.09
CA GLY A 82 -3.78 -18.80 -0.21
C GLY A 82 -4.69 -19.70 -1.04
N GLN A 83 -4.82 -20.96 -0.62
CA GLN A 83 -5.75 -21.93 -1.16
C GLN A 83 -6.08 -22.96 -0.07
N ASN A 84 -5.06 -23.43 0.64
CA ASN A 84 -5.15 -24.52 1.60
C ASN A 84 -5.33 -23.96 3.02
N LYS A 85 -6.08 -22.86 3.19
CA LYS A 85 -6.32 -22.14 4.44
C LYS A 85 -5.05 -21.57 5.09
N VAL A 86 -3.94 -21.59 4.37
CA VAL A 86 -2.67 -21.00 4.76
C VAL A 86 -2.87 -19.50 4.70
N VAL A 87 -2.63 -18.78 5.80
CA VAL A 87 -2.54 -17.34 5.77
C VAL A 87 -1.21 -17.02 5.05
N ILE A 88 -1.27 -16.74 3.76
CA ILE A 88 -0.08 -16.38 2.97
C ILE A 88 0.27 -14.90 3.16
N GLY A 89 -0.67 -14.09 3.66
CA GLY A 89 -0.45 -12.69 3.93
C GLY A 89 -1.72 -12.03 4.42
N TRP A 90 -1.71 -10.70 4.47
CA TRP A 90 -2.88 -9.91 4.75
C TRP A 90 -2.84 -8.75 3.78
N ASP A 91 -4.02 -8.31 3.37
CA ASP A 91 -4.16 -7.12 2.57
C ASP A 91 -4.30 -6.00 3.60
N LYS A 92 -3.20 -5.34 3.94
CA LYS A 92 -3.23 -4.19 4.85
C LYS A 92 -3.64 -2.97 4.04
N TYR A 93 -4.87 -2.45 4.23
CA TYR A 93 -5.31 -1.28 3.48
C TYR A 93 -4.67 -0.05 4.16
N PHE A 94 -4.68 1.13 3.53
CA PHE A 94 -4.19 2.38 4.14
C PHE A 94 -4.98 3.60 3.66
N GLU A 95 -5.05 4.66 4.48
CA GLU A 95 -5.79 5.91 4.22
C GLU A 95 -4.84 7.09 3.95
N ILE A 96 -3.84 6.90 3.08
CA ILE A 96 -2.86 7.94 2.81
C ILE A 96 -3.59 9.16 2.19
N PRO A 97 -3.17 10.41 2.45
CA PRO A 97 -3.63 11.58 1.69
C PRO A 97 -3.03 11.62 0.28
N MET A 98 -3.38 12.65 -0.49
CA MET A 98 -2.72 13.05 -1.74
C MET A 98 -1.85 14.28 -1.50
N ASP A 99 -2.35 15.34 -0.87
CA ASP A 99 -1.60 16.61 -0.84
C ASP A 99 -0.32 16.48 -0.01
N ALA A 100 -0.30 15.64 1.04
CA ALA A 100 0.85 15.49 1.93
C ALA A 100 2.04 14.74 1.29
N LEU A 101 1.95 14.37 0.02
CA LEU A 101 2.99 13.62 -0.69
C LEU A 101 4.02 14.57 -1.28
N GLN A 102 5.24 14.09 -1.45
CA GLN A 102 6.37 14.82 -2.00
C GLN A 102 6.23 15.00 -3.52
N ASP A 103 5.57 14.06 -4.16
CA ASP A 103 5.48 13.91 -5.60
C ASP A 103 4.08 13.41 -5.89
N ASN A 104 3.62 13.52 -7.14
CA ASN A 104 2.28 13.08 -7.54
C ASN A 104 2.29 11.56 -7.78
N SER A 105 2.88 10.77 -6.89
CA SER A 105 2.87 9.32 -6.92
C SER A 105 2.79 8.75 -5.50
N ILE A 106 2.37 7.50 -5.40
CA ILE A 106 2.29 6.74 -4.15
C ILE A 106 3.29 5.59 -4.22
N GLN A 107 3.88 5.23 -3.07
CA GLN A 107 4.68 4.04 -2.87
C GLN A 107 4.59 3.65 -1.39
N ILE A 108 4.57 2.35 -1.06
CA ILE A 108 4.70 1.83 0.31
C ILE A 108 6.03 1.04 0.35
N LYS A 109 6.61 0.80 1.52
CA LYS A 109 7.84 0.01 1.66
C LYS A 109 7.82 -0.66 3.04
N ALA A 110 8.35 -1.88 3.21
CA ALA A 110 8.38 -2.44 4.57
C ALA A 110 9.62 -3.27 4.90
N LEU A 111 9.95 -3.36 6.21
CA LEU A 111 10.94 -4.31 6.73
C LEU A 111 10.37 -5.71 6.56
N SER A 112 11.16 -6.63 6.00
CA SER A 112 10.84 -8.03 5.89
C SER A 112 11.55 -8.77 7.03
N SER A 113 12.88 -8.88 6.93
CA SER A 113 13.70 -9.66 7.85
C SER A 113 15.09 -9.06 7.93
N GLY A 114 15.71 -9.13 9.10
CA GLY A 114 17.00 -8.53 9.42
C GLY A 114 16.95 -7.01 9.22
N THR A 115 17.40 -6.56 8.05
CA THR A 115 17.43 -5.17 7.62
C THR A 115 16.68 -4.97 6.30
N THR A 116 16.29 -6.05 5.63
CA THR A 116 15.72 -6.08 4.29
C THR A 116 14.48 -5.19 4.26
N PHE A 117 14.47 -4.26 3.32
CA PHE A 117 13.40 -3.31 3.12
C PHE A 117 12.97 -3.41 1.66
N VAL A 118 11.80 -4.01 1.44
CA VAL A 118 11.13 -3.96 0.15
C VAL A 118 10.58 -2.57 -0.08
N TYR A 119 10.71 -2.11 -1.31
CA TYR A 119 10.03 -0.92 -1.79
C TYR A 119 9.03 -1.41 -2.82
N SER A 120 7.76 -1.06 -2.62
CA SER A 120 6.71 -1.37 -3.57
C SER A 120 7.01 -0.63 -4.88
N GLN A 121 6.22 -0.86 -5.94
CA GLN A 121 6.31 0.01 -7.11
C GLN A 121 5.87 1.45 -6.79
N LYS A 122 6.28 2.39 -7.63
CA LYS A 122 5.82 3.78 -7.67
C LYS A 122 4.62 3.86 -8.60
N ILE A 123 3.55 4.56 -8.21
CA ILE A 123 2.41 4.81 -9.09
C ILE A 123 2.08 6.29 -9.07
N ASP A 124 2.49 6.96 -10.15
CA ASP A 124 2.15 8.34 -10.51
C ASP A 124 0.65 8.43 -10.79
N PHE A 125 -0.04 9.48 -10.32
CA PHE A 125 -1.49 9.68 -10.50
C PHE A 125 -1.82 11.18 -10.70
N GLU A 126 -3.08 11.49 -11.01
CA GLU A 126 -3.57 12.84 -11.26
C GLU A 126 -4.53 13.26 -10.14
N ARG A 127 -4.42 14.52 -9.67
CA ARG A 127 -5.16 15.01 -8.49
C ARG A 127 -6.34 15.87 -8.95
N GLU A 128 -7.49 15.23 -9.12
CA GLU A 128 -8.73 15.75 -9.69
C GLU A 128 -8.60 16.28 -11.12
N GLY A 1 7.99 -19.46 13.36
CA GLY A 1 6.82 -20.20 12.90
C GLY A 1 7.11 -20.88 11.56
N ALA A 2 6.11 -21.00 10.70
CA ALA A 2 6.22 -21.55 9.35
C ALA A 2 5.39 -20.72 8.40
N GLU A 3 4.09 -20.58 8.62
CA GLU A 3 3.25 -19.70 7.80
C GLU A 3 3.33 -18.23 8.24
N ALA A 4 4.19 -17.95 9.21
CA ALA A 4 4.65 -16.61 9.56
C ALA A 4 6.07 -16.40 9.04
N LEU A 5 6.29 -16.67 7.75
CA LEU A 5 7.48 -16.19 7.07
C LEU A 5 7.45 -14.65 7.13
N PRO A 6 8.61 -14.01 6.99
CA PRO A 6 8.69 -12.57 6.85
C PRO A 6 8.17 -12.16 5.48
N LEU A 7 7.88 -10.87 5.36
CA LEU A 7 7.38 -10.19 4.19
C LEU A 7 8.27 -10.43 2.96
N TYR A 8 7.84 -11.34 2.09
CA TYR A 8 8.55 -11.74 0.89
C TYR A 8 8.04 -11.02 -0.36
N TYR A 9 6.96 -10.23 -0.28
CA TYR A 9 6.39 -9.52 -1.42
C TYR A 9 5.57 -8.34 -0.94
N LEU A 10 5.58 -7.26 -1.73
CA LEU A 10 4.93 -6.01 -1.45
C LEU A 10 4.50 -5.49 -2.82
N GLN A 11 3.25 -5.09 -2.98
CA GLN A 11 2.75 -4.51 -4.22
C GLN A 11 1.48 -3.71 -3.96
N ILE A 12 1.33 -2.55 -4.59
CA ILE A 12 0.18 -1.65 -4.40
C ILE A 12 -1.15 -2.36 -4.66
N THR A 13 -1.23 -3.22 -5.69
CA THR A 13 -2.32 -4.16 -5.94
C THR A 13 -3.69 -3.52 -6.28
N GLY A 14 -4.32 -2.67 -5.45
CA GLY A 14 -5.50 -1.91 -5.84
C GLY A 14 -5.42 -0.48 -5.28
N ILE A 15 -6.12 0.47 -5.92
CA ILE A 15 -6.10 1.88 -5.54
C ILE A 15 -7.46 2.49 -5.88
N THR A 16 -7.91 3.42 -5.05
CA THR A 16 -9.03 4.28 -5.40
C THR A 16 -8.95 5.57 -4.60
N SER A 17 -9.93 6.45 -4.81
CA SER A 17 -10.13 7.65 -4.04
C SER A 17 -11.63 7.83 -3.79
N ASP A 18 -11.98 8.73 -2.87
CA ASP A 18 -13.35 9.04 -2.46
C ASP A 18 -14.14 9.64 -3.62
N GLY A 19 -13.57 10.59 -4.37
CA GLY A 19 -14.20 11.14 -5.57
C GLY A 19 -14.30 10.10 -6.70
N ASN A 20 -13.70 8.92 -6.55
CA ASN A 20 -13.67 7.88 -7.57
C ASN A 20 -14.70 6.80 -7.35
N ASP A 21 -15.68 7.04 -6.48
CA ASP A 21 -16.75 6.08 -6.20
C ASP A 21 -16.20 4.79 -5.59
N PHE A 22 -15.03 4.89 -4.96
CA PHE A 22 -14.30 3.80 -4.33
C PHE A 22 -14.03 2.65 -5.31
N ALA A 23 -13.98 2.93 -6.62
CA ALA A 23 -13.59 2.03 -7.71
C ALA A 23 -12.16 1.49 -7.55
N TRP A 24 -11.97 0.36 -6.85
CA TRP A 24 -10.69 -0.20 -6.40
C TRP A 24 -9.68 -0.56 -7.47
N ASP A 25 -10.12 -0.69 -8.72
CA ASP A 25 -9.32 -1.10 -9.87
C ASP A 25 -8.57 -2.42 -9.61
N ASN A 26 -7.70 -2.84 -10.53
CA ASN A 26 -6.75 -3.93 -10.28
C ASN A 26 -5.45 -3.59 -11.00
N LEU A 27 -4.41 -3.27 -10.24
CA LEU A 27 -3.15 -2.75 -10.77
C LEU A 27 -2.35 -3.87 -11.39
N THR A 28 -1.75 -3.60 -12.54
CA THR A 28 -0.90 -4.53 -13.25
C THR A 28 0.37 -4.82 -12.44
N SER A 29 1.11 -5.86 -12.85
CA SER A 29 2.35 -6.26 -12.22
C SER A 29 3.40 -5.18 -12.40
N SER A 30 3.90 -5.01 -13.63
CA SER A 30 4.90 -3.99 -13.95
C SER A 30 4.29 -2.58 -14.05
N GLN A 31 3.14 -2.32 -13.43
CA GLN A 31 2.55 -0.98 -13.46
C GLN A 31 3.55 0.04 -12.91
N THR A 32 3.55 1.22 -13.51
CA THR A 32 4.33 2.39 -13.11
C THR A 32 3.47 3.65 -13.03
N LYS A 33 2.20 3.58 -13.44
CA LYS A 33 1.27 4.69 -13.50
C LYS A 33 -0.13 4.21 -13.24
N ALA A 34 -0.93 5.01 -12.53
CA ALA A 34 -2.27 4.67 -12.12
C ALA A 34 -3.16 4.43 -13.35
N PRO A 35 -4.23 3.63 -13.20
CA PRO A 35 -5.12 3.30 -14.30
C PRO A 35 -6.05 4.46 -14.64
N ASN A 36 -6.33 5.37 -13.71
CA ASN A 36 -7.24 6.49 -13.91
C ASN A 36 -6.68 7.61 -13.07
N VAL A 37 -7.06 8.84 -13.38
CA VAL A 37 -7.10 9.92 -12.41
C VAL A 37 -8.27 9.67 -11.47
N LEU A 38 -7.83 9.69 -10.23
CA LEU A 38 -8.52 9.64 -8.98
C LEU A 38 -8.93 11.04 -8.57
N LYS A 39 -10.18 11.24 -8.16
CA LYS A 39 -10.70 12.55 -7.75
C LYS A 39 -10.86 12.57 -6.23
N GLY A 40 -10.88 13.75 -5.60
CA GLY A 40 -10.84 13.87 -4.14
C GLY A 40 -9.40 13.79 -3.59
N ASN A 41 -9.22 13.83 -2.26
CA ASN A 41 -7.92 13.78 -1.57
C ASN A 41 -7.71 12.48 -0.78
N LYS A 42 -8.79 11.80 -0.39
CA LYS A 42 -8.67 10.56 0.35
C LYS A 42 -8.11 9.49 -0.59
N LEU A 43 -6.85 9.12 -0.39
CA LEU A 43 -6.13 8.12 -1.17
C LEU A 43 -6.31 6.80 -0.45
N TYR A 44 -6.85 5.79 -1.11
CA TYR A 44 -7.04 4.47 -0.55
C TYR A 44 -6.22 3.49 -1.37
N VAL A 45 -5.30 2.78 -0.72
CA VAL A 45 -4.55 1.67 -1.31
C VAL A 45 -5.02 0.39 -0.62
N LYS A 46 -5.04 -0.70 -1.38
CA LYS A 46 -5.38 -2.04 -0.92
C LYS A 46 -4.20 -2.93 -1.30
N ALA A 47 -3.21 -2.99 -0.41
CA ALA A 47 -1.84 -3.40 -0.69
C ALA A 47 -1.57 -4.83 -0.21
N ARG A 48 -0.98 -5.65 -1.08
CA ARG A 48 -0.73 -7.06 -0.81
C ARG A 48 0.64 -7.27 -0.17
N PHE A 49 0.67 -7.47 1.14
CA PHE A 49 1.83 -7.83 1.92
C PHE A 49 1.83 -9.35 2.10
N MET A 50 2.67 -10.07 1.35
CA MET A 50 2.76 -11.52 1.48
C MET A 50 3.89 -11.80 2.46
N GLY A 51 3.59 -12.53 3.54
CA GLY A 51 4.49 -12.69 4.68
C GLY A 51 4.33 -11.54 5.69
N TYR A 52 4.76 -11.78 6.93
CA TYR A 52 4.49 -10.90 8.07
C TYR A 52 5.31 -9.62 7.97
N THR A 53 4.65 -8.45 8.14
CA THR A 53 5.31 -7.24 8.63
C THR A 53 4.31 -6.47 9.49
N LYS A 54 4.87 -5.65 10.37
CA LYS A 54 4.21 -4.63 11.17
C LYS A 54 5.07 -3.35 11.15
N LEU A 55 5.86 -3.14 10.09
CA LEU A 55 6.84 -2.07 9.99
C LEU A 55 6.65 -1.38 8.63
N THR A 56 5.41 -1.02 8.31
CA THR A 56 5.08 -0.28 7.11
C THR A 56 5.52 1.18 7.30
N VAL A 57 5.98 1.85 6.22
CA VAL A 57 6.39 3.25 6.22
C VAL A 57 5.89 3.88 4.92
N ILE A 58 5.68 5.20 4.95
CA ILE A 58 5.36 6.07 3.83
C ILE A 58 6.18 7.33 4.09
N THR A 59 7.00 7.75 3.14
CA THR A 59 8.01 8.79 3.32
C THR A 59 7.38 10.20 3.41
N GLY A 60 6.32 10.48 2.64
CA GLY A 60 5.66 11.78 2.62
C GLY A 60 6.55 12.91 2.11
N LYS A 61 5.95 14.08 1.86
CA LYS A 61 6.66 15.28 1.46
C LYS A 61 7.77 15.59 2.44
N ASP A 62 7.42 15.56 3.73
CA ASP A 62 8.29 15.79 4.87
C ASP A 62 9.55 14.92 4.89
N GLY A 63 9.52 13.74 4.28
CA GLY A 63 10.53 12.72 4.58
C GLY A 63 10.42 12.28 6.04
N LYS A 64 9.19 12.14 6.53
CA LYS A 64 8.83 11.66 7.86
C LYS A 64 7.71 10.66 7.70
N ASN A 65 7.72 9.63 8.54
CA ASN A 65 6.84 8.49 8.51
C ASN A 65 5.38 8.93 8.66
N LEU A 66 4.62 9.04 7.57
CA LEU A 66 3.24 9.53 7.65
C LEU A 66 2.37 8.62 8.53
N LEU A 67 2.66 7.32 8.55
CA LEU A 67 1.97 6.37 9.40
C LEU A 67 2.31 6.52 10.89
N TYR A 68 3.23 7.42 11.26
CA TYR A 68 3.47 7.84 12.63
C TYR A 68 3.42 9.38 12.66
N ASN A 69 2.60 9.96 11.78
CA ASN A 69 2.31 11.40 11.73
C ASN A 69 0.89 11.68 12.20
N GLY A 70 -0.11 11.01 11.61
CA GLY A 70 -1.48 11.11 12.09
C GLY A 70 -2.54 11.07 10.99
N THR A 71 -2.20 11.34 9.73
CA THR A 71 -3.20 11.28 8.66
C THR A 71 -3.30 9.82 8.19
N ALA A 72 -2.17 9.24 7.76
CA ALA A 72 -2.11 7.88 7.29
C ALA A 72 -2.21 6.94 8.47
N LYS A 73 -3.06 5.94 8.32
CA LYS A 73 -3.40 4.95 9.33
C LYS A 73 -3.79 3.68 8.58
N MET A 74 -3.51 2.52 9.15
CA MET A 74 -4.21 1.30 8.77
C MET A 74 -5.49 1.29 9.59
N PHE A 75 -6.62 1.09 8.91
CA PHE A 75 -7.96 1.15 9.46
C PHE A 75 -8.78 -0.10 9.10
N LYS A 76 -8.18 -1.07 8.40
CA LYS A 76 -8.86 -2.29 7.97
C LYS A 76 -7.78 -3.29 7.58
N SER A 77 -7.97 -4.57 7.91
CA SER A 77 -6.99 -5.60 7.70
C SER A 77 -7.67 -6.98 7.72
N ASP A 78 -7.89 -7.60 6.56
CA ASP A 78 -8.39 -8.97 6.41
C ASP A 78 -7.18 -9.92 6.37
N ALA A 79 -7.41 -11.23 6.29
CA ALA A 79 -6.41 -12.28 6.31
C ALA A 79 -6.62 -13.17 5.08
N ILE A 80 -5.62 -13.20 4.21
CA ILE A 80 -5.67 -13.85 2.91
C ILE A 80 -5.19 -15.26 3.10
N LEU A 81 -6.12 -16.17 2.83
CA LEU A 81 -5.83 -17.59 2.65
C LEU A 81 -5.53 -17.84 1.18
N GLY A 82 -4.73 -18.86 0.91
CA GLY A 82 -4.68 -19.57 -0.36
C GLY A 82 -5.89 -20.52 -0.45
N GLN A 83 -5.69 -21.69 -1.03
CA GLN A 83 -6.73 -22.69 -1.23
C GLN A 83 -6.85 -23.66 -0.05
N ASN A 84 -5.79 -23.91 0.73
CA ASN A 84 -5.79 -24.97 1.75
C ASN A 84 -5.67 -24.37 3.15
N LYS A 85 -6.41 -23.28 3.40
CA LYS A 85 -6.35 -22.45 4.61
C LYS A 85 -4.93 -21.98 4.93
N VAL A 86 -4.04 -21.97 3.94
CA VAL A 86 -2.68 -21.49 4.09
C VAL A 86 -2.77 -19.97 4.12
N VAL A 87 -2.58 -19.31 5.27
CA VAL A 87 -2.38 -17.87 5.28
C VAL A 87 -1.12 -17.57 4.45
N ILE A 88 -1.23 -16.57 3.56
CA ILE A 88 -0.14 -16.12 2.71
C ILE A 88 0.14 -14.64 2.93
N GLY A 89 -0.85 -13.87 3.35
CA GLY A 89 -0.72 -12.43 3.53
C GLY A 89 -1.97 -11.88 4.18
N TRP A 90 -2.03 -10.56 4.28
CA TRP A 90 -3.10 -9.82 4.91
C TRP A 90 -3.20 -8.53 4.13
N ASP A 91 -4.36 -8.19 3.57
CA ASP A 91 -4.50 -6.99 2.76
C ASP A 91 -4.60 -5.85 3.77
N LYS A 92 -3.49 -5.17 4.07
CA LYS A 92 -3.51 -4.02 4.99
C LYS A 92 -3.86 -2.78 4.18
N TYR A 93 -5.05 -2.23 4.42
CA TYR A 93 -5.49 -0.98 3.81
C TYR A 93 -4.75 0.18 4.43
N PHE A 94 -4.61 1.29 3.69
CA PHE A 94 -4.03 2.52 4.22
C PHE A 94 -4.81 3.74 3.75
N GLU A 95 -4.94 4.71 4.65
CA GLU A 95 -5.78 5.90 4.53
C GLU A 95 -4.90 7.14 4.33
N ILE A 96 -4.23 7.25 3.18
CA ILE A 96 -3.22 8.28 2.99
C ILE A 96 -3.92 9.55 2.47
N PRO A 97 -3.48 10.77 2.84
CA PRO A 97 -3.78 11.97 2.05
C PRO A 97 -3.06 11.84 0.69
N MET A 98 -3.47 12.63 -0.29
CA MET A 98 -2.68 12.82 -1.51
C MET A 98 -1.73 13.99 -1.31
N ASP A 99 -2.24 15.14 -0.80
CA ASP A 99 -1.51 16.40 -0.96
C ASP A 99 -0.21 16.45 -0.15
N ALA A 100 -0.11 15.67 0.93
CA ALA A 100 1.04 15.59 1.83
C ALA A 100 2.17 14.66 1.33
N LEU A 101 2.11 14.16 0.10
CA LEU A 101 3.04 13.16 -0.42
C LEU A 101 4.20 13.79 -1.18
N GLN A 102 5.30 13.04 -1.34
CA GLN A 102 6.55 13.59 -1.83
C GLN A 102 6.55 13.86 -3.34
N ASP A 103 5.71 13.17 -4.09
CA ASP A 103 5.47 13.40 -5.51
C ASP A 103 4.01 13.11 -5.82
N ASN A 104 3.58 13.21 -7.09
CA ASN A 104 2.32 12.71 -7.62
C ASN A 104 2.30 11.18 -7.67
N SER A 105 3.28 10.48 -7.13
CA SER A 105 3.39 9.04 -7.27
C SER A 105 3.32 8.37 -5.91
N ILE A 106 2.37 7.44 -5.76
CA ILE A 106 2.26 6.66 -4.53
C ILE A 106 3.42 5.66 -4.50
N GLN A 107 3.82 5.25 -3.32
CA GLN A 107 4.67 4.10 -3.05
C GLN A 107 4.53 3.80 -1.55
N ILE A 108 4.71 2.55 -1.16
CA ILE A 108 4.81 2.11 0.22
C ILE A 108 6.14 1.35 0.34
N LYS A 109 6.67 1.20 1.54
CA LYS A 109 7.86 0.40 1.79
C LYS A 109 7.72 -0.25 3.16
N ALA A 110 8.33 -1.40 3.43
CA ALA A 110 8.26 -1.99 4.76
C ALA A 110 9.53 -2.78 5.06
N LEU A 111 9.85 -2.91 6.35
CA LEU A 111 10.89 -3.82 6.79
C LEU A 111 10.41 -5.24 6.51
N SER A 112 11.31 -6.07 6.01
CA SER A 112 11.06 -7.46 5.70
C SER A 112 11.41 -8.33 6.90
N SER A 113 12.71 -8.42 7.24
CA SER A 113 13.23 -9.17 8.37
C SER A 113 14.64 -8.63 8.70
N GLY A 114 15.63 -8.83 7.82
CA GLY A 114 17.05 -8.65 8.11
C GLY A 114 17.55 -7.24 7.83
N THR A 115 16.79 -6.23 8.23
CA THR A 115 17.01 -4.79 7.96
C THR A 115 16.70 -4.39 6.50
N THR A 116 16.47 -5.39 5.64
CA THR A 116 15.90 -5.26 4.32
C THR A 116 14.64 -4.46 4.45
N PHE A 117 14.47 -3.57 3.50
CA PHE A 117 13.31 -2.74 3.37
C PHE A 117 12.86 -2.96 1.93
N VAL A 118 11.71 -3.62 1.76
CA VAL A 118 11.08 -3.66 0.46
C VAL A 118 10.59 -2.26 0.19
N TYR A 119 10.86 -1.78 -1.01
CA TYR A 119 10.17 -0.64 -1.57
C TYR A 119 9.26 -1.25 -2.61
N SER A 120 7.97 -0.93 -2.53
CA SER A 120 7.01 -1.30 -3.56
C SER A 120 7.45 -0.62 -4.87
N GLN A 121 6.75 -0.89 -5.97
CA GLN A 121 6.92 -0.04 -7.14
C GLN A 121 6.49 1.39 -6.81
N LYS A 122 6.75 2.34 -7.71
CA LYS A 122 6.22 3.70 -7.62
C LYS A 122 5.20 3.89 -8.75
N ILE A 123 4.03 4.46 -8.45
CA ILE A 123 2.90 4.58 -9.36
C ILE A 123 2.50 6.04 -9.41
N ASP A 124 2.86 6.72 -10.50
CA ASP A 124 2.44 8.09 -10.77
C ASP A 124 0.94 8.15 -10.96
N PHE A 125 0.29 9.18 -10.43
CA PHE A 125 -1.14 9.40 -10.55
C PHE A 125 -1.42 10.90 -10.68
N GLU A 126 -2.69 11.23 -10.87
CA GLU A 126 -3.15 12.60 -11.02
C GLU A 126 -4.27 12.82 -9.99
N ARG A 127 -4.54 14.08 -9.66
CA ARG A 127 -5.45 14.48 -8.59
C ARG A 127 -6.55 15.30 -9.22
N GLU A 128 -7.55 14.62 -9.75
CA GLU A 128 -8.60 15.12 -10.63
C GLU A 128 -8.05 15.90 -11.84
N GLY A 1 10.35 -21.42 12.77
CA GLY A 1 10.67 -22.53 11.86
C GLY A 1 9.61 -22.66 10.79
N ALA A 2 9.93 -22.39 9.52
CA ALA A 2 9.02 -22.46 8.37
C ALA A 2 7.69 -21.68 8.50
N GLU A 3 7.53 -20.85 9.53
CA GLU A 3 6.28 -20.22 9.94
C GLU A 3 6.56 -18.76 10.31
N ALA A 4 5.54 -17.89 10.25
CA ALA A 4 5.69 -16.43 10.32
C ALA A 4 6.86 -15.94 9.46
N LEU A 5 7.00 -16.54 8.28
CA LEU A 5 8.01 -16.16 7.32
C LEU A 5 7.89 -14.67 7.09
N PRO A 6 9.01 -13.99 6.89
CA PRO A 6 9.00 -12.55 6.73
C PRO A 6 8.43 -12.22 5.37
N LEU A 7 8.01 -10.98 5.26
CA LEU A 7 7.43 -10.37 4.08
C LEU A 7 8.25 -10.56 2.81
N TYR A 8 7.64 -11.15 1.78
CA TYR A 8 8.27 -11.55 0.52
C TYR A 8 7.64 -10.97 -0.75
N TYR A 9 6.65 -10.05 -0.67
CA TYR A 9 6.04 -9.41 -1.84
C TYR A 9 5.32 -8.10 -1.46
N LEU A 10 5.65 -6.96 -2.11
CA LEU A 10 5.08 -5.62 -1.87
C LEU A 10 4.64 -5.05 -3.21
N GLN A 11 3.35 -5.06 -3.49
CA GLN A 11 2.77 -4.31 -4.59
C GLN A 11 1.69 -3.42 -3.98
N ILE A 12 1.41 -2.28 -4.60
CA ILE A 12 0.24 -1.48 -4.26
C ILE A 12 -1.05 -2.26 -4.57
N THR A 13 -1.06 -3.18 -5.53
CA THR A 13 -2.10 -4.15 -5.87
C THR A 13 -3.42 -3.52 -6.32
N GLY A 14 -4.11 -2.75 -5.49
CA GLY A 14 -5.24 -1.93 -5.91
C GLY A 14 -5.23 -0.58 -5.21
N ILE A 15 -5.92 0.38 -5.80
CA ILE A 15 -5.94 1.77 -5.37
C ILE A 15 -7.30 2.35 -5.69
N THR A 16 -7.75 3.34 -4.92
CA THR A 16 -8.91 4.14 -5.27
C THR A 16 -8.91 5.44 -4.45
N SER A 17 -9.98 6.24 -4.56
CA SER A 17 -10.20 7.42 -3.75
C SER A 17 -11.69 7.56 -3.49
N ASP A 18 -12.01 8.42 -2.52
CA ASP A 18 -13.38 8.70 -2.09
C ASP A 18 -14.21 9.23 -3.25
N GLY A 19 -13.63 10.09 -4.09
CA GLY A 19 -14.26 10.65 -5.28
C GLY A 19 -14.25 9.71 -6.49
N ASN A 20 -13.87 8.43 -6.36
CA ASN A 20 -13.76 7.49 -7.49
C ASN A 20 -14.73 6.30 -7.39
N ASP A 21 -15.80 6.43 -6.62
CA ASP A 21 -16.80 5.35 -6.39
C ASP A 21 -16.13 4.12 -5.76
N PHE A 22 -15.03 4.35 -5.02
CA PHE A 22 -14.21 3.35 -4.35
C PHE A 22 -13.72 2.25 -5.32
N ALA A 23 -13.68 2.55 -6.63
CA ALA A 23 -13.22 1.68 -7.70
C ALA A 23 -11.76 1.25 -7.53
N TRP A 24 -11.51 0.05 -6.96
CA TRP A 24 -10.20 -0.45 -6.52
C TRP A 24 -9.17 -0.80 -7.59
N ASP A 25 -9.62 -0.96 -8.84
CA ASP A 25 -8.85 -1.03 -10.09
C ASP A 25 -7.56 -1.87 -10.01
N ASN A 26 -7.63 -3.15 -10.37
CA ASN A 26 -6.56 -4.13 -10.18
C ASN A 26 -5.34 -3.80 -11.03
N LEU A 27 -4.29 -3.27 -10.39
CA LEU A 27 -3.09 -2.77 -11.06
C LEU A 27 -2.31 -3.91 -11.70
N THR A 28 -1.80 -3.67 -12.90
CA THR A 28 -0.99 -4.60 -13.67
C THR A 28 0.38 -4.84 -13.04
N SER A 29 0.99 -5.99 -13.32
CA SER A 29 2.22 -6.41 -12.66
C SER A 29 3.41 -5.49 -12.95
N SER A 30 3.43 -4.80 -14.11
CA SER A 30 4.45 -3.81 -14.45
C SER A 30 3.85 -2.42 -14.61
N GLN A 31 2.71 -2.15 -13.96
CA GLN A 31 2.13 -0.82 -13.90
C GLN A 31 3.17 0.17 -13.37
N THR A 32 3.23 1.38 -13.93
CA THR A 32 3.94 2.51 -13.30
C THR A 32 3.05 3.77 -13.19
N LYS A 33 1.79 3.71 -13.63
CA LYS A 33 0.82 4.81 -13.49
C LYS A 33 -0.55 4.32 -13.11
N ALA A 34 -1.29 5.22 -12.44
CA ALA A 34 -2.62 5.00 -11.96
C ALA A 34 -3.56 4.65 -13.11
N PRO A 35 -4.63 3.92 -12.80
CA PRO A 35 -5.63 3.54 -13.78
C PRO A 35 -6.46 4.73 -14.29
N ASN A 36 -6.69 5.74 -13.46
CA ASN A 36 -7.52 6.91 -13.71
C ASN A 36 -6.99 8.02 -12.84
N VAL A 37 -7.42 9.25 -13.18
CA VAL A 37 -7.40 10.38 -12.25
C VAL A 37 -8.29 9.98 -11.07
N LEU A 38 -7.73 9.73 -9.87
CA LEU A 38 -8.56 9.54 -8.68
C LEU A 38 -9.00 10.93 -8.20
N LYS A 39 -10.28 11.26 -8.36
CA LYS A 39 -10.89 12.51 -7.88
C LYS A 39 -10.91 12.43 -6.35
N GLY A 40 -11.16 13.55 -5.67
CA GLY A 40 -11.24 13.58 -4.20
C GLY A 40 -9.84 13.66 -3.57
N ASN A 41 -9.75 13.53 -2.23
CA ASN A 41 -8.51 13.69 -1.44
C ASN A 41 -8.09 12.45 -0.65
N LYS A 42 -9.03 11.60 -0.21
CA LYS A 42 -8.71 10.43 0.59
C LYS A 42 -8.15 9.36 -0.36
N LEU A 43 -6.84 9.11 -0.29
CA LEU A 43 -6.15 8.18 -1.19
C LEU A 43 -6.17 6.82 -0.51
N TYR A 44 -7.11 5.97 -0.90
CA TYR A 44 -7.26 4.64 -0.33
C TYR A 44 -6.41 3.68 -1.13
N VAL A 45 -5.56 2.93 -0.44
CA VAL A 45 -4.61 2.02 -1.06
C VAL A 45 -4.81 0.64 -0.42
N LYS A 46 -4.65 -0.41 -1.21
CA LYS A 46 -4.87 -1.80 -0.85
C LYS A 46 -3.64 -2.61 -1.25
N ALA A 47 -2.51 -2.33 -0.62
CA ALA A 47 -1.25 -3.00 -0.88
C ALA A 47 -1.27 -4.43 -0.35
N ARG A 48 -0.86 -5.39 -1.17
CA ARG A 48 -0.67 -6.77 -0.75
C ARG A 48 0.67 -6.86 -0.01
N PHE A 49 0.70 -7.60 1.10
CA PHE A 49 1.88 -7.91 1.89
C PHE A 49 1.88 -9.42 2.16
N MET A 50 2.62 -10.19 1.39
CA MET A 50 2.68 -11.65 1.52
C MET A 50 3.79 -11.96 2.52
N GLY A 51 3.50 -12.73 3.56
CA GLY A 51 4.39 -12.95 4.71
C GLY A 51 3.80 -12.43 6.01
N TYR A 52 4.63 -12.32 7.05
CA TYR A 52 4.37 -11.63 8.30
C TYR A 52 5.14 -10.31 8.38
N THR A 53 4.58 -9.19 7.92
CA THR A 53 5.02 -7.85 8.30
C THR A 53 3.80 -6.97 8.56
N LYS A 54 3.80 -6.32 9.71
CA LYS A 54 2.83 -5.29 10.08
C LYS A 54 3.52 -3.92 10.20
N LEU A 55 4.85 -3.86 10.30
CA LEU A 55 5.65 -2.63 10.36
C LEU A 55 5.80 -2.04 8.96
N THR A 56 4.74 -1.40 8.47
CA THR A 56 4.78 -0.60 7.25
C THR A 56 5.52 0.72 7.50
N VAL A 57 5.97 1.41 6.44
CA VAL A 57 6.49 2.76 6.40
C VAL A 57 5.98 3.40 5.09
N ILE A 58 5.80 4.73 5.07
CA ILE A 58 5.50 5.52 3.89
C ILE A 58 6.27 6.83 4.09
N THR A 59 7.22 7.15 3.22
CA THR A 59 8.19 8.24 3.38
C THR A 59 7.49 9.59 3.42
N GLY A 60 6.59 9.85 2.45
CA GLY A 60 5.83 11.07 2.33
C GLY A 60 6.66 12.26 1.89
N LYS A 61 6.00 13.41 1.73
CA LYS A 61 6.62 14.71 1.55
C LYS A 61 7.63 14.99 2.66
N ASP A 62 7.22 14.70 3.89
CA ASP A 62 8.07 14.70 5.09
C ASP A 62 9.42 14.02 4.84
N GLY A 63 9.39 12.87 4.16
CA GLY A 63 10.56 12.06 3.88
C GLY A 63 10.97 11.22 5.07
N LYS A 64 10.05 10.80 5.95
CA LYS A 64 10.30 9.92 7.07
C LYS A 64 9.25 8.84 7.14
N ASN A 65 8.09 9.08 7.76
CA ASN A 65 7.15 8.02 8.08
C ASN A 65 5.80 8.64 8.35
N LEU A 66 5.00 8.83 7.30
CA LEU A 66 3.68 9.46 7.39
C LEU A 66 2.84 8.83 8.48
N LEU A 67 2.95 7.50 8.61
CA LEU A 67 2.20 6.71 9.57
C LEU A 67 2.47 7.11 11.01
N TYR A 68 3.60 7.76 11.29
CA TYR A 68 3.98 8.19 12.62
C TYR A 68 3.52 9.64 12.91
N ASN A 69 3.15 10.42 11.90
CA ASN A 69 2.79 11.83 12.09
C ASN A 69 1.31 11.94 12.46
N GLY A 70 0.41 11.42 11.63
CA GLY A 70 -1.02 11.46 11.94
C GLY A 70 -1.93 10.99 10.82
N THR A 71 -1.74 11.45 9.58
CA THR A 71 -2.80 11.33 8.57
C THR A 71 -2.91 9.89 8.06
N ALA A 72 -1.83 9.40 7.44
CA ALA A 72 -1.85 8.15 6.70
C ALA A 72 -1.92 7.03 7.72
N LYS A 73 -3.06 6.37 7.79
CA LYS A 73 -3.36 5.51 8.91
C LYS A 73 -4.25 4.39 8.46
N MET A 74 -3.97 3.20 8.96
CA MET A 74 -4.82 2.05 8.75
C MET A 74 -6.17 2.27 9.43
N PHE A 75 -7.22 1.74 8.83
CA PHE A 75 -8.56 1.76 9.38
C PHE A 75 -9.35 0.51 8.99
N LYS A 76 -8.72 -0.43 8.25
CA LYS A 76 -9.35 -1.63 7.74
C LYS A 76 -8.23 -2.66 7.61
N SER A 77 -8.54 -3.94 7.84
CA SER A 77 -7.63 -5.06 7.69
C SER A 77 -8.51 -6.25 7.32
N ASP A 78 -8.07 -7.10 6.40
CA ASP A 78 -8.83 -8.27 5.92
C ASP A 78 -7.85 -9.40 5.63
N ALA A 79 -8.29 -10.63 5.39
CA ALA A 79 -7.41 -11.80 5.30
C ALA A 79 -7.38 -12.33 3.86
N ILE A 80 -6.31 -13.07 3.54
CA ILE A 80 -6.01 -13.70 2.26
C ILE A 80 -5.50 -15.10 2.54
N LEU A 81 -5.99 -16.05 1.76
CA LEU A 81 -5.64 -17.45 1.87
C LEU A 81 -4.85 -17.92 0.64
N GLY A 82 -3.90 -18.83 0.88
CA GLY A 82 -3.16 -19.52 -0.17
C GLY A 82 -3.88 -20.81 -0.56
N GLN A 83 -3.32 -21.52 -1.53
CA GLN A 83 -3.88 -22.72 -2.17
C GLN A 83 -3.95 -23.94 -1.22
N ASN A 84 -3.88 -23.73 0.09
CA ASN A 84 -3.96 -24.73 1.15
C ASN A 84 -4.62 -24.14 2.40
N LYS A 85 -5.46 -23.10 2.26
CA LYS A 85 -6.10 -22.37 3.37
C LYS A 85 -5.10 -21.63 4.26
N VAL A 86 -3.84 -21.53 3.83
CA VAL A 86 -2.74 -20.97 4.60
C VAL A 86 -2.86 -19.44 4.66
N VAL A 87 -2.59 -18.79 5.80
CA VAL A 87 -2.53 -17.34 5.90
C VAL A 87 -1.25 -16.89 5.19
N ILE A 88 -1.35 -16.53 3.91
CA ILE A 88 -0.21 -16.11 3.08
C ILE A 88 0.11 -14.62 3.23
N GLY A 89 -0.80 -13.85 3.80
CA GLY A 89 -0.68 -12.41 3.93
C GLY A 89 -2.04 -11.82 4.23
N TRP A 90 -2.14 -10.49 4.25
CA TRP A 90 -3.42 -9.82 4.48
C TRP A 90 -3.56 -8.69 3.46
N ASP A 91 -4.75 -8.09 3.33
CA ASP A 91 -4.83 -6.79 2.68
C ASP A 91 -4.75 -5.78 3.85
N LYS A 92 -3.61 -5.10 4.01
CA LYS A 92 -3.46 -3.95 4.92
C LYS A 92 -3.92 -2.69 4.19
N TYR A 93 -5.04 -2.10 4.61
CA TYR A 93 -5.57 -0.86 4.04
C TYR A 93 -5.05 0.35 4.82
N PHE A 94 -5.07 1.51 4.17
CA PHE A 94 -4.39 2.73 4.59
C PHE A 94 -5.11 3.99 4.05
N GLU A 95 -5.14 5.07 4.84
CA GLU A 95 -5.84 6.32 4.54
C GLU A 95 -4.88 7.47 4.22
N ILE A 96 -4.09 7.32 3.18
CA ILE A 96 -3.01 8.26 2.92
C ILE A 96 -3.61 9.52 2.27
N PRO A 97 -3.12 10.74 2.57
CA PRO A 97 -3.52 11.95 1.86
C PRO A 97 -2.98 11.95 0.42
N MET A 98 -3.35 12.97 -0.34
CA MET A 98 -2.72 13.25 -1.64
C MET A 98 -1.69 14.37 -1.43
N ASP A 99 -2.07 15.43 -0.70
CA ASP A 99 -1.35 16.69 -0.56
C ASP A 99 -0.22 16.63 0.49
N ALA A 100 0.16 15.42 0.95
CA ALA A 100 1.33 15.20 1.81
C ALA A 100 2.25 14.09 1.27
N LEU A 101 2.12 13.74 -0.02
CA LEU A 101 3.04 12.82 -0.67
C LEU A 101 4.21 13.57 -1.27
N GLN A 102 5.29 12.84 -1.55
CA GLN A 102 6.58 13.40 -1.91
C GLN A 102 6.64 13.87 -3.37
N ASP A 103 5.80 13.28 -4.20
CA ASP A 103 5.63 13.49 -5.63
C ASP A 103 4.15 13.20 -5.94
N ASN A 104 3.68 13.31 -7.19
CA ASN A 104 2.36 12.82 -7.56
C ASN A 104 2.35 11.29 -7.71
N SER A 105 3.29 10.56 -7.11
CA SER A 105 3.31 9.11 -7.14
C SER A 105 3.20 8.53 -5.75
N ILE A 106 2.41 7.48 -5.63
CA ILE A 106 2.27 6.68 -4.42
C ILE A 106 3.36 5.59 -4.48
N GLN A 107 3.95 5.31 -3.33
CA GLN A 107 4.91 4.23 -3.11
C GLN A 107 4.96 3.95 -1.60
N ILE A 108 5.02 2.68 -1.23
CA ILE A 108 4.99 2.13 0.12
C ILE A 108 6.31 1.37 0.29
N LYS A 109 6.64 0.98 1.53
CA LYS A 109 7.77 0.12 1.81
C LYS A 109 7.53 -0.51 3.18
N ALA A 110 7.98 -1.74 3.42
CA ALA A 110 7.98 -2.30 4.77
C ALA A 110 9.18 -3.21 5.06
N LEU A 111 9.52 -3.36 6.34
CA LEU A 111 10.66 -4.17 6.81
C LEU A 111 10.29 -5.64 6.77
N SER A 112 11.05 -6.43 6.00
CA SER A 112 10.89 -7.88 5.93
C SER A 112 11.46 -8.53 7.18
N SER A 113 12.79 -8.56 7.30
CA SER A 113 13.53 -9.26 8.34
C SER A 113 14.81 -8.48 8.58
N GLY A 114 15.18 -8.30 9.84
CA GLY A 114 16.44 -7.75 10.30
C GLY A 114 16.74 -6.37 9.75
N THR A 115 17.41 -6.33 8.61
CA THR A 115 17.90 -5.13 7.97
C THR A 115 17.08 -4.83 6.71
N THR A 116 16.43 -5.85 6.14
CA THR A 116 16.10 -5.95 4.74
C THR A 116 14.71 -5.37 4.51
N PHE A 117 14.64 -4.31 3.71
CA PHE A 117 13.48 -3.45 3.53
C PHE A 117 12.98 -3.60 2.10
N VAL A 118 11.70 -3.97 1.94
CA VAL A 118 11.08 -4.09 0.62
C VAL A 118 10.46 -2.74 0.30
N TYR A 119 10.61 -2.28 -0.93
CA TYR A 119 9.99 -1.07 -1.46
C TYR A 119 9.00 -1.49 -2.53
N SER A 120 7.79 -0.94 -2.50
CA SER A 120 6.84 -1.11 -3.59
C SER A 120 7.38 -0.38 -4.83
N GLN A 121 6.78 -0.61 -5.98
CA GLN A 121 7.02 0.24 -7.15
C GLN A 121 6.51 1.66 -6.89
N LYS A 122 6.88 2.57 -7.78
CA LYS A 122 6.35 3.92 -7.93
C LYS A 122 5.12 3.84 -8.83
N ILE A 123 4.00 4.48 -8.47
CA ILE A 123 2.81 4.62 -9.32
C ILE A 123 2.42 6.08 -9.28
N ASP A 124 2.72 6.81 -10.36
CA ASP A 124 2.22 8.18 -10.55
C ASP A 124 0.70 8.12 -10.66
N PHE A 125 0.04 9.15 -10.18
CA PHE A 125 -1.40 9.33 -10.23
C PHE A 125 -1.70 10.79 -10.59
N GLU A 126 -2.98 11.10 -10.70
CA GLU A 126 -3.51 12.42 -10.96
C GLU A 126 -4.67 12.58 -9.99
N ARG A 127 -4.82 13.78 -9.41
CA ARG A 127 -5.66 13.98 -8.22
C ARG A 127 -6.68 15.07 -8.43
N GLU A 128 -7.70 14.69 -9.19
CA GLU A 128 -8.44 15.60 -10.02
C GLU A 128 -7.41 16.47 -10.72
N GLY A 1 6.31 -26.50 5.65
CA GLY A 1 4.91 -26.27 6.00
C GLY A 1 4.61 -24.77 5.93
N ALA A 2 4.12 -24.18 7.01
CA ALA A 2 4.05 -22.74 7.23
C ALA A 2 4.90 -22.41 8.46
N GLU A 3 5.45 -21.20 8.54
CA GLU A 3 6.51 -20.85 9.49
C GLU A 3 6.53 -19.34 9.82
N ALA A 4 5.39 -18.66 9.68
CA ALA A 4 5.24 -17.20 9.71
C ALA A 4 6.33 -16.53 8.87
N LEU A 5 6.49 -16.95 7.60
CA LEU A 5 7.59 -16.45 6.77
C LEU A 5 7.50 -14.93 6.71
N PRO A 6 8.64 -14.21 6.68
CA PRO A 6 8.67 -12.77 6.61
C PRO A 6 8.39 -12.29 5.19
N LEU A 7 8.10 -11.00 5.05
CA LEU A 7 7.64 -10.31 3.85
C LEU A 7 8.42 -10.66 2.58
N TYR A 8 7.92 -11.60 1.77
CA TYR A 8 8.51 -11.94 0.49
C TYR A 8 8.03 -11.03 -0.65
N TYR A 9 6.89 -10.34 -0.52
CA TYR A 9 6.31 -9.54 -1.60
C TYR A 9 5.57 -8.32 -1.05
N LEU A 10 5.78 -7.16 -1.66
CA LEU A 10 5.17 -5.88 -1.28
C LEU A 10 4.72 -5.16 -2.54
N GLN A 11 3.44 -5.23 -2.90
CA GLN A 11 2.92 -4.55 -4.07
C GLN A 11 1.62 -3.85 -3.72
N ILE A 12 1.29 -2.81 -4.48
CA ILE A 12 0.13 -1.98 -4.14
C ILE A 12 -1.22 -2.61 -4.53
N THR A 13 -1.26 -3.53 -5.51
CA THR A 13 -2.39 -4.42 -5.82
C THR A 13 -3.64 -3.73 -6.37
N GLY A 14 -4.20 -2.78 -5.65
CA GLY A 14 -5.30 -1.92 -6.07
C GLY A 14 -5.31 -0.63 -5.26
N ILE A 15 -6.02 0.35 -5.77
CA ILE A 15 -6.03 1.74 -5.31
C ILE A 15 -7.42 2.30 -5.63
N THR A 16 -7.89 3.27 -4.85
CA THR A 16 -9.04 4.08 -5.19
C THR A 16 -8.93 5.38 -4.40
N SER A 17 -9.80 6.34 -4.66
CA SER A 17 -9.99 7.54 -3.86
C SER A 17 -11.48 7.69 -3.59
N ASP A 18 -11.84 8.66 -2.76
CA ASP A 18 -13.24 8.98 -2.52
C ASP A 18 -13.91 9.54 -3.79
N GLY A 19 -13.18 10.27 -4.63
CA GLY A 19 -13.63 10.68 -5.97
C GLY A 19 -13.38 9.58 -7.01
N ASN A 20 -13.71 8.34 -6.66
CA ASN A 20 -13.49 7.20 -7.54
C ASN A 20 -14.55 6.11 -7.43
N ASP A 21 -15.64 6.34 -6.67
CA ASP A 21 -16.74 5.38 -6.53
C ASP A 21 -16.24 4.02 -6.01
N PHE A 22 -15.17 4.06 -5.21
CA PHE A 22 -14.45 2.90 -4.68
C PHE A 22 -14.04 1.89 -5.78
N ALA A 23 -13.76 2.35 -7.00
CA ALA A 23 -13.19 1.57 -8.09
C ALA A 23 -11.76 1.13 -7.76
N TRP A 24 -11.60 -0.02 -7.09
CA TRP A 24 -10.34 -0.51 -6.53
C TRP A 24 -9.24 -0.86 -7.53
N ASP A 25 -9.56 -0.92 -8.83
CA ASP A 25 -8.63 -0.85 -9.97
C ASP A 25 -7.34 -1.67 -9.80
N ASN A 26 -7.39 -2.96 -10.11
CA ASN A 26 -6.28 -3.88 -9.90
C ASN A 26 -5.04 -3.47 -10.68
N LEU A 27 -4.07 -2.92 -9.97
CA LEU A 27 -2.78 -2.50 -10.49
C LEU A 27 -1.99 -3.73 -10.89
N THR A 28 -1.55 -3.72 -12.13
CA THR A 28 -0.85 -4.82 -12.76
C THR A 28 0.46 -5.15 -12.05
N SER A 29 0.96 -6.37 -12.26
CA SER A 29 2.04 -6.98 -11.50
C SER A 29 3.36 -6.24 -11.62
N SER A 30 3.54 -5.36 -12.61
CA SER A 30 4.72 -4.55 -12.79
C SER A 30 4.37 -3.10 -13.18
N GLN A 31 3.11 -2.70 -12.99
CA GLN A 31 2.56 -1.37 -13.31
C GLN A 31 3.49 -0.26 -12.78
N THR A 32 3.53 0.87 -13.47
CA THR A 32 4.33 2.03 -13.10
C THR A 32 3.53 3.34 -13.17
N LYS A 33 2.24 3.30 -13.55
CA LYS A 33 1.36 4.48 -13.56
C LYS A 33 -0.06 4.01 -13.26
N ALA A 34 -0.86 4.91 -12.71
CA ALA A 34 -2.23 4.66 -12.32
C ALA A 34 -3.07 4.40 -13.58
N PRO A 35 -4.24 3.77 -13.42
CA PRO A 35 -5.18 3.63 -14.51
C PRO A 35 -5.71 5.00 -14.94
N ASN A 36 -6.29 5.78 -14.01
CA ASN A 36 -7.01 7.00 -14.32
C ASN A 36 -6.81 8.00 -13.17
N VAL A 37 -7.39 9.18 -13.31
CA VAL A 37 -7.36 10.26 -12.34
C VAL A 37 -8.32 10.07 -11.17
N LEU A 38 -7.72 9.71 -10.03
CA LEU A 38 -8.25 9.78 -8.68
C LEU A 38 -8.73 11.20 -8.37
N LYS A 39 -10.04 11.45 -8.41
CA LYS A 39 -10.60 12.70 -7.90
C LYS A 39 -10.70 12.64 -6.36
N GLY A 40 -11.01 13.78 -5.73
CA GLY A 40 -11.11 13.87 -4.29
C GLY A 40 -9.77 14.25 -3.66
N ASN A 41 -9.65 14.05 -2.35
CA ASN A 41 -8.43 14.29 -1.56
C ASN A 41 -7.95 13.06 -0.81
N LYS A 42 -8.83 12.09 -0.52
CA LYS A 42 -8.42 10.96 0.28
C LYS A 42 -7.77 9.98 -0.67
N LEU A 43 -6.86 9.15 -0.17
CA LEU A 43 -6.19 8.12 -0.94
C LEU A 43 -6.40 6.78 -0.22
N TYR A 44 -7.07 5.83 -0.87
CA TYR A 44 -7.29 4.48 -0.36
C TYR A 44 -6.40 3.51 -1.13
N VAL A 45 -5.65 2.68 -0.42
CA VAL A 45 -4.73 1.70 -0.99
C VAL A 45 -5.05 0.33 -0.40
N LYS A 46 -4.73 -0.77 -1.11
CA LYS A 46 -4.94 -2.16 -0.70
C LYS A 46 -3.66 -2.96 -1.00
N ALA A 47 -2.58 -2.66 -0.27
CA ALA A 47 -1.26 -3.18 -0.59
C ALA A 47 -1.10 -4.63 -0.10
N ARG A 48 -0.68 -5.52 -0.99
CA ARG A 48 -0.42 -6.92 -0.74
C ARG A 48 0.90 -7.00 0.03
N PHE A 49 0.86 -7.50 1.26
CA PHE A 49 2.06 -7.85 2.01
C PHE A 49 2.02 -9.36 2.21
N MET A 50 2.70 -10.11 1.33
CA MET A 50 2.77 -11.56 1.41
C MET A 50 3.90 -11.88 2.38
N GLY A 51 3.58 -12.54 3.48
CA GLY A 51 4.50 -12.80 4.58
C GLY A 51 4.44 -11.71 5.66
N TYR A 52 4.94 -12.03 6.86
CA TYR A 52 4.91 -11.17 8.02
C TYR A 52 5.69 -9.88 7.80
N THR A 53 4.99 -8.75 7.90
CA THR A 53 5.54 -7.51 8.40
C THR A 53 4.41 -6.77 9.11
N LYS A 54 4.80 -5.96 10.09
CA LYS A 54 4.06 -4.83 10.62
C LYS A 54 5.02 -3.63 10.70
N LEU A 55 5.93 -3.52 9.73
CA LEU A 55 6.99 -2.51 9.67
C LEU A 55 6.86 -1.67 8.39
N THR A 56 5.63 -1.28 8.07
CA THR A 56 5.31 -0.39 6.95
C THR A 56 5.87 1.01 7.24
N VAL A 57 6.19 1.79 6.20
CA VAL A 57 6.35 3.21 6.34
C VAL A 57 5.56 3.73 5.12
N ILE A 58 5.26 5.00 5.12
CA ILE A 58 4.87 5.77 3.94
C ILE A 58 5.57 7.09 4.22
N THR A 59 6.69 7.39 3.57
CA THR A 59 7.55 8.54 3.80
C THR A 59 6.74 9.85 3.73
N GLY A 60 6.36 10.29 2.52
CA GLY A 60 5.62 11.50 2.16
C GLY A 60 6.54 12.71 2.02
N LYS A 61 5.99 13.86 1.62
CA LYS A 61 6.77 15.07 1.31
C LYS A 61 7.59 15.53 2.50
N ASP A 62 7.00 15.36 3.67
CA ASP A 62 7.53 15.73 4.97
C ASP A 62 8.75 14.88 5.34
N GLY A 63 8.93 13.74 4.66
CA GLY A 63 10.11 12.91 4.82
C GLY A 63 10.17 12.19 6.16
N LYS A 64 9.07 12.14 6.92
CA LYS A 64 9.07 11.75 8.33
C LYS A 64 7.94 10.80 8.66
N ASN A 65 7.71 9.85 7.76
CA ASN A 65 6.68 8.82 7.73
C ASN A 65 5.27 9.36 8.06
N LEU A 66 4.40 9.50 7.05
CA LEU A 66 3.00 9.91 7.19
C LEU A 66 2.25 9.12 8.27
N LEU A 67 2.55 7.83 8.41
CA LEU A 67 2.01 7.00 9.48
C LEU A 67 2.48 7.51 10.85
N TYR A 68 3.76 7.88 10.94
CA TYR A 68 4.43 8.30 12.16
C TYR A 68 3.90 9.64 12.67
N ASN A 69 3.47 10.54 11.78
CA ASN A 69 2.66 11.69 12.19
C ASN A 69 1.28 11.18 12.57
N GLY A 70 0.50 10.71 11.59
CA GLY A 70 -0.78 10.07 11.84
C GLY A 70 -1.89 10.38 10.86
N THR A 71 -1.65 11.18 9.80
CA THR A 71 -2.66 11.38 8.76
C THR A 71 -3.01 10.03 8.15
N ALA A 72 -1.97 9.34 7.67
CA ALA A 72 -2.10 7.99 7.17
C ALA A 72 -2.15 7.05 8.35
N LYS A 73 -3.02 6.06 8.23
CA LYS A 73 -3.24 5.08 9.26
C LYS A 73 -3.64 3.79 8.59
N MET A 74 -3.15 2.68 9.14
CA MET A 74 -3.75 1.39 8.89
C MET A 74 -5.06 1.40 9.67
N PHE A 75 -6.19 1.29 8.98
CA PHE A 75 -7.50 1.35 9.62
C PHE A 75 -8.36 0.10 9.38
N LYS A 76 -7.94 -0.83 8.51
CA LYS A 76 -8.72 -1.98 8.06
C LYS A 76 -7.69 -3.02 7.60
N SER A 77 -7.78 -4.29 7.99
CA SER A 77 -6.76 -5.30 7.74
C SER A 77 -7.44 -6.66 7.59
N ASP A 78 -7.48 -7.25 6.40
CA ASP A 78 -8.19 -8.51 6.15
C ASP A 78 -7.16 -9.60 5.90
N ALA A 79 -7.57 -10.84 6.01
CA ALA A 79 -6.77 -12.00 5.65
C ALA A 79 -6.79 -12.19 4.14
N ILE A 80 -5.73 -12.81 3.63
CA ILE A 80 -5.67 -13.35 2.28
C ILE A 80 -5.49 -14.84 2.49
N LEU A 81 -6.60 -15.58 2.41
CA LEU A 81 -6.51 -17.03 2.36
C LEU A 81 -6.09 -17.38 0.95
N GLY A 82 -5.17 -18.34 0.80
CA GLY A 82 -4.85 -18.97 -0.47
C GLY A 82 -5.95 -19.97 -0.82
N GLN A 83 -5.55 -21.18 -1.22
CA GLN A 83 -6.45 -22.26 -1.64
C GLN A 83 -6.44 -23.43 -0.65
N ASN A 84 -5.73 -23.30 0.49
CA ASN A 84 -5.70 -24.29 1.58
C ASN A 84 -5.77 -23.55 2.93
N LYS A 85 -6.63 -22.52 3.03
CA LYS A 85 -6.82 -21.63 4.19
C LYS A 85 -5.55 -20.90 4.63
N VAL A 86 -4.50 -20.94 3.80
CA VAL A 86 -3.18 -20.42 4.09
C VAL A 86 -3.30 -18.90 4.17
N VAL A 87 -3.10 -18.28 5.32
CA VAL A 87 -2.97 -16.83 5.44
C VAL A 87 -1.64 -16.44 4.76
N ILE A 88 -1.62 -16.30 3.44
CA ILE A 88 -0.43 -15.97 2.66
C ILE A 88 -0.01 -14.51 2.89
N GLY A 89 -0.96 -13.66 3.28
CA GLY A 89 -0.71 -12.27 3.56
C GLY A 89 -1.95 -11.65 4.17
N TRP A 90 -1.91 -10.33 4.31
CA TRP A 90 -3.04 -9.50 4.68
C TRP A 90 -3.03 -8.35 3.68
N ASP A 91 -4.20 -7.93 3.22
CA ASP A 91 -4.36 -7.08 2.04
C ASP A 91 -4.44 -5.61 2.48
N LYS A 92 -3.37 -5.19 3.15
CA LYS A 92 -3.36 -4.08 4.09
C LYS A 92 -3.94 -2.81 3.47
N TYR A 93 -4.98 -2.26 4.10
CA TYR A 93 -5.56 -0.99 3.72
C TYR A 93 -4.90 0.13 4.52
N PHE A 94 -4.70 1.29 3.89
CA PHE A 94 -4.18 2.51 4.49
C PHE A 94 -4.98 3.70 3.98
N GLU A 95 -5.10 4.77 4.78
CA GLU A 95 -5.78 6.02 4.39
C GLU A 95 -4.81 7.17 4.23
N ILE A 96 -4.12 7.30 3.11
CA ILE A 96 -3.11 8.35 2.98
C ILE A 96 -3.84 9.66 2.60
N PRO A 97 -3.42 10.82 3.13
CA PRO A 97 -3.75 12.10 2.51
C PRO A 97 -3.19 12.13 1.09
N MET A 98 -3.72 13.02 0.27
CA MET A 98 -3.05 13.43 -0.96
C MET A 98 -2.06 14.56 -0.66
N ASP A 99 -2.45 15.57 0.13
CA ASP A 99 -1.70 16.83 0.30
C ASP A 99 -0.41 16.70 1.13
N ALA A 100 -0.04 15.49 1.54
CA ALA A 100 1.23 15.19 2.20
C ALA A 100 2.08 14.20 1.38
N LEU A 101 1.64 13.82 0.17
CA LEU A 101 2.44 12.96 -0.70
C LEU A 101 3.58 13.75 -1.31
N GLN A 102 4.68 13.06 -1.58
CA GLN A 102 5.94 13.59 -2.03
C GLN A 102 5.89 14.10 -3.47
N ASP A 103 4.93 13.61 -4.26
CA ASP A 103 4.80 13.81 -5.70
C ASP A 103 3.36 13.47 -6.10
N ASN A 104 3.02 13.52 -7.39
CA ASN A 104 1.81 12.93 -7.97
C ASN A 104 1.87 11.39 -7.95
N SER A 105 2.70 10.74 -7.12
CA SER A 105 2.78 9.29 -7.06
C SER A 105 2.78 8.82 -5.61
N ILE A 106 2.38 7.57 -5.45
CA ILE A 106 2.34 6.87 -4.18
C ILE A 106 3.33 5.70 -4.29
N GLN A 107 3.86 5.30 -3.13
CA GLN A 107 4.68 4.14 -2.86
C GLN A 107 4.47 3.86 -1.37
N ILE A 108 4.70 2.62 -0.96
CA ILE A 108 4.80 2.16 0.41
C ILE A 108 6.10 1.33 0.45
N LYS A 109 6.81 1.23 1.58
CA LYS A 109 7.91 0.26 1.67
C LYS A 109 7.85 -0.30 3.09
N ALA A 110 8.28 -1.53 3.30
CA ALA A 110 8.35 -2.09 4.65
C ALA A 110 9.60 -2.94 4.87
N LEU A 111 10.02 -3.10 6.13
CA LEU A 111 11.06 -4.05 6.52
C LEU A 111 10.49 -5.46 6.42
N SER A 112 11.24 -6.39 5.81
CA SER A 112 11.02 -7.81 5.94
C SER A 112 11.66 -8.27 7.26
N SER A 113 12.98 -8.43 7.28
CA SER A 113 13.73 -9.10 8.33
C SER A 113 15.14 -8.54 8.37
N GLY A 114 15.85 -8.64 9.49
CA GLY A 114 17.20 -8.09 9.66
C GLY A 114 17.23 -6.60 9.33
N THR A 115 17.89 -6.22 8.23
CA THR A 115 17.91 -4.87 7.67
C THR A 115 17.08 -4.75 6.39
N THR A 116 16.80 -5.90 5.78
CA THR A 116 16.23 -6.17 4.47
C THR A 116 14.89 -5.47 4.35
N PHE A 117 14.85 -4.40 3.55
CA PHE A 117 13.70 -3.57 3.32
C PHE A 117 13.23 -3.84 1.89
N VAL A 118 11.92 -3.75 1.67
CA VAL A 118 11.25 -4.08 0.42
C VAL A 118 10.46 -2.83 0.03
N TYR A 119 10.54 -2.41 -1.23
CA TYR A 119 9.97 -1.16 -1.72
C TYR A 119 8.95 -1.50 -2.80
N SER A 120 7.71 -1.00 -2.63
CA SER A 120 6.65 -1.29 -3.58
C SER A 120 6.87 -0.49 -4.87
N GLN A 121 6.24 -0.94 -5.94
CA GLN A 121 6.32 -0.25 -7.23
C GLN A 121 5.75 1.18 -7.11
N LYS A 122 6.37 2.12 -7.83
CA LYS A 122 5.99 3.52 -7.88
C LYS A 122 4.79 3.65 -8.83
N ILE A 123 3.78 4.43 -8.47
CA ILE A 123 2.60 4.60 -9.33
C ILE A 123 2.14 6.05 -9.26
N ASP A 124 2.43 6.77 -10.34
CA ASP A 124 2.00 8.14 -10.66
C ASP A 124 0.52 8.17 -11.01
N PHE A 125 -0.21 9.22 -10.61
CA PHE A 125 -1.66 9.40 -10.79
C PHE A 125 -1.96 10.86 -11.15
N GLU A 126 -3.22 11.24 -11.39
CA GLU A 126 -3.59 12.62 -11.69
C GLU A 126 -4.48 13.19 -10.60
N ARG A 127 -4.47 14.51 -10.41
CA ARG A 127 -5.28 15.28 -9.49
C ARG A 127 -6.39 15.99 -10.24
N GLU A 128 -7.55 15.32 -10.30
CA GLU A 128 -8.88 15.75 -10.73
C GLU A 128 -8.97 16.54 -12.05
N GLY A 1 9.22 -24.19 5.07
CA GLY A 1 7.88 -24.78 5.11
C GLY A 1 6.80 -23.75 4.87
N ALA A 2 6.06 -23.39 5.90
CA ALA A 2 4.91 -22.49 5.84
C ALA A 2 4.80 -21.67 7.13
N GLU A 3 5.93 -21.43 7.81
CA GLU A 3 6.00 -20.71 9.07
C GLU A 3 5.65 -19.22 8.88
N ALA A 4 5.82 -18.41 9.92
CA ALA A 4 5.63 -16.97 9.90
C ALA A 4 6.76 -16.25 9.15
N LEU A 5 6.96 -16.61 7.88
CA LEU A 5 7.93 -16.03 6.96
C LEU A 5 7.82 -14.51 6.97
N PRO A 6 8.93 -13.78 6.80
CA PRO A 6 8.88 -12.34 6.68
C PRO A 6 8.26 -11.93 5.34
N LEU A 7 7.91 -10.66 5.23
CA LEU A 7 7.36 -10.02 4.05
C LEU A 7 8.20 -10.25 2.78
N TYR A 8 7.78 -11.20 1.95
CA TYR A 8 8.42 -11.58 0.70
C TYR A 8 7.74 -10.98 -0.54
N TYR A 9 6.73 -10.12 -0.37
CA TYR A 9 6.06 -9.42 -1.46
C TYR A 9 5.37 -8.17 -0.93
N LEU A 10 5.69 -7.01 -1.49
CA LEU A 10 5.09 -5.73 -1.15
C LEU A 10 4.61 -5.09 -2.44
N GLN A 11 3.31 -4.98 -2.66
CA GLN A 11 2.81 -4.52 -3.96
C GLN A 11 1.48 -3.80 -3.79
N ILE A 12 1.29 -2.67 -4.49
CA ILE A 12 0.16 -1.78 -4.28
C ILE A 12 -1.17 -2.42 -4.66
N THR A 13 -1.24 -3.28 -5.69
CA THR A 13 -2.27 -4.29 -5.96
C THR A 13 -3.69 -3.78 -6.28
N GLY A 14 -4.15 -2.66 -5.74
CA GLY A 14 -5.24 -1.85 -6.26
C GLY A 14 -5.18 -0.47 -5.64
N ILE A 15 -5.80 0.52 -6.29
CA ILE A 15 -5.80 1.91 -5.86
C ILE A 15 -7.18 2.50 -6.13
N THR A 16 -7.60 3.46 -5.33
CA THR A 16 -8.81 4.23 -5.58
C THR A 16 -8.76 5.44 -4.64
N SER A 17 -9.83 6.22 -4.66
CA SER A 17 -10.12 7.22 -3.67
C SER A 17 -11.60 7.16 -3.33
N ASP A 18 -12.01 7.97 -2.35
CA ASP A 18 -13.39 8.03 -1.92
C ASP A 18 -14.26 8.57 -3.07
N GLY A 19 -13.83 9.68 -3.67
CA GLY A 19 -14.46 10.25 -4.85
C GLY A 19 -14.25 9.46 -6.14
N ASN A 20 -13.75 8.22 -6.10
CA ASN A 20 -13.77 7.32 -7.26
C ASN A 20 -14.70 6.13 -7.01
N ASP A 21 -15.61 6.22 -6.04
CA ASP A 21 -16.59 5.18 -5.73
C ASP A 21 -15.90 3.88 -5.31
N PHE A 22 -14.72 4.00 -4.68
CA PHE A 22 -13.90 2.88 -4.27
C PHE A 22 -13.50 1.95 -5.44
N ALA A 23 -13.61 2.40 -6.70
CA ALA A 23 -13.18 1.66 -7.90
C ALA A 23 -11.69 1.32 -7.89
N TRP A 24 -11.32 0.14 -7.38
CA TRP A 24 -9.93 -0.30 -7.12
C TRP A 24 -9.06 -0.41 -8.38
N ASP A 25 -9.70 -0.45 -9.54
CA ASP A 25 -9.18 -0.51 -10.91
C ASP A 25 -8.03 -1.49 -11.14
N ASN A 26 -7.94 -2.49 -10.27
CA ASN A 26 -7.16 -3.73 -10.30
C ASN A 26 -5.77 -3.52 -10.86
N LEU A 27 -4.88 -3.01 -10.02
CA LEU A 27 -3.54 -2.62 -10.48
C LEU A 27 -2.82 -3.84 -10.99
N THR A 28 -2.07 -3.65 -12.07
CA THR A 28 -1.07 -4.61 -12.49
C THR A 28 0.05 -4.68 -11.44
N SER A 29 0.75 -5.81 -11.37
CA SER A 29 2.00 -5.91 -10.64
C SER A 29 3.02 -4.91 -11.22
N SER A 30 3.45 -5.03 -12.47
CA SER A 30 4.39 -4.07 -13.06
C SER A 30 3.73 -2.75 -13.50
N GLN A 31 2.60 -2.33 -12.91
CA GLN A 31 2.04 -1.00 -13.17
C GLN A 31 3.06 0.05 -12.74
N THR A 32 3.18 1.18 -13.46
CA THR A 32 4.03 2.29 -13.04
C THR A 32 3.28 3.64 -13.03
N LYS A 33 1.98 3.64 -13.39
CA LYS A 33 1.15 4.83 -13.41
C LYS A 33 -0.25 4.43 -12.96
N ALA A 34 -1.03 5.39 -12.50
CA ALA A 34 -2.39 5.15 -12.03
C ALA A 34 -3.29 4.80 -13.22
N PRO A 35 -4.45 4.19 -12.93
CA PRO A 35 -5.50 4.00 -13.92
C PRO A 35 -6.05 5.34 -14.41
N ASN A 36 -6.10 6.36 -13.54
CA ASN A 36 -6.82 7.59 -13.79
C ASN A 36 -6.36 8.68 -12.82
N VAL A 37 -6.79 9.91 -13.09
CA VAL A 37 -6.98 10.92 -12.07
C VAL A 37 -8.00 10.49 -11.03
N LEU A 38 -7.48 10.13 -9.86
CA LEU A 38 -8.22 9.83 -8.65
C LEU A 38 -8.82 11.12 -8.12
N LYS A 39 -10.15 11.23 -8.12
CA LYS A 39 -10.82 12.40 -7.55
C LYS A 39 -10.76 12.37 -6.03
N GLY A 40 -11.17 13.43 -5.34
CA GLY A 40 -11.18 13.44 -3.88
C GLY A 40 -9.81 13.80 -3.33
N ASN A 41 -9.57 13.44 -2.06
CA ASN A 41 -8.36 13.70 -1.29
C ASN A 41 -7.88 12.42 -0.59
N LYS A 42 -8.80 11.54 -0.19
CA LYS A 42 -8.46 10.28 0.48
C LYS A 42 -8.01 9.27 -0.56
N LEU A 43 -6.74 8.90 -0.52
CA LEU A 43 -6.13 7.88 -1.36
C LEU A 43 -6.20 6.55 -0.61
N TYR A 44 -6.91 5.58 -1.17
CA TYR A 44 -7.02 4.25 -0.61
C TYR A 44 -6.17 3.30 -1.45
N VAL A 45 -5.41 2.42 -0.79
CA VAL A 45 -4.43 1.54 -1.44
C VAL A 45 -4.57 0.13 -0.87
N LYS A 46 -4.98 -0.84 -1.67
CA LYS A 46 -5.16 -2.23 -1.23
C LYS A 46 -3.81 -2.96 -1.36
N ALA A 47 -2.80 -2.46 -0.65
CA ALA A 47 -1.44 -2.93 -0.76
C ALA A 47 -1.35 -4.34 -0.18
N ARG A 48 -0.96 -5.31 -0.99
CA ARG A 48 -0.74 -6.66 -0.52
C ARG A 48 0.61 -6.76 0.15
N PHE A 49 0.67 -7.56 1.21
CA PHE A 49 1.84 -7.90 1.96
C PHE A 49 1.78 -9.42 2.14
N MET A 50 2.64 -10.16 1.43
CA MET A 50 2.71 -11.61 1.59
C MET A 50 3.84 -11.86 2.58
N GLY A 51 3.55 -12.46 3.73
CA GLY A 51 4.49 -12.65 4.83
C GLY A 51 4.28 -11.65 5.97
N TYR A 52 4.82 -11.97 7.15
CA TYR A 52 4.75 -11.17 8.36
C TYR A 52 5.57 -9.90 8.20
N THR A 53 4.87 -8.78 8.06
CA THR A 53 5.32 -7.46 8.47
C THR A 53 4.10 -6.65 8.85
N LYS A 54 4.10 -6.13 10.08
CA LYS A 54 3.17 -5.10 10.51
C LYS A 54 3.84 -3.71 10.55
N LEU A 55 5.16 -3.63 10.39
CA LEU A 55 5.93 -2.39 10.41
C LEU A 55 5.89 -1.73 9.02
N THR A 56 4.79 -1.06 8.67
CA THR A 56 4.63 -0.37 7.40
C THR A 56 5.16 1.08 7.54
N VAL A 57 5.83 1.61 6.51
CA VAL A 57 6.37 2.96 6.48
C VAL A 57 5.96 3.62 5.14
N ILE A 58 5.81 4.93 5.17
CA ILE A 58 5.40 5.76 4.04
C ILE A 58 6.18 7.06 4.27
N THR A 59 7.24 7.31 3.51
CA THR A 59 8.16 8.43 3.64
C THR A 59 7.55 9.79 3.31
N GLY A 60 6.41 9.79 2.63
CA GLY A 60 5.75 11.00 2.14
C GLY A 60 6.73 11.87 1.37
N LYS A 61 6.81 13.15 1.74
CA LYS A 61 7.74 14.14 1.21
C LYS A 61 9.11 13.91 1.80
N ASP A 62 9.35 14.41 3.02
CA ASP A 62 10.67 14.63 3.60
C ASP A 62 11.32 13.36 4.16
N GLY A 63 10.84 12.19 3.76
CA GLY A 63 11.21 10.93 4.37
C GLY A 63 10.47 10.71 5.70
N LYS A 64 9.56 11.61 6.09
CA LYS A 64 8.85 11.51 7.35
C LYS A 64 7.77 10.44 7.26
N ASN A 65 7.75 9.54 8.23
CA ASN A 65 6.85 8.39 8.29
C ASN A 65 5.41 8.90 8.44
N LEU A 66 4.62 8.98 7.37
CA LEU A 66 3.28 9.54 7.41
C LEU A 66 2.37 8.76 8.36
N LEU A 67 2.55 7.43 8.45
CA LEU A 67 1.86 6.56 9.40
C LEU A 67 2.24 6.86 10.86
N TYR A 68 3.20 7.73 11.13
CA TYR A 68 3.56 8.21 12.47
C TYR A 68 3.56 9.75 12.47
N ASN A 69 2.93 10.39 11.46
CA ASN A 69 2.60 11.81 11.47
C ASN A 69 1.15 11.89 11.93
N GLY A 70 0.22 11.33 11.15
CA GLY A 70 -1.18 11.24 11.55
C GLY A 70 -2.13 10.98 10.38
N THR A 71 -1.79 11.44 9.17
CA THR A 71 -2.68 11.42 8.02
C THR A 71 -2.90 9.97 7.59
N ALA A 72 -1.84 9.32 7.11
CA ALA A 72 -1.91 7.92 6.73
C ALA A 72 -2.18 7.11 7.98
N LYS A 73 -3.12 6.18 7.90
CA LYS A 73 -3.57 5.30 8.97
C LYS A 73 -4.12 4.05 8.31
N MET A 74 -4.12 2.90 9.01
CA MET A 74 -4.93 1.77 8.61
C MET A 74 -6.18 1.76 9.48
N PHE A 75 -7.32 1.57 8.82
CA PHE A 75 -8.64 1.54 9.42
C PHE A 75 -9.41 0.26 9.06
N LYS A 76 -8.82 -0.64 8.25
CA LYS A 76 -9.43 -1.89 7.82
C LYS A 76 -8.29 -2.87 7.51
N SER A 77 -8.54 -4.16 7.64
CA SER A 77 -7.67 -5.19 7.10
C SER A 77 -8.56 -6.33 6.58
N ASP A 78 -7.98 -7.26 5.82
CA ASP A 78 -8.59 -8.54 5.46
C ASP A 78 -7.46 -9.59 5.45
N ALA A 79 -7.77 -10.87 5.28
CA ALA A 79 -6.79 -11.95 5.25
C ALA A 79 -6.77 -12.60 3.87
N ILE A 80 -5.64 -13.22 3.52
CA ILE A 80 -5.40 -13.83 2.22
C ILE A 80 -5.00 -15.27 2.52
N LEU A 81 -5.88 -16.20 2.19
CA LEU A 81 -5.55 -17.61 2.22
C LEU A 81 -5.00 -17.99 0.84
N GLY A 82 -4.03 -18.89 0.80
CA GLY A 82 -3.82 -19.74 -0.37
C GLY A 82 -4.93 -20.79 -0.41
N GLN A 83 -4.96 -21.62 -1.44
CA GLN A 83 -5.97 -22.68 -1.65
C GLN A 83 -5.94 -23.80 -0.60
N ASN A 84 -5.21 -23.64 0.51
CA ASN A 84 -4.95 -24.68 1.49
C ASN A 84 -5.25 -24.23 2.91
N LYS A 85 -6.02 -23.16 3.10
CA LYS A 85 -6.21 -22.45 4.37
C LYS A 85 -4.85 -22.07 4.97
N VAL A 86 -3.97 -21.57 4.13
CA VAL A 86 -2.65 -21.07 4.49
C VAL A 86 -2.70 -19.55 4.44
N VAL A 87 -2.68 -18.85 5.57
CA VAL A 87 -2.71 -17.38 5.60
C VAL A 87 -1.36 -16.82 5.11
N ILE A 88 -1.18 -16.81 3.80
CA ILE A 88 0.00 -16.32 3.10
C ILE A 88 0.22 -14.84 3.38
N GLY A 89 -0.84 -14.06 3.57
CA GLY A 89 -0.72 -12.64 3.87
C GLY A 89 -2.06 -12.04 4.30
N TRP A 90 -2.10 -10.72 4.37
CA TRP A 90 -3.26 -9.97 4.79
C TRP A 90 -3.31 -8.75 3.89
N ASP A 91 -4.50 -8.42 3.41
CA ASP A 91 -4.73 -7.24 2.61
C ASP A 91 -4.91 -6.09 3.62
N LYS A 92 -3.82 -5.38 3.93
CA LYS A 92 -3.82 -4.19 4.79
C LYS A 92 -4.34 -2.99 3.99
N TYR A 93 -5.35 -2.30 4.51
CA TYR A 93 -5.87 -1.09 3.88
C TYR A 93 -5.20 0.14 4.50
N PHE A 94 -5.14 1.25 3.78
CA PHE A 94 -4.54 2.48 4.27
C PHE A 94 -5.26 3.71 3.72
N GLU A 95 -5.11 4.83 4.42
CA GLU A 95 -5.74 6.11 4.09
C GLU A 95 -4.68 7.19 3.84
N ILE A 96 -3.96 7.13 2.73
CA ILE A 96 -2.90 8.11 2.48
C ILE A 96 -3.56 9.40 1.94
N PRO A 97 -2.98 10.59 2.20
CA PRO A 97 -3.26 11.80 1.44
C PRO A 97 -2.94 11.65 -0.05
N MET A 98 -3.23 12.73 -0.78
CA MET A 98 -2.80 12.95 -2.16
C MET A 98 -1.94 14.20 -2.30
N ASP A 99 -1.56 14.82 -1.20
CA ASP A 99 -0.88 16.10 -1.19
C ASP A 99 0.28 16.08 -0.20
N ALA A 100 0.70 14.89 0.29
CA ALA A 100 1.73 14.84 1.32
C ALA A 100 2.87 13.93 0.90
N LEU A 101 2.83 13.47 -0.34
CA LEU A 101 3.83 12.66 -0.99
C LEU A 101 4.87 13.57 -1.63
N GLN A 102 6.09 13.07 -1.73
CA GLN A 102 7.20 13.78 -2.36
C GLN A 102 6.96 14.16 -3.82
N ASP A 103 6.00 13.53 -4.47
CA ASP A 103 5.68 13.69 -5.89
C ASP A 103 4.20 13.35 -6.10
N ASN A 104 3.65 13.49 -7.31
CA ASN A 104 2.28 13.09 -7.66
C ASN A 104 2.11 11.55 -7.67
N SER A 105 2.96 10.79 -6.98
CA SER A 105 2.89 9.35 -6.93
C SER A 105 2.93 8.85 -5.49
N ILE A 106 1.98 7.99 -5.15
CA ILE A 106 1.96 7.30 -3.87
C ILE A 106 3.09 6.24 -3.94
N GLN A 107 3.67 5.83 -2.81
CA GLN A 107 4.47 4.61 -2.69
C GLN A 107 4.42 4.17 -1.22
N ILE A 108 4.42 2.86 -0.96
CA ILE A 108 4.51 2.27 0.37
C ILE A 108 5.85 1.50 0.42
N LYS A 109 6.37 1.22 1.61
CA LYS A 109 7.53 0.36 1.81
C LYS A 109 7.48 -0.23 3.21
N ALA A 110 8.22 -1.31 3.49
CA ALA A 110 8.25 -1.90 4.82
C ALA A 110 9.50 -2.75 5.06
N LEU A 111 9.86 -2.92 6.33
CA LEU A 111 10.92 -3.81 6.81
C LEU A 111 10.40 -5.25 6.77
N SER A 112 11.17 -6.17 6.18
CA SER A 112 10.79 -7.56 6.01
C SER A 112 11.61 -8.47 6.90
N SER A 113 12.86 -8.68 6.49
CA SER A 113 13.86 -9.58 7.03
C SER A 113 14.94 -8.70 7.69
N GLY A 114 15.94 -9.30 8.34
CA GLY A 114 16.96 -8.58 9.09
C GLY A 114 17.51 -7.41 8.30
N THR A 115 17.36 -6.21 8.86
CA THR A 115 17.96 -4.98 8.38
C THR A 115 17.55 -4.56 6.95
N THR A 116 16.53 -5.17 6.32
CA THR A 116 16.24 -4.96 4.92
C THR A 116 15.12 -3.93 4.81
N PHE A 117 14.74 -3.55 3.60
CA PHE A 117 13.51 -2.85 3.31
C PHE A 117 13.07 -3.25 1.90
N VAL A 118 11.82 -3.68 1.76
CA VAL A 118 11.18 -3.81 0.46
C VAL A 118 10.44 -2.49 0.26
N TYR A 119 10.41 -2.02 -0.98
CA TYR A 119 9.65 -0.86 -1.39
C TYR A 119 8.65 -1.36 -2.43
N SER A 120 7.45 -0.82 -2.42
CA SER A 120 6.47 -1.15 -3.44
C SER A 120 6.84 -0.42 -4.73
N GLN A 121 6.17 -0.72 -5.85
CA GLN A 121 6.27 0.13 -7.03
C GLN A 121 5.71 1.54 -6.74
N LYS A 122 6.07 2.50 -7.60
CA LYS A 122 5.61 3.89 -7.60
C LYS A 122 4.50 4.03 -8.64
N ILE A 123 3.47 4.85 -8.37
CA ILE A 123 2.26 4.97 -9.18
C ILE A 123 1.83 6.43 -9.16
N ASP A 124 2.18 7.14 -10.23
CA ASP A 124 1.81 8.52 -10.53
C ASP A 124 0.32 8.62 -10.85
N PHE A 125 -0.38 9.54 -10.21
CA PHE A 125 -1.77 9.87 -10.49
C PHE A 125 -1.91 11.37 -10.75
N GLU A 126 -3.14 11.81 -11.02
CA GLU A 126 -3.52 13.20 -11.22
C GLU A 126 -4.54 13.54 -10.16
N ARG A 127 -4.50 14.78 -9.67
CA ARG A 127 -5.39 15.34 -8.69
C ARG A 127 -6.43 16.15 -9.44
N GLU A 128 -7.64 15.61 -9.50
CA GLU A 128 -8.82 16.19 -10.10
C GLU A 128 -9.07 17.59 -9.55
N GLY A 1 9.79 -19.67 12.57
CA GLY A 1 10.56 -20.75 11.95
C GLY A 1 9.95 -21.15 10.62
N ALA A 2 8.97 -22.06 10.63
CA ALA A 2 8.33 -22.54 9.40
C ALA A 2 7.08 -21.75 9.07
N GLU A 3 6.22 -21.43 10.05
CA GLU A 3 5.05 -20.61 9.81
C GLU A 3 5.33 -19.14 10.15
N ALA A 4 4.33 -18.28 9.91
CA ALA A 4 4.39 -16.84 10.06
C ALA A 4 5.69 -16.27 9.49
N LEU A 5 6.05 -16.74 8.28
CA LEU A 5 7.28 -16.36 7.60
C LEU A 5 7.21 -14.86 7.32
N PRO A 6 8.34 -14.17 7.28
CA PRO A 6 8.42 -12.73 7.13
C PRO A 6 7.97 -12.29 5.75
N LEU A 7 7.71 -11.00 5.64
CA LEU A 7 7.29 -10.32 4.42
C LEU A 7 8.27 -10.59 3.28
N TYR A 8 7.82 -11.28 2.22
CA TYR A 8 8.65 -11.69 1.09
C TYR A 8 8.20 -11.11 -0.27
N TYR A 9 7.13 -10.32 -0.31
CA TYR A 9 6.60 -9.68 -1.51
C TYR A 9 6.01 -8.34 -1.11
N LEU A 10 6.06 -7.31 -1.97
CA LEU A 10 5.35 -6.09 -1.74
C LEU A 10 4.72 -5.64 -3.04
N GLN A 11 3.46 -5.23 -2.97
CA GLN A 11 2.77 -4.61 -4.07
C GLN A 11 1.65 -3.72 -3.54
N ILE A 12 1.43 -2.61 -4.24
CA ILE A 12 0.28 -1.72 -4.03
C ILE A 12 -1.06 -2.36 -4.43
N THR A 13 -1.07 -3.40 -5.29
CA THR A 13 -2.16 -4.33 -5.63
C THR A 13 -3.51 -3.75 -6.13
N GLY A 14 -4.13 -2.78 -5.46
CA GLY A 14 -5.34 -2.10 -5.92
C GLY A 14 -5.35 -0.69 -5.34
N ILE A 15 -6.07 0.24 -5.98
CA ILE A 15 -6.04 1.65 -5.60
C ILE A 15 -7.41 2.25 -5.88
N THR A 16 -7.79 3.23 -5.09
CA THR A 16 -8.90 4.11 -5.40
C THR A 16 -8.67 5.38 -4.59
N SER A 17 -9.60 6.32 -4.67
CA SER A 17 -9.71 7.44 -3.76
C SER A 17 -11.19 7.72 -3.54
N ASP A 18 -11.47 8.61 -2.61
CA ASP A 18 -12.84 8.90 -2.15
C ASP A 18 -13.69 9.61 -3.20
N GLY A 19 -13.07 10.25 -4.18
CA GLY A 19 -13.77 10.80 -5.33
C GLY A 19 -13.84 9.81 -6.51
N ASN A 20 -13.38 8.56 -6.35
CA ASN A 20 -13.30 7.57 -7.45
C ASN A 20 -14.38 6.50 -7.35
N ASP A 21 -15.44 6.74 -6.59
CA ASP A 21 -16.54 5.79 -6.34
C ASP A 21 -16.05 4.50 -5.70
N PHE A 22 -14.94 4.60 -4.97
CA PHE A 22 -14.25 3.48 -4.33
C PHE A 22 -13.89 2.39 -5.36
N ALA A 23 -13.82 2.73 -6.66
CA ALA A 23 -13.45 1.87 -7.79
C ALA A 23 -12.02 1.37 -7.62
N TRP A 24 -11.86 0.23 -6.97
CA TRP A 24 -10.62 -0.35 -6.48
C TRP A 24 -9.58 -0.75 -7.52
N ASP A 25 -10.01 -0.89 -8.78
CA ASP A 25 -9.22 -1.32 -9.92
C ASP A 25 -8.37 -2.58 -9.62
N ASN A 26 -7.50 -2.98 -10.55
CA ASN A 26 -6.53 -4.05 -10.35
C ASN A 26 -5.22 -3.63 -10.98
N LEU A 27 -4.23 -3.31 -10.15
CA LEU A 27 -2.97 -2.76 -10.63
C LEU A 27 -2.21 -3.85 -11.38
N THR A 28 -1.55 -3.48 -12.46
CA THR A 28 -0.90 -4.39 -13.39
C THR A 28 0.51 -4.75 -12.91
N SER A 29 1.10 -5.81 -13.48
CA SER A 29 2.25 -6.54 -12.92
C SER A 29 3.44 -5.64 -12.60
N SER A 30 3.78 -4.73 -13.52
CA SER A 30 4.83 -3.74 -13.30
C SER A 30 4.33 -2.34 -13.67
N GLN A 31 3.04 -2.07 -13.40
CA GLN A 31 2.40 -0.76 -13.57
C GLN A 31 3.29 0.34 -12.99
N THR A 32 3.28 1.52 -13.61
CA THR A 32 3.95 2.71 -13.08
C THR A 32 3.05 3.94 -13.03
N LYS A 33 1.81 3.83 -13.53
CA LYS A 33 0.81 4.89 -13.41
C LYS A 33 -0.53 4.30 -13.01
N ALA A 34 -1.29 5.07 -12.25
CA ALA A 34 -2.61 4.72 -11.78
C ALA A 34 -3.51 4.43 -12.98
N PRO A 35 -4.60 3.69 -12.77
CA PRO A 35 -5.57 3.43 -13.82
C PRO A 35 -6.22 4.72 -14.31
N ASN A 36 -6.37 5.70 -13.43
CA ASN A 36 -7.20 6.87 -13.63
C ASN A 36 -6.65 8.02 -12.80
N VAL A 37 -7.12 9.24 -13.08
CA VAL A 37 -7.10 10.32 -12.10
C VAL A 37 -8.05 9.99 -10.97
N LEU A 38 -7.45 9.65 -9.83
CA LEU A 38 -8.12 9.40 -8.57
C LEU A 38 -8.62 10.74 -8.02
N LYS A 39 -9.91 11.02 -8.20
CA LYS A 39 -10.51 12.25 -7.67
C LYS A 39 -10.62 12.18 -6.15
N GLY A 40 -10.86 13.34 -5.53
CA GLY A 40 -10.95 13.49 -4.09
C GLY A 40 -9.60 13.88 -3.49
N ASN A 41 -9.37 13.52 -2.22
CA ASN A 41 -8.10 13.74 -1.51
C ASN A 41 -7.65 12.49 -0.75
N LYS A 42 -8.55 11.55 -0.50
CA LYS A 42 -8.30 10.47 0.44
C LYS A 42 -7.88 9.27 -0.36
N LEU A 43 -6.58 9.00 -0.36
CA LEU A 43 -5.92 7.99 -1.16
C LEU A 43 -6.06 6.66 -0.43
N TYR A 44 -6.76 5.71 -1.05
CA TYR A 44 -7.01 4.39 -0.50
C TYR A 44 -6.22 3.37 -1.30
N VAL A 45 -5.16 2.83 -0.71
CA VAL A 45 -4.43 1.69 -1.26
C VAL A 45 -5.02 0.42 -0.64
N LYS A 46 -4.91 -0.71 -1.36
CA LYS A 46 -5.17 -2.08 -0.91
C LYS A 46 -3.91 -2.89 -1.22
N ALA A 47 -2.95 -2.98 -0.29
CA ALA A 47 -1.60 -3.48 -0.57
C ALA A 47 -1.38 -4.89 -0.02
N ARG A 48 -0.84 -5.81 -0.85
CA ARG A 48 -0.72 -7.24 -0.53
C ARG A 48 0.57 -7.54 0.22
N PHE A 49 0.50 -7.78 1.53
CA PHE A 49 1.65 -8.13 2.38
C PHE A 49 1.74 -9.63 2.51
N MET A 50 2.49 -10.28 1.62
CA MET A 50 2.72 -11.72 1.65
C MET A 50 3.84 -11.94 2.67
N GLY A 51 3.49 -12.50 3.82
CA GLY A 51 4.40 -12.73 4.94
C GLY A 51 4.33 -11.59 5.97
N TYR A 52 4.69 -11.88 7.23
CA TYR A 52 4.47 -10.99 8.37
C TYR A 52 5.35 -9.73 8.33
N THR A 53 4.73 -8.59 8.63
CA THR A 53 5.37 -7.33 8.97
C THR A 53 4.39 -6.54 9.85
N LYS A 54 4.93 -5.58 10.60
CA LYS A 54 4.22 -4.52 11.30
C LYS A 54 5.05 -3.23 11.29
N LEU A 55 5.92 -3.07 10.29
CA LEU A 55 6.81 -1.93 10.14
C LEU A 55 6.62 -1.40 8.72
N THR A 56 5.52 -0.70 8.48
CA THR A 56 5.28 -0.02 7.22
C THR A 56 5.97 1.34 7.30
N VAL A 57 6.36 1.94 6.17
CA VAL A 57 6.77 3.34 6.07
C VAL A 57 6.19 3.88 4.76
N ILE A 58 5.64 5.09 4.82
CA ILE A 58 5.01 5.80 3.71
C ILE A 58 5.67 7.18 3.79
N THR A 59 6.58 7.52 2.87
CA THR A 59 7.63 8.50 3.12
C THR A 59 7.18 9.96 2.94
N GLY A 60 6.01 10.18 2.35
CA GLY A 60 5.45 11.48 2.06
C GLY A 60 6.46 12.38 1.36
N LYS A 61 6.41 13.68 1.67
CA LYS A 61 7.29 14.70 1.12
C LYS A 61 8.69 14.50 1.67
N ASP A 62 8.91 14.93 2.91
CA ASP A 62 10.22 15.11 3.51
C ASP A 62 10.76 13.82 4.12
N GLY A 63 10.40 12.66 3.58
CA GLY A 63 10.75 11.37 4.16
C GLY A 63 9.96 11.08 5.44
N LYS A 64 9.02 11.95 5.80
CA LYS A 64 8.23 11.88 7.03
C LYS A 64 7.26 10.72 6.91
N ASN A 65 7.40 9.74 7.79
CA ASN A 65 6.56 8.54 7.85
C ASN A 65 5.10 8.94 8.03
N LEU A 66 4.32 9.10 6.96
CA LEU A 66 2.94 9.58 7.03
C LEU A 66 2.10 8.76 7.99
N LEU A 67 2.35 7.46 8.04
CA LEU A 67 1.67 6.50 8.89
C LEU A 67 2.00 6.67 10.39
N TYR A 68 2.97 7.53 10.73
CA TYR A 68 3.29 7.96 12.09
C TYR A 68 3.38 9.50 12.18
N ASN A 69 2.90 10.20 11.15
CA ASN A 69 3.00 11.65 11.05
C ASN A 69 1.79 12.27 11.73
N GLY A 70 0.60 11.83 11.31
CA GLY A 70 -0.66 12.17 11.94
C GLY A 70 -1.89 11.86 11.08
N THR A 71 -1.75 11.77 9.75
CA THR A 71 -2.91 11.65 8.86
C THR A 71 -3.13 10.19 8.45
N ALA A 72 -2.14 9.59 7.77
CA ALA A 72 -2.33 8.25 7.25
C ALA A 72 -2.35 7.29 8.44
N LYS A 73 -3.24 6.30 8.37
CA LYS A 73 -3.34 5.21 9.30
C LYS A 73 -3.82 3.99 8.52
N MET A 74 -3.84 2.82 9.17
CA MET A 74 -4.74 1.78 8.74
C MET A 74 -6.02 1.89 9.55
N PHE A 75 -7.06 1.34 8.96
CA PHE A 75 -8.39 1.11 9.49
C PHE A 75 -8.89 -0.30 9.13
N LYS A 76 -8.21 -1.08 8.26
CA LYS A 76 -8.71 -2.37 7.77
C LYS A 76 -7.56 -3.31 7.38
N SER A 77 -7.71 -4.61 7.64
CA SER A 77 -6.73 -5.63 7.35
C SER A 77 -7.37 -7.03 7.30
N ASP A 78 -7.80 -7.48 6.12
CA ASP A 78 -8.30 -8.84 5.91
C ASP A 78 -7.14 -9.80 5.74
N ALA A 79 -7.43 -11.09 5.89
CA ALA A 79 -6.52 -12.18 5.64
C ALA A 79 -6.58 -12.56 4.16
N ILE A 80 -5.43 -12.90 3.59
CA ILE A 80 -5.27 -13.36 2.23
C ILE A 80 -5.05 -14.85 2.34
N LEU A 81 -6.02 -15.63 1.86
CA LEU A 81 -5.84 -17.07 1.77
C LEU A 81 -5.01 -17.40 0.52
N GLY A 82 -4.33 -18.53 0.55
CA GLY A 82 -3.65 -19.12 -0.59
C GLY A 82 -4.30 -20.45 -0.91
N GLN A 83 -5.58 -20.42 -1.29
CA GLN A 83 -6.42 -21.53 -1.75
C GLN A 83 -6.64 -22.60 -0.68
N ASN A 84 -5.59 -23.31 -0.25
CA ASN A 84 -5.61 -24.30 0.83
C ASN A 84 -5.82 -23.70 2.23
N LYS A 85 -6.49 -22.54 2.32
CA LYS A 85 -6.80 -21.79 3.55
C LYS A 85 -5.53 -21.33 4.29
N VAL A 86 -4.38 -21.40 3.66
CA VAL A 86 -3.12 -20.92 4.20
C VAL A 86 -3.18 -19.39 4.24
N VAL A 87 -2.91 -18.76 5.39
CA VAL A 87 -2.84 -17.31 5.50
C VAL A 87 -1.48 -16.88 4.92
N ILE A 88 -1.42 -16.75 3.60
CA ILE A 88 -0.21 -16.33 2.88
C ILE A 88 0.15 -14.88 3.21
N GLY A 89 -0.83 -14.05 3.58
CA GLY A 89 -0.58 -12.67 3.90
C GLY A 89 -1.84 -12.00 4.43
N TRP A 90 -1.78 -10.68 4.57
CA TRP A 90 -2.90 -9.84 4.95
C TRP A 90 -2.87 -8.64 4.03
N ASP A 91 -4.05 -8.20 3.59
CA ASP A 91 -4.14 -7.10 2.66
C ASP A 91 -4.34 -5.89 3.56
N LYS A 92 -3.25 -5.25 4.00
CA LYS A 92 -3.37 -4.06 4.84
C LYS A 92 -3.70 -2.88 3.93
N TYR A 93 -4.89 -2.34 4.12
CA TYR A 93 -5.34 -1.11 3.48
C TYR A 93 -4.72 0.08 4.22
N PHE A 94 -4.76 1.29 3.65
CA PHE A 94 -4.34 2.53 4.32
C PHE A 94 -5.23 3.71 3.90
N GLU A 95 -5.28 4.78 4.73
CA GLU A 95 -6.01 6.03 4.44
C GLU A 95 -5.03 7.21 4.29
N ILE A 96 -4.18 7.19 3.27
CA ILE A 96 -3.15 8.22 3.07
C ILE A 96 -3.82 9.52 2.55
N PRO A 97 -3.41 10.73 2.95
CA PRO A 97 -3.82 11.96 2.28
C PRO A 97 -3.03 12.13 0.98
N MET A 98 -3.62 12.74 -0.04
CA MET A 98 -2.88 13.14 -1.24
C MET A 98 -1.95 14.32 -0.95
N ASP A 99 -2.35 15.27 -0.10
CA ASP A 99 -1.56 16.47 0.16
C ASP A 99 -0.13 16.09 0.50
N ALA A 100 0.05 15.24 1.52
CA ALA A 100 1.32 15.05 2.22
C ALA A 100 2.38 14.27 1.41
N LEU A 101 2.12 13.95 0.15
CA LEU A 101 3.00 13.18 -0.72
C LEU A 101 3.99 14.10 -1.43
N GLN A 102 5.22 13.62 -1.64
CA GLN A 102 6.30 14.34 -2.32
C GLN A 102 5.92 14.82 -3.71
N ASP A 103 5.16 14.01 -4.43
CA ASP A 103 4.92 14.15 -5.85
C ASP A 103 3.53 13.62 -6.15
N ASN A 104 3.13 13.65 -7.42
CA ASN A 104 1.92 13.02 -7.90
C ASN A 104 2.14 11.51 -8.05
N SER A 105 2.76 10.85 -7.06
CA SER A 105 2.83 9.40 -7.02
C SER A 105 2.68 8.90 -5.60
N ILE A 106 2.27 7.64 -5.46
CA ILE A 106 2.24 6.92 -4.20
C ILE A 106 3.28 5.79 -4.23
N GLN A 107 3.66 5.29 -3.04
CA GLN A 107 4.52 4.13 -2.80
C GLN A 107 4.32 3.76 -1.32
N ILE A 108 4.63 2.52 -0.95
CA ILE A 108 4.78 2.02 0.41
C ILE A 108 6.18 1.35 0.48
N LYS A 109 6.72 1.14 1.69
CA LYS A 109 7.79 0.16 1.90
C LYS A 109 7.56 -0.55 3.24
N ALA A 110 8.08 -1.77 3.47
CA ALA A 110 7.94 -2.42 4.79
C ALA A 110 9.10 -3.35 5.10
N LEU A 111 9.34 -3.65 6.39
CA LEU A 111 10.45 -4.48 6.84
C LEU A 111 10.19 -5.96 6.52
N SER A 112 11.02 -6.50 5.65
CA SER A 112 11.10 -7.89 5.25
C SER A 112 11.87 -8.66 6.33
N SER A 113 13.20 -8.63 6.29
CA SER A 113 14.06 -9.44 7.12
C SER A 113 15.37 -8.68 7.32
N GLY A 114 16.02 -8.85 8.47
CA GLY A 114 17.21 -8.12 8.89
C GLY A 114 16.95 -6.62 8.84
N THR A 115 17.43 -5.97 7.78
CA THR A 115 17.26 -4.54 7.50
C THR A 115 16.52 -4.29 6.18
N THR A 116 16.20 -5.33 5.40
CA THR A 116 15.56 -5.22 4.11
C THR A 116 14.21 -4.56 4.30
N PHE A 117 14.00 -3.49 3.57
CA PHE A 117 12.81 -2.67 3.58
C PHE A 117 12.29 -2.69 2.15
N VAL A 118 11.35 -3.56 1.83
CA VAL A 118 10.87 -3.72 0.47
C VAL A 118 10.17 -2.47 0.04
N TYR A 119 10.77 -1.80 -0.91
CA TYR A 119 10.16 -0.71 -1.62
C TYR A 119 9.13 -1.33 -2.55
N SER A 120 7.87 -0.92 -2.42
CA SER A 120 6.89 -1.24 -3.43
C SER A 120 7.30 -0.53 -4.73
N GLN A 121 6.54 -0.73 -5.80
CA GLN A 121 6.69 0.13 -6.97
C GLN A 121 6.39 1.61 -6.63
N LYS A 122 6.62 2.50 -7.58
CA LYS A 122 6.07 3.86 -7.59
C LYS A 122 4.91 3.86 -8.59
N ILE A 123 3.79 4.52 -8.28
CA ILE A 123 2.63 4.66 -9.15
C ILE A 123 2.28 6.13 -9.15
N ASP A 124 2.59 6.78 -10.27
CA ASP A 124 2.22 8.13 -10.61
C ASP A 124 0.70 8.21 -10.83
N PHE A 125 0.08 9.36 -10.66
CA PHE A 125 -1.35 9.57 -10.87
C PHE A 125 -1.64 10.99 -11.34
N GLU A 126 -2.91 11.32 -11.62
CA GLU A 126 -3.38 12.67 -11.90
C GLU A 126 -4.28 13.08 -10.71
N ARG A 127 -4.43 14.39 -10.44
CA ARG A 127 -5.04 14.95 -9.24
C ARG A 127 -6.28 15.76 -9.61
N GLU A 128 -7.42 15.08 -9.63
CA GLU A 128 -8.71 15.52 -10.17
C GLU A 128 -8.64 15.90 -11.65
N GLY A 1 4.76 -26.43 5.67
CA GLY A 1 5.13 -25.54 6.79
C GLY A 1 4.96 -24.10 6.41
N ALA A 2 3.74 -23.58 6.43
CA ALA A 2 3.52 -22.15 6.29
C ALA A 2 3.83 -21.50 7.64
N GLU A 3 5.11 -21.22 7.84
CA GLU A 3 5.67 -20.58 9.01
C GLU A 3 5.28 -19.09 9.02
N ALA A 4 5.69 -18.35 10.04
CA ALA A 4 5.53 -16.89 10.08
C ALA A 4 6.57 -16.19 9.18
N LEU A 5 6.72 -16.70 7.95
CA LEU A 5 7.69 -16.23 6.96
C LEU A 5 7.55 -14.72 6.83
N PRO A 6 8.65 -13.99 6.60
CA PRO A 6 8.61 -12.55 6.43
C PRO A 6 7.96 -12.18 5.10
N LEU A 7 7.65 -10.89 4.96
CA LEU A 7 7.11 -10.25 3.78
C LEU A 7 8.01 -10.44 2.54
N TYR A 8 7.68 -11.40 1.66
CA TYR A 8 8.40 -11.68 0.42
C TYR A 8 7.79 -11.01 -0.83
N TYR A 9 6.95 -9.98 -0.67
CA TYR A 9 6.21 -9.30 -1.74
C TYR A 9 5.67 -7.96 -1.24
N LEU A 10 5.82 -6.85 -1.95
CA LEU A 10 5.27 -5.56 -1.51
C LEU A 10 4.71 -4.84 -2.72
N GLN A 11 3.39 -4.78 -2.87
CA GLN A 11 2.79 -4.33 -4.12
C GLN A 11 1.42 -3.72 -3.87
N ILE A 12 1.14 -2.59 -4.54
CA ILE A 12 -0.05 -1.78 -4.27
C ILE A 12 -1.34 -2.55 -4.61
N THR A 13 -1.33 -3.44 -5.61
CA THR A 13 -2.36 -4.45 -5.89
C THR A 13 -3.71 -3.88 -6.39
N GLY A 14 -4.38 -3.02 -5.62
CA GLY A 14 -5.50 -2.23 -6.10
C GLY A 14 -5.45 -0.86 -5.43
N ILE A 15 -6.04 0.15 -6.09
CA ILE A 15 -6.03 1.51 -5.62
C ILE A 15 -7.35 2.19 -5.97
N THR A 16 -7.83 3.06 -5.10
CA THR A 16 -8.96 3.91 -5.37
C THR A 16 -8.91 5.15 -4.48
N SER A 17 -9.91 6.02 -4.58
CA SER A 17 -10.08 7.20 -3.78
C SER A 17 -11.55 7.34 -3.42
N ASP A 18 -11.83 8.17 -2.43
CA ASP A 18 -13.16 8.46 -1.90
C ASP A 18 -14.06 9.18 -2.90
N GLY A 19 -13.47 9.81 -3.94
CA GLY A 19 -14.20 10.47 -5.01
C GLY A 19 -14.35 9.63 -6.29
N ASN A 20 -13.76 8.42 -6.37
CA ASN A 20 -13.78 7.59 -7.59
C ASN A 20 -14.75 6.41 -7.51
N ASP A 21 -15.69 6.44 -6.57
CA ASP A 21 -16.73 5.41 -6.39
C ASP A 21 -16.14 4.11 -5.88
N PHE A 22 -15.01 4.17 -5.17
CA PHE A 22 -14.26 3.03 -4.68
C PHE A 22 -13.88 2.07 -5.82
N ALA A 23 -13.71 2.58 -7.04
CA ALA A 23 -13.24 1.83 -8.20
C ALA A 23 -11.81 1.30 -8.00
N TRP A 24 -11.67 0.15 -7.33
CA TRP A 24 -10.43 -0.45 -6.86
C TRP A 24 -9.39 -0.83 -7.91
N ASP A 25 -9.83 -0.98 -9.17
CA ASP A 25 -9.04 -0.96 -10.40
C ASP A 25 -7.75 -1.77 -10.28
N ASN A 26 -7.82 -3.10 -10.42
CA ASN A 26 -6.65 -3.96 -10.23
C ASN A 26 -5.50 -3.52 -11.11
N LEU A 27 -4.34 -3.30 -10.50
CA LEU A 27 -3.21 -2.75 -11.19
C LEU A 27 -2.69 -3.79 -12.18
N THR A 28 -2.16 -3.31 -13.31
CA THR A 28 -1.37 -4.16 -14.18
C THR A 28 -0.12 -4.62 -13.42
N SER A 29 0.36 -5.81 -13.76
CA SER A 29 1.46 -6.50 -13.06
C SER A 29 2.81 -5.80 -13.23
N SER A 30 2.90 -4.81 -14.11
CA SER A 30 4.04 -3.92 -14.25
C SER A 30 3.53 -2.52 -14.56
N GLN A 31 2.42 -2.15 -13.91
CA GLN A 31 1.93 -0.78 -13.94
C GLN A 31 3.03 0.12 -13.36
N THR A 32 3.11 1.34 -13.88
CA THR A 32 3.99 2.40 -13.44
C THR A 32 3.27 3.74 -13.38
N LYS A 33 2.01 3.81 -13.83
CA LYS A 33 1.18 5.01 -13.72
C LYS A 33 -0.28 4.62 -13.54
N ALA A 34 -1.01 5.43 -12.78
CA ALA A 34 -2.38 5.18 -12.39
C ALA A 34 -3.27 5.09 -13.64
N PRO A 35 -4.43 4.41 -13.57
CA PRO A 35 -5.32 4.28 -14.71
C PRO A 35 -5.96 5.61 -15.09
N ASN A 36 -6.36 6.42 -14.10
CA ASN A 36 -6.86 7.78 -14.25
C ASN A 36 -6.59 8.52 -12.92
N VAL A 37 -6.81 9.83 -12.90
CA VAL A 37 -6.83 10.63 -11.68
C VAL A 37 -8.06 10.38 -10.83
N LEU A 38 -7.74 9.85 -9.69
CA LEU A 38 -8.45 9.65 -8.46
C LEU A 38 -8.93 11.01 -7.90
N LYS A 39 -10.24 11.26 -7.82
CA LYS A 39 -10.73 12.46 -7.13
C LYS A 39 -10.88 12.21 -5.63
N GLY A 40 -10.96 13.27 -4.82
CA GLY A 40 -11.45 13.21 -3.44
C GLY A 40 -10.39 13.43 -2.35
N ASN A 41 -9.10 13.24 -2.69
CA ASN A 41 -7.91 13.41 -1.84
C ASN A 41 -7.69 12.29 -0.82
N LYS A 42 -8.65 11.40 -0.55
CA LYS A 42 -8.34 10.18 0.22
C LYS A 42 -7.72 9.22 -0.78
N LEU A 43 -6.57 8.64 -0.46
CA LEU A 43 -5.92 7.66 -1.31
C LEU A 43 -5.98 6.31 -0.60
N TYR A 44 -6.90 5.45 -1.04
CA TYR A 44 -7.10 4.13 -0.49
C TYR A 44 -6.25 3.13 -1.26
N VAL A 45 -5.23 2.59 -0.60
CA VAL A 45 -4.42 1.51 -1.14
C VAL A 45 -4.89 0.20 -0.52
N LYS A 46 -4.76 -0.92 -1.26
CA LYS A 46 -5.03 -2.27 -0.81
C LYS A 46 -3.79 -3.17 -1.03
N ALA A 47 -2.64 -2.72 -0.54
CA ALA A 47 -1.39 -3.41 -0.81
C ALA A 47 -1.40 -4.83 -0.23
N ARG A 48 -0.91 -5.81 -0.98
CA ARG A 48 -0.97 -7.23 -0.63
C ARG A 48 0.31 -7.61 0.09
N PHE A 49 0.28 -7.85 1.41
CA PHE A 49 1.50 -8.11 2.18
C PHE A 49 1.57 -9.61 2.46
N MET A 50 2.21 -10.34 1.53
CA MET A 50 2.37 -11.79 1.48
C MET A 50 3.46 -12.27 2.46
N GLY A 51 3.23 -12.16 3.76
CA GLY A 51 4.18 -12.57 4.78
C GLY A 51 4.18 -11.63 5.97
N TYR A 52 4.81 -12.02 7.07
CA TYR A 52 4.84 -11.28 8.30
C TYR A 52 5.50 -9.91 8.11
N THR A 53 4.71 -8.87 8.28
CA THR A 53 5.08 -7.49 8.53
C THR A 53 3.91 -6.87 9.29
N LYS A 54 4.21 -5.78 9.99
CA LYS A 54 3.23 -4.87 10.57
C LYS A 54 3.77 -3.44 10.59
N LEU A 55 4.84 -3.17 9.82
CA LEU A 55 5.71 -2.02 10.00
C LEU A 55 5.88 -1.31 8.65
N THR A 56 4.75 -0.90 8.09
CA THR A 56 4.70 -0.18 6.84
C THR A 56 5.25 1.24 7.07
N VAL A 57 5.93 1.82 6.07
CA VAL A 57 6.36 3.22 6.11
C VAL A 57 6.08 3.86 4.74
N ILE A 58 5.82 5.16 4.79
CA ILE A 58 5.50 6.07 3.70
C ILE A 58 6.10 7.39 4.18
N THR A 59 7.24 7.82 3.66
CA THR A 59 7.99 8.93 4.25
C THR A 59 7.15 10.20 4.16
N GLY A 60 6.54 10.40 3.00
CA GLY A 60 5.71 11.54 2.65
C GLY A 60 6.54 12.78 2.41
N LYS A 61 5.91 13.91 2.08
CA LYS A 61 6.58 15.18 1.86
C LYS A 61 7.41 15.58 3.07
N ASP A 62 6.82 15.38 4.26
CA ASP A 62 7.44 15.65 5.54
C ASP A 62 8.72 14.85 5.76
N GLY A 63 8.87 13.70 5.08
CA GLY A 63 10.03 12.83 5.21
C GLY A 63 10.05 12.05 6.54
N LYS A 64 8.94 12.04 7.30
CA LYS A 64 8.88 11.54 8.66
C LYS A 64 7.60 10.76 8.93
N ASN A 65 7.28 9.80 8.05
CA ASN A 65 6.37 8.68 8.33
C ASN A 65 4.95 9.20 8.53
N LEU A 66 4.21 9.42 7.44
CA LEU A 66 2.83 9.90 7.49
C LEU A 66 1.93 9.08 8.42
N LEU A 67 2.16 7.76 8.50
CA LEU A 67 1.46 6.80 9.34
C LEU A 67 1.75 7.01 10.84
N TYR A 68 2.71 7.85 11.22
CA TYR A 68 2.92 8.28 12.60
C TYR A 68 2.78 9.80 12.75
N ASN A 69 2.50 10.53 11.66
CA ASN A 69 2.13 11.94 11.75
C ASN A 69 0.68 12.03 12.19
N GLY A 70 -0.21 11.36 11.46
CA GLY A 70 -1.62 11.22 11.82
C GLY A 70 -2.54 11.20 10.61
N THR A 71 -2.11 11.72 9.46
CA THR A 71 -2.96 11.82 8.27
C THR A 71 -3.27 10.42 7.76
N ALA A 72 -2.22 9.63 7.49
CA ALA A 72 -2.39 8.24 7.12
C ALA A 72 -2.52 7.43 8.40
N LYS A 73 -3.33 6.39 8.35
CA LYS A 73 -3.37 5.31 9.32
C LYS A 73 -3.73 4.05 8.55
N MET A 74 -3.33 2.87 9.06
CA MET A 74 -4.11 1.69 8.76
C MET A 74 -5.34 1.69 9.65
N PHE A 75 -6.48 1.31 9.09
CA PHE A 75 -7.77 1.34 9.76
C PHE A 75 -8.59 0.06 9.48
N LYS A 76 -8.04 -0.88 8.68
CA LYS A 76 -8.69 -2.11 8.29
C LYS A 76 -7.58 -3.10 7.91
N SER A 77 -7.82 -4.40 8.02
CA SER A 77 -6.83 -5.44 7.89
C SER A 77 -7.55 -6.76 7.58
N ASP A 78 -7.69 -7.14 6.31
CA ASP A 78 -8.35 -8.41 5.94
C ASP A 78 -7.29 -9.50 5.76
N ALA A 79 -7.69 -10.77 5.61
CA ALA A 79 -6.83 -11.93 5.80
C ALA A 79 -6.80 -12.81 4.55
N ILE A 80 -5.70 -12.76 3.78
CA ILE A 80 -5.53 -13.49 2.52
C ILE A 80 -5.18 -14.92 2.88
N LEU A 81 -6.17 -15.79 2.76
CA LEU A 81 -5.92 -17.24 2.73
C LEU A 81 -5.39 -17.63 1.34
N GLY A 82 -4.56 -18.67 1.29
CA GLY A 82 -3.91 -19.16 0.09
C GLY A 82 -4.43 -20.55 -0.25
N GLN A 83 -5.74 -20.66 -0.46
CA GLN A 83 -6.49 -21.86 -0.79
C GLN A 83 -6.58 -22.82 0.39
N ASN A 84 -5.43 -23.31 0.86
CA ASN A 84 -5.25 -24.36 1.86
C ASN A 84 -5.46 -23.82 3.28
N LYS A 85 -6.34 -22.84 3.47
CA LYS A 85 -6.52 -22.11 4.73
C LYS A 85 -5.22 -21.50 5.27
N VAL A 86 -4.18 -21.40 4.44
CA VAL A 86 -2.88 -20.87 4.80
C VAL A 86 -2.99 -19.35 4.75
N VAL A 87 -2.76 -18.66 5.86
CA VAL A 87 -2.60 -17.21 5.87
C VAL A 87 -1.30 -16.85 5.13
N ILE A 88 -1.40 -16.66 3.81
CA ILE A 88 -0.27 -16.24 3.00
C ILE A 88 0.04 -14.75 3.19
N GLY A 89 -0.93 -13.96 3.66
CA GLY A 89 -0.74 -12.53 3.85
C GLY A 89 -2.00 -11.86 4.36
N TRP A 90 -1.99 -10.53 4.41
CA TRP A 90 -3.14 -9.73 4.79
C TRP A 90 -3.22 -8.53 3.86
N ASP A 91 -4.45 -8.07 3.64
CA ASP A 91 -4.74 -6.81 2.97
C ASP A 91 -4.60 -5.76 4.08
N LYS A 92 -3.42 -5.15 4.25
CA LYS A 92 -3.30 -3.99 5.12
C LYS A 92 -3.82 -2.78 4.34
N TYR A 93 -4.93 -2.20 4.78
CA TYR A 93 -5.53 -1.03 4.13
C TYR A 93 -4.91 0.23 4.73
N PHE A 94 -4.83 1.31 3.96
CA PHE A 94 -4.30 2.60 4.42
C PHE A 94 -5.15 3.75 3.89
N GLU A 95 -5.16 4.85 4.65
CA GLU A 95 -5.95 6.05 4.39
C GLU A 95 -5.00 7.24 4.15
N ILE A 96 -4.20 7.21 3.08
CA ILE A 96 -3.15 8.21 2.91
C ILE A 96 -3.76 9.49 2.31
N PRO A 97 -3.25 10.71 2.58
CA PRO A 97 -3.56 11.88 1.78
C PRO A 97 -3.00 11.74 0.36
N MET A 98 -3.39 12.66 -0.52
CA MET A 98 -2.77 12.84 -1.83
C MET A 98 -1.72 13.94 -1.82
N ASP A 99 -2.06 15.13 -1.30
CA ASP A 99 -1.17 16.29 -1.37
C ASP A 99 0.13 16.02 -0.60
N ALA A 100 0.03 15.46 0.61
CA ALA A 100 1.14 15.42 1.56
C ALA A 100 2.19 14.34 1.25
N LEU A 101 2.17 13.79 0.04
CA LEU A 101 3.17 12.84 -0.43
C LEU A 101 4.41 13.57 -0.91
N GLN A 102 5.50 12.82 -1.04
CA GLN A 102 6.80 13.34 -1.43
C GLN A 102 6.87 13.67 -2.92
N ASP A 103 6.02 13.05 -3.73
CA ASP A 103 5.99 13.05 -5.19
C ASP A 103 4.51 13.05 -5.62
N ASN A 104 4.26 13.15 -6.94
CA ASN A 104 2.93 12.89 -7.51
C ASN A 104 2.65 11.40 -7.63
N SER A 105 3.60 10.55 -7.29
CA SER A 105 3.43 9.11 -7.35
C SER A 105 3.22 8.56 -5.94
N ILE A 106 2.57 7.40 -5.87
CA ILE A 106 2.44 6.63 -4.65
C ILE A 106 3.53 5.55 -4.63
N GLN A 107 4.03 5.21 -3.44
CA GLN A 107 4.86 4.03 -3.17
C GLN A 107 4.76 3.70 -1.67
N ILE A 108 4.72 2.42 -1.32
CA ILE A 108 4.84 1.93 0.05
C ILE A 108 6.18 1.18 0.17
N LYS A 109 6.77 1.11 1.36
CA LYS A 109 7.96 0.28 1.62
C LYS A 109 7.87 -0.25 3.05
N ALA A 110 8.47 -1.40 3.37
CA ALA A 110 8.42 -1.98 4.72
C ALA A 110 9.60 -2.91 5.01
N LEU A 111 9.92 -3.10 6.30
CA LEU A 111 10.92 -4.02 6.83
C LEU A 111 10.38 -5.45 6.83
N SER A 112 11.13 -6.38 6.24
CA SER A 112 10.75 -7.78 6.11
C SER A 112 11.73 -8.70 6.85
N SER A 113 12.96 -8.83 6.34
CA SER A 113 14.04 -9.67 6.85
C SER A 113 15.09 -8.76 7.50
N GLY A 114 16.20 -9.32 7.99
CA GLY A 114 17.21 -8.68 8.82
C GLY A 114 17.72 -7.37 8.23
N THR A 115 17.18 -6.25 8.72
CA THR A 115 17.51 -4.87 8.36
C THR A 115 17.18 -4.48 6.91
N THR A 116 16.57 -5.36 6.13
CA THR A 116 16.25 -5.12 4.74
C THR A 116 15.06 -4.17 4.72
N PHE A 117 14.69 -3.71 3.54
CA PHE A 117 13.48 -2.96 3.31
C PHE A 117 13.03 -3.31 1.91
N VAL A 118 11.83 -3.85 1.76
CA VAL A 118 11.23 -4.04 0.44
C VAL A 118 10.66 -2.68 0.06
N TYR A 119 10.73 -2.33 -1.23
CA TYR A 119 10.08 -1.15 -1.80
C TYR A 119 9.06 -1.62 -2.82
N SER A 120 7.84 -1.11 -2.72
CA SER A 120 6.84 -1.37 -3.75
C SER A 120 7.26 -0.69 -5.04
N GLN A 121 6.57 -1.04 -6.13
CA GLN A 121 6.68 -0.31 -7.38
C GLN A 121 6.15 1.12 -7.17
N LYS A 122 6.55 2.05 -8.04
CA LYS A 122 6.05 3.42 -8.06
C LYS A 122 4.93 3.51 -9.08
N ILE A 123 3.83 4.17 -8.74
CA ILE A 123 2.71 4.45 -9.62
C ILE A 123 2.52 5.95 -9.54
N ASP A 124 2.95 6.65 -10.58
CA ASP A 124 2.63 8.06 -10.75
C ASP A 124 1.11 8.17 -10.74
N PHE A 125 0.56 9.11 -9.99
CA PHE A 125 -0.88 9.42 -10.07
C PHE A 125 -1.12 10.93 -10.22
N GLU A 126 -2.37 11.37 -10.27
CA GLU A 126 -2.72 12.76 -10.46
C GLU A 126 -3.76 13.08 -9.38
N ARG A 127 -3.88 14.35 -8.96
CA ARG A 127 -4.51 14.69 -7.67
C ARG A 127 -5.75 15.56 -7.87
N GLU A 128 -6.85 14.93 -8.29
CA GLU A 128 -8.07 15.53 -8.85
C GLU A 128 -7.72 16.29 -10.12
N GLY A 1 8.10 -26.08 8.36
CA GLY A 1 7.61 -24.95 9.16
C GLY A 1 6.36 -24.37 8.53
N ALA A 2 5.62 -23.60 9.31
CA ALA A 2 4.64 -22.63 8.82
C ALA A 2 4.45 -21.60 9.92
N GLU A 3 5.56 -21.06 10.44
CA GLU A 3 5.54 -19.93 11.38
C GLU A 3 5.13 -18.65 10.63
N ALA A 4 5.04 -17.54 11.36
CA ALA A 4 4.97 -16.18 10.85
C ALA A 4 6.27 -15.80 10.13
N LEU A 5 6.45 -16.29 8.90
CA LEU A 5 7.52 -15.84 8.02
C LEU A 5 7.43 -14.33 7.84
N PRO A 6 8.57 -13.65 7.66
CA PRO A 6 8.58 -12.23 7.36
C PRO A 6 8.16 -12.00 5.90
N LEU A 7 7.88 -10.73 5.59
CA LEU A 7 7.50 -10.23 4.27
C LEU A 7 8.48 -10.62 3.16
N TYR A 8 8.00 -11.30 2.11
CA TYR A 8 8.80 -11.65 0.93
C TYR A 8 8.42 -10.89 -0.35
N TYR A 9 7.38 -10.05 -0.32
CA TYR A 9 6.84 -9.36 -1.49
C TYR A 9 6.68 -7.86 -1.18
N LEU A 10 6.56 -6.99 -2.19
CA LEU A 10 5.80 -5.75 -2.04
C LEU A 10 5.14 -5.36 -3.34
N GLN A 11 3.83 -5.12 -3.32
CA GLN A 11 3.11 -4.53 -4.45
C GLN A 11 1.86 -3.78 -3.96
N ILE A 12 1.42 -2.75 -4.70
CA ILE A 12 0.24 -1.94 -4.38
C ILE A 12 -1.07 -2.74 -4.54
N THR A 13 -1.17 -3.71 -5.46
CA THR A 13 -2.34 -4.58 -5.71
C THR A 13 -3.59 -3.85 -6.23
N GLY A 14 -4.15 -2.94 -5.45
CA GLY A 14 -5.27 -2.09 -5.87
C GLY A 14 -5.19 -0.75 -5.18
N ILE A 15 -5.88 0.25 -5.69
CA ILE A 15 -5.87 1.63 -5.22
C ILE A 15 -7.23 2.20 -5.64
N THR A 16 -7.75 3.19 -4.94
CA THR A 16 -8.94 3.93 -5.29
C THR A 16 -8.97 5.22 -4.46
N SER A 17 -10.08 5.93 -4.44
CA SER A 17 -10.32 7.06 -3.57
C SER A 17 -11.83 7.23 -3.38
N ASP A 18 -12.22 8.12 -2.47
CA ASP A 18 -13.61 8.48 -2.19
C ASP A 18 -14.27 9.00 -3.47
N GLY A 19 -13.57 9.86 -4.21
CA GLY A 19 -14.05 10.40 -5.49
C GLY A 19 -13.96 9.41 -6.65
N ASN A 20 -13.51 8.17 -6.43
CA ASN A 20 -13.40 7.14 -7.48
C ASN A 20 -14.48 6.08 -7.33
N ASP A 21 -15.43 6.24 -6.41
CA ASP A 21 -16.56 5.33 -6.18
C ASP A 21 -16.09 3.93 -5.80
N PHE A 22 -15.02 3.86 -5.00
CA PHE A 22 -14.40 2.61 -4.53
C PHE A 22 -14.01 1.67 -5.68
N ALA A 23 -13.83 2.17 -6.91
CA ALA A 23 -13.30 1.41 -8.04
C ALA A 23 -11.84 1.06 -7.74
N TRP A 24 -11.60 -0.11 -7.14
CA TRP A 24 -10.35 -0.60 -6.57
C TRP A 24 -9.25 -0.95 -7.56
N ASP A 25 -9.60 -1.08 -8.83
CA ASP A 25 -8.73 -1.14 -10.01
C ASP A 25 -7.51 -2.02 -9.79
N ASN A 26 -7.65 -3.33 -10.01
CA ASN A 26 -6.59 -4.31 -9.81
C ASN A 26 -5.36 -3.96 -10.63
N LEU A 27 -4.35 -3.43 -9.96
CA LEU A 27 -3.14 -2.91 -10.56
C LEU A 27 -2.30 -4.06 -11.05
N THR A 28 -1.81 -3.94 -12.27
CA THR A 28 -0.94 -4.92 -12.88
C THR A 28 0.36 -5.07 -12.06
N SER A 29 0.94 -6.27 -12.07
CA SER A 29 2.16 -6.64 -11.33
C SER A 29 3.42 -5.88 -11.78
N SER A 30 3.26 -4.92 -12.69
CA SER A 30 4.31 -4.11 -13.27
C SER A 30 3.76 -2.72 -13.63
N GLN A 31 2.55 -2.36 -13.14
CA GLN A 31 1.95 -1.05 -13.36
C GLN A 31 2.96 0.03 -12.91
N THR A 32 3.04 1.16 -13.62
CA THR A 32 3.87 2.30 -13.18
C THR A 32 3.03 3.55 -12.89
N LYS A 33 1.72 3.50 -13.19
CA LYS A 33 0.83 4.64 -13.12
C LYS A 33 -0.57 4.17 -12.73
N ALA A 34 -1.38 5.09 -12.26
CA ALA A 34 -2.72 4.81 -11.82
C ALA A 34 -3.58 4.43 -13.02
N PRO A 35 -4.70 3.76 -12.76
CA PRO A 35 -5.79 3.61 -13.72
C PRO A 35 -6.43 4.95 -14.05
N ASN A 36 -6.43 5.89 -13.10
CA ASN A 36 -7.28 7.05 -13.17
C ASN A 36 -6.66 8.15 -12.33
N VAL A 37 -7.09 9.38 -12.59
CA VAL A 37 -7.05 10.42 -11.58
C VAL A 37 -7.96 10.05 -10.42
N LEU A 38 -7.33 9.79 -9.28
CA LEU A 38 -7.95 9.54 -7.99
C LEU A 38 -8.52 10.86 -7.46
N LYS A 39 -9.84 11.07 -7.58
CA LYS A 39 -10.50 12.29 -7.07
C LYS A 39 -10.79 12.17 -5.57
N GLY A 40 -11.15 13.28 -4.92
CA GLY A 40 -11.80 13.25 -3.59
C GLY A 40 -10.86 13.25 -2.38
N ASN A 41 -9.56 13.47 -2.57
CA ASN A 41 -8.50 13.79 -1.58
C ASN A 41 -8.06 12.56 -0.77
N LYS A 42 -8.96 11.61 -0.57
CA LYS A 42 -8.74 10.48 0.32
C LYS A 42 -8.22 9.32 -0.50
N LEU A 43 -6.92 9.04 -0.38
CA LEU A 43 -6.31 7.92 -1.08
C LEU A 43 -6.64 6.66 -0.32
N TYR A 44 -7.16 5.67 -1.00
CA TYR A 44 -7.36 4.34 -0.47
C TYR A 44 -6.54 3.39 -1.32
N VAL A 45 -5.86 2.42 -0.71
CA VAL A 45 -4.93 1.52 -1.38
C VAL A 45 -5.05 0.18 -0.65
N LYS A 46 -4.78 -0.91 -1.35
CA LYS A 46 -5.01 -2.27 -0.88
C LYS A 46 -3.75 -3.09 -1.10
N ALA A 47 -2.76 -2.93 -0.22
CA ALA A 47 -1.40 -3.41 -0.40
C ALA A 47 -1.27 -4.87 0.07
N ARG A 48 -0.78 -5.78 -0.80
CA ARG A 48 -0.74 -7.22 -0.56
C ARG A 48 0.51 -7.59 0.18
N PHE A 49 0.45 -7.70 1.50
CA PHE A 49 1.64 -8.02 2.31
C PHE A 49 1.77 -9.54 2.41
N MET A 50 2.65 -10.12 1.59
CA MET A 50 2.88 -11.55 1.56
C MET A 50 3.97 -11.85 2.59
N GLY A 51 3.54 -12.21 3.79
CA GLY A 51 4.40 -12.44 4.94
C GLY A 51 4.13 -11.40 6.02
N TYR A 52 4.52 -11.72 7.25
CA TYR A 52 4.18 -11.00 8.47
C TYR A 52 5.07 -9.77 8.57
N THR A 53 4.47 -8.59 8.49
CA THR A 53 5.09 -7.27 8.58
C THR A 53 3.96 -6.26 8.66
N LYS A 54 3.92 -5.49 9.75
CA LYS A 54 2.96 -4.41 9.94
C LYS A 54 3.64 -3.04 10.11
N LEU A 55 4.97 -2.99 10.24
CA LEU A 55 5.75 -1.79 10.54
C LEU A 55 6.00 -0.94 9.26
N THR A 56 4.99 -0.77 8.41
CA THR A 56 5.07 -0.17 7.09
C THR A 56 5.55 1.30 7.14
N VAL A 57 6.21 1.78 6.08
CA VAL A 57 6.77 3.13 6.00
C VAL A 57 6.35 3.80 4.67
N ILE A 58 6.03 5.10 4.76
CA ILE A 58 5.68 6.02 3.70
C ILE A 58 6.39 7.31 4.11
N THR A 59 7.35 7.81 3.31
CA THR A 59 8.24 8.90 3.67
C THR A 59 7.56 10.29 3.65
N GLY A 60 6.56 10.46 2.78
CA GLY A 60 5.91 11.73 2.52
C GLY A 60 6.87 12.83 2.10
N LYS A 61 6.28 14.01 1.95
CA LYS A 61 7.07 15.22 1.81
C LYS A 61 7.83 15.55 3.09
N ASP A 62 7.36 15.06 4.23
CA ASP A 62 7.91 15.44 5.54
C ASP A 62 9.17 14.69 5.91
N GLY A 63 9.56 13.66 5.15
CA GLY A 63 10.66 12.79 5.54
C GLY A 63 10.32 11.89 6.75
N LYS A 64 9.05 11.85 7.17
CA LYS A 64 8.57 11.15 8.36
C LYS A 64 7.69 9.99 7.92
N ASN A 65 7.52 9.00 8.78
CA ASN A 65 6.61 7.89 8.53
C ASN A 65 5.20 8.45 8.55
N LEU A 66 4.56 8.70 7.41
CA LEU A 66 3.26 9.36 7.37
C LEU A 66 2.22 8.61 8.17
N LEU A 67 2.29 7.27 8.17
CA LEU A 67 1.39 6.41 8.92
C LEU A 67 1.48 6.66 10.44
N TYR A 68 2.53 7.35 10.91
CA TYR A 68 2.76 7.76 12.29
C TYR A 68 2.97 9.29 12.39
N ASN A 69 2.65 10.04 11.34
CA ASN A 69 2.72 11.50 11.33
C ASN A 69 1.39 12.03 11.88
N GLY A 70 0.29 11.78 11.17
CA GLY A 70 -1.04 12.14 11.65
C GLY A 70 -2.15 11.96 10.65
N THR A 71 -1.85 11.84 9.35
CA THR A 71 -2.89 11.80 8.33
C THR A 71 -3.03 10.41 7.71
N ALA A 72 -1.95 9.87 7.12
CA ALA A 72 -2.02 8.50 6.65
C ALA A 72 -2.07 7.62 7.90
N LYS A 73 -2.78 6.52 7.79
CA LYS A 73 -2.89 5.50 8.80
C LYS A 73 -3.57 4.31 8.13
N MET A 74 -3.24 3.10 8.55
CA MET A 74 -4.00 1.92 8.18
C MET A 74 -5.29 1.88 9.00
N PHE A 75 -6.41 1.61 8.34
CA PHE A 75 -7.73 1.62 8.97
C PHE A 75 -8.54 0.39 8.64
N LYS A 76 -7.97 -0.57 7.91
CA LYS A 76 -8.62 -1.83 7.58
C LYS A 76 -7.53 -2.86 7.36
N SER A 77 -7.86 -4.13 7.53
CA SER A 77 -6.90 -5.22 7.53
C SER A 77 -7.68 -6.51 7.29
N ASP A 78 -7.68 -7.04 6.07
CA ASP A 78 -8.37 -8.29 5.72
C ASP A 78 -7.33 -9.40 5.55
N ALA A 79 -7.73 -10.59 5.11
CA ALA A 79 -6.84 -11.73 4.91
C ALA A 79 -6.85 -12.17 3.45
N ILE A 80 -5.79 -12.84 3.02
CA ILE A 80 -5.57 -13.25 1.63
C ILE A 80 -5.31 -14.74 1.67
N LEU A 81 -6.22 -15.51 1.06
CA LEU A 81 -6.22 -16.96 1.16
C LEU A 81 -5.67 -17.55 -0.15
N GLY A 82 -4.63 -18.36 -0.04
CA GLY A 82 -3.95 -19.01 -1.15
C GLY A 82 -4.66 -20.33 -1.47
N GLN A 83 -5.94 -20.24 -1.83
CA GLN A 83 -6.81 -21.34 -2.21
C GLN A 83 -7.21 -22.18 -1.00
N ASN A 84 -6.24 -22.80 -0.33
CA ASN A 84 -6.41 -23.80 0.74
C ASN A 84 -6.79 -23.18 2.09
N LYS A 85 -7.39 -21.99 2.07
CA LYS A 85 -7.50 -21.10 3.22
C LYS A 85 -6.15 -20.75 3.87
N VAL A 86 -5.04 -21.06 3.22
CA VAL A 86 -3.70 -20.70 3.67
C VAL A 86 -3.59 -19.18 3.66
N VAL A 87 -3.31 -18.54 4.78
CA VAL A 87 -3.10 -17.10 4.88
C VAL A 87 -1.73 -16.83 4.24
N ILE A 88 -1.71 -16.61 2.92
CA ILE A 88 -0.50 -16.23 2.21
C ILE A 88 -0.05 -14.83 2.66
N GLY A 89 -0.99 -13.98 3.07
CA GLY A 89 -0.71 -12.63 3.50
C GLY A 89 -2.00 -11.93 3.87
N TRP A 90 -1.95 -10.61 3.98
CA TRP A 90 -3.08 -9.82 4.45
C TRP A 90 -3.21 -8.58 3.59
N ASP A 91 -4.46 -8.14 3.46
CA ASP A 91 -4.82 -6.89 2.83
C ASP A 91 -4.65 -5.84 3.93
N LYS A 92 -3.49 -5.23 4.11
CA LYS A 92 -3.40 -4.02 4.97
C LYS A 92 -3.68 -2.78 4.12
N TYR A 93 -4.79 -2.11 4.39
CA TYR A 93 -5.29 -0.94 3.66
C TYR A 93 -4.69 0.34 4.27
N PHE A 94 -4.65 1.47 3.53
CA PHE A 94 -4.15 2.77 4.01
C PHE A 94 -5.05 3.94 3.61
N GLU A 95 -5.06 5.02 4.40
CA GLU A 95 -5.79 6.27 4.14
C GLU A 95 -4.83 7.43 3.85
N ILE A 96 -4.08 7.40 2.75
CA ILE A 96 -3.07 8.42 2.51
C ILE A 96 -3.76 9.75 2.17
N PRO A 97 -3.29 10.92 2.66
CA PRO A 97 -3.64 12.20 2.07
C PRO A 97 -3.02 12.33 0.69
N MET A 98 -3.77 12.93 -0.23
CA MET A 98 -3.22 13.35 -1.51
C MET A 98 -2.30 14.56 -1.37
N ASP A 99 -2.60 15.53 -0.48
CA ASP A 99 -1.91 16.84 -0.49
C ASP A 99 -0.60 16.85 0.34
N ALA A 100 -0.32 15.79 1.10
CA ALA A 100 0.89 15.70 1.94
C ALA A 100 1.96 14.77 1.34
N LEU A 101 1.95 14.57 0.02
CA LEU A 101 2.88 13.69 -0.67
C LEU A 101 4.01 14.48 -1.35
N GLN A 102 5.16 13.81 -1.48
CA GLN A 102 6.41 14.33 -2.04
C GLN A 102 6.37 14.36 -3.56
N ASP A 103 5.66 13.42 -4.17
CA ASP A 103 5.52 13.21 -5.61
C ASP A 103 4.02 13.07 -5.89
N ASN A 104 3.58 13.29 -7.14
CA ASN A 104 2.31 12.74 -7.64
C ASN A 104 2.44 11.23 -7.90
N SER A 105 3.15 10.47 -7.05
CA SER A 105 3.15 9.03 -7.12
C SER A 105 3.18 8.43 -5.73
N ILE A 106 2.37 7.41 -5.47
CA ILE A 106 2.45 6.63 -4.25
C ILE A 106 3.56 5.57 -4.44
N GLN A 107 4.01 4.99 -3.33
CA GLN A 107 4.90 3.85 -3.22
C GLN A 107 4.98 3.54 -1.72
N ILE A 108 4.97 2.25 -1.35
CA ILE A 108 5.07 1.79 0.03
C ILE A 108 6.40 1.04 0.17
N LYS A 109 6.96 0.96 1.38
CA LYS A 109 8.15 0.15 1.66
C LYS A 109 8.07 -0.37 3.10
N ALA A 110 8.77 -1.45 3.43
CA ALA A 110 8.80 -2.04 4.77
C ALA A 110 10.05 -2.92 4.94
N LEU A 111 10.49 -3.14 6.19
CA LEU A 111 11.52 -4.11 6.58
C LEU A 111 10.88 -5.50 6.63
N SER A 112 11.60 -6.48 6.09
CA SER A 112 11.27 -7.89 6.14
C SER A 112 11.89 -8.50 7.39
N SER A 113 13.22 -8.64 7.42
CA SER A 113 13.99 -9.32 8.44
C SER A 113 15.40 -8.75 8.39
N GLY A 114 16.14 -8.77 9.50
CA GLY A 114 17.50 -8.25 9.58
C GLY A 114 17.55 -6.79 9.18
N THR A 115 17.99 -6.53 7.96
CA THR A 115 18.10 -5.19 7.41
C THR A 115 17.36 -5.09 6.05
N THR A 116 16.92 -6.25 5.53
CA THR A 116 16.34 -6.51 4.22
C THR A 116 15.04 -5.72 4.06
N PHE A 117 15.08 -4.66 3.28
CA PHE A 117 13.96 -3.75 3.07
C PHE A 117 13.41 -3.99 1.67
N VAL A 118 12.08 -3.87 1.53
CA VAL A 118 11.38 -4.16 0.29
C VAL A 118 10.54 -2.94 -0.05
N TYR A 119 10.57 -2.53 -1.33
CA TYR A 119 9.92 -1.34 -1.84
C TYR A 119 8.92 -1.79 -2.91
N SER A 120 7.71 -1.22 -2.87
CA SER A 120 6.70 -1.43 -3.89
C SER A 120 7.13 -0.78 -5.20
N GLN A 121 6.33 -0.93 -6.25
CA GLN A 121 6.51 -0.12 -7.45
C GLN A 121 6.28 1.37 -7.14
N LYS A 122 6.57 2.25 -8.09
CA LYS A 122 6.02 3.61 -8.15
C LYS A 122 4.69 3.54 -8.91
N ILE A 123 3.66 4.27 -8.46
CA ILE A 123 2.39 4.45 -9.16
C ILE A 123 2.10 5.94 -9.13
N ASP A 124 2.44 6.61 -10.23
CA ASP A 124 2.03 7.99 -10.49
C ASP A 124 0.52 8.07 -10.59
N PHE A 125 -0.06 9.20 -10.23
CA PHE A 125 -1.50 9.40 -10.30
C PHE A 125 -1.79 10.89 -10.49
N GLU A 126 -2.96 11.18 -11.06
CA GLU A 126 -3.41 12.56 -11.22
C GLU A 126 -4.28 12.96 -10.05
N ARG A 127 -4.36 14.26 -9.83
CA ARG A 127 -5.10 14.89 -8.77
C ARG A 127 -6.08 15.85 -9.41
N GLU A 128 -7.31 15.39 -9.53
CA GLU A 128 -8.47 16.21 -9.74
C GLU A 128 -8.64 17.05 -8.49
N GLY A 1 7.45 -26.68 3.85
CA GLY A 1 7.03 -25.70 4.85
C GLY A 1 6.37 -24.49 4.21
N ALA A 2 5.85 -23.60 5.06
CA ALA A 2 5.36 -22.26 4.81
C ALA A 2 5.03 -21.74 6.20
N GLU A 3 6.07 -21.36 6.93
CA GLU A 3 5.99 -20.89 8.31
C GLU A 3 5.49 -19.44 8.32
N ALA A 4 5.66 -18.70 9.42
CA ALA A 4 5.46 -17.26 9.40
C ALA A 4 6.72 -16.55 8.86
N LEU A 5 7.05 -16.70 7.57
CA LEU A 5 8.14 -16.01 6.94
C LEU A 5 7.93 -14.51 7.01
N PRO A 6 9.01 -13.73 6.97
CA PRO A 6 8.92 -12.30 6.80
C PRO A 6 8.56 -11.97 5.35
N LEU A 7 8.01 -10.77 5.21
CA LEU A 7 7.43 -10.13 4.04
C LEU A 7 8.24 -10.29 2.75
N TYR A 8 7.94 -11.31 1.97
CA TYR A 8 8.70 -11.70 0.79
C TYR A 8 8.21 -11.03 -0.50
N TYR A 9 7.23 -10.13 -0.44
CA TYR A 9 6.66 -9.45 -1.60
C TYR A 9 5.94 -8.20 -1.14
N LEU A 10 5.93 -7.14 -1.96
CA LEU A 10 5.15 -5.97 -1.66
C LEU A 10 4.60 -5.44 -2.98
N GLN A 11 3.34 -5.03 -2.97
CA GLN A 11 2.69 -4.46 -4.13
C GLN A 11 1.49 -3.62 -3.68
N ILE A 12 1.29 -2.46 -4.31
CA ILE A 12 0.09 -1.65 -4.06
C ILE A 12 -1.19 -2.46 -4.33
N THR A 13 -1.20 -3.36 -5.33
CA THR A 13 -2.29 -4.31 -5.58
C THR A 13 -3.60 -3.64 -6.05
N GLY A 14 -4.28 -2.84 -5.23
CA GLY A 14 -5.40 -2.01 -5.69
C GLY A 14 -5.41 -0.66 -5.00
N ILE A 15 -6.08 0.31 -5.63
CA ILE A 15 -6.06 1.71 -5.27
C ILE A 15 -7.40 2.31 -5.67
N THR A 16 -7.88 3.29 -4.91
CA THR A 16 -9.02 4.09 -5.27
C THR A 16 -8.98 5.38 -4.45
N SER A 17 -10.03 6.18 -4.49
CA SER A 17 -10.19 7.38 -3.69
C SER A 17 -11.68 7.56 -3.40
N ASP A 18 -11.98 8.47 -2.47
CA ASP A 18 -13.34 8.88 -2.11
C ASP A 18 -14.07 9.46 -3.31
N GLY A 19 -13.38 10.21 -4.17
CA GLY A 19 -13.92 10.72 -5.43
C GLY A 19 -13.99 9.70 -6.58
N ASN A 20 -13.61 8.42 -6.38
CA ASN A 20 -13.46 7.45 -7.48
C ASN A 20 -14.57 6.41 -7.52
N ASP A 21 -15.69 6.63 -6.82
CA ASP A 21 -16.75 5.61 -6.63
C ASP A 21 -16.20 4.40 -5.87
N PHE A 22 -15.06 4.58 -5.18
CA PHE A 22 -14.31 3.56 -4.48
C PHE A 22 -13.92 2.40 -5.41
N ALA A 23 -13.89 2.61 -6.74
CA ALA A 23 -13.46 1.68 -7.78
C ALA A 23 -11.99 1.29 -7.56
N TRP A 24 -11.75 0.10 -7.01
CA TRP A 24 -10.49 -0.42 -6.47
C TRP A 24 -9.40 -0.81 -7.46
N ASP A 25 -9.74 -0.94 -8.74
CA ASP A 25 -8.82 -1.06 -9.89
C ASP A 25 -7.62 -1.98 -9.61
N ASN A 26 -7.76 -3.31 -9.81
CA ASN A 26 -6.65 -4.26 -9.66
C ASN A 26 -5.48 -3.89 -10.58
N LEU A 27 -4.38 -3.46 -10.00
CA LEU A 27 -3.22 -2.94 -10.70
C LEU A 27 -2.38 -4.09 -11.24
N THR A 28 -1.85 -3.91 -12.44
CA THR A 28 -0.98 -4.87 -13.11
C THR A 28 0.33 -5.10 -12.34
N SER A 29 0.94 -6.27 -12.54
CA SER A 29 2.16 -6.73 -11.89
C SER A 29 3.39 -5.85 -12.19
N SER A 30 3.31 -4.94 -13.15
CA SER A 30 4.33 -3.94 -13.44
C SER A 30 3.68 -2.59 -13.80
N GLN A 31 2.52 -2.29 -13.19
CA GLN A 31 1.89 -0.98 -13.31
C GLN A 31 2.92 0.06 -12.81
N THR A 32 2.97 1.23 -13.45
CA THR A 32 3.88 2.32 -13.09
C THR A 32 3.16 3.68 -13.07
N LYS A 33 1.85 3.69 -13.33
CA LYS A 33 0.99 4.87 -13.26
C LYS A 33 -0.44 4.42 -12.96
N ALA A 34 -1.25 5.34 -12.44
CA ALA A 34 -2.59 5.04 -11.98
C ALA A 34 -3.51 4.66 -13.13
N PRO A 35 -4.55 3.87 -12.86
CA PRO A 35 -5.51 3.41 -13.85
C PRO A 35 -6.38 4.55 -14.39
N ASN A 36 -6.72 5.56 -13.59
CA ASN A 36 -7.58 6.67 -13.97
C ASN A 36 -7.21 7.84 -13.04
N VAL A 37 -7.80 9.01 -13.26
CA VAL A 37 -7.64 10.17 -12.39
C VAL A 37 -8.27 9.82 -11.03
N LEU A 38 -7.44 9.75 -9.98
CA LEU A 38 -7.85 9.65 -8.59
C LEU A 38 -8.31 11.02 -8.10
N LYS A 39 -9.62 11.25 -8.14
CA LYS A 39 -10.26 12.46 -7.64
C LYS A 39 -10.23 12.49 -6.12
N GLY A 40 -10.66 13.59 -5.49
CA GLY A 40 -10.64 13.65 -4.03
C GLY A 40 -9.21 13.81 -3.50
N ASN A 41 -9.02 13.61 -2.19
CA ASN A 41 -7.71 13.58 -1.53
C ASN A 41 -7.51 12.33 -0.68
N LYS A 42 -8.58 11.67 -0.24
CA LYS A 42 -8.50 10.49 0.61
C LYS A 42 -8.21 9.28 -0.26
N LEU A 43 -6.92 9.03 -0.40
CA LEU A 43 -6.33 7.95 -1.15
C LEU A 43 -6.57 6.67 -0.35
N TYR A 44 -7.24 5.70 -0.96
CA TYR A 44 -7.48 4.40 -0.36
C TYR A 44 -6.66 3.38 -1.12
N VAL A 45 -5.86 2.61 -0.39
CA VAL A 45 -5.00 1.58 -0.95
C VAL A 45 -5.37 0.26 -0.28
N LYS A 46 -5.22 -0.85 -1.00
CA LYS A 46 -5.48 -2.23 -0.55
C LYS A 46 -4.21 -3.00 -0.90
N ALA A 47 -3.23 -3.01 0.01
CA ALA A 47 -1.86 -3.39 -0.33
C ALA A 47 -1.58 -4.79 0.18
N ARG A 48 -1.10 -5.68 -0.69
CA ARG A 48 -0.93 -7.09 -0.34
C ARG A 48 0.43 -7.32 0.27
N PHE A 49 0.49 -7.93 1.45
CA PHE A 49 1.70 -8.25 2.18
C PHE A 49 1.81 -9.77 2.24
N MET A 50 2.76 -10.36 1.50
CA MET A 50 2.94 -11.80 1.49
C MET A 50 3.99 -12.10 2.53
N GLY A 51 3.60 -12.69 3.65
CA GLY A 51 4.47 -12.90 4.80
C GLY A 51 4.27 -11.83 5.87
N TYR A 52 4.75 -12.12 7.08
CA TYR A 52 4.54 -11.29 8.26
C TYR A 52 5.31 -9.99 8.14
N THR A 53 4.68 -8.88 8.52
CA THR A 53 5.19 -7.54 8.79
C THR A 53 4.03 -6.65 9.25
N LYS A 54 4.09 -6.18 10.48
CA LYS A 54 3.27 -5.08 11.00
C LYS A 54 4.12 -3.79 11.14
N LEU A 55 5.09 -3.59 10.24
CA LEU A 55 6.10 -2.52 10.31
C LEU A 55 6.17 -1.80 8.95
N THR A 56 5.04 -1.26 8.50
CA THR A 56 4.95 -0.41 7.31
C THR A 56 5.57 0.97 7.60
N VAL A 57 6.01 1.68 6.56
CA VAL A 57 6.50 3.06 6.57
C VAL A 57 6.00 3.74 5.28
N ILE A 58 5.85 5.06 5.29
CA ILE A 58 5.59 5.90 4.12
C ILE A 58 6.34 7.21 4.40
N THR A 59 7.34 7.58 3.60
CA THR A 59 8.25 8.69 3.87
C THR A 59 7.61 10.07 3.59
N GLY A 60 6.56 10.13 2.76
CA GLY A 60 5.88 11.38 2.44
C GLY A 60 6.78 12.34 1.67
N LYS A 61 6.56 13.64 1.88
CA LYS A 61 7.38 14.75 1.38
C LYS A 61 8.23 15.36 2.46
N ASP A 62 7.81 15.26 3.73
CA ASP A 62 8.56 15.75 4.88
C ASP A 62 9.78 14.86 5.15
N GLY A 63 9.76 13.62 4.65
CA GLY A 63 10.86 12.66 4.78
C GLY A 63 10.77 11.87 6.09
N LYS A 64 9.57 11.70 6.64
CA LYS A 64 9.31 11.04 7.91
C LYS A 64 8.02 10.23 7.79
N ASN A 65 7.87 9.24 8.67
CA ASN A 65 6.84 8.21 8.64
C ASN A 65 5.43 8.80 8.78
N LEU A 66 4.72 9.00 7.66
CA LEU A 66 3.38 9.60 7.63
C LEU A 66 2.39 8.88 8.54
N LEU A 67 2.48 7.54 8.62
CA LEU A 67 1.61 6.73 9.44
C LEU A 67 1.84 6.91 10.95
N TYR A 68 2.94 7.56 11.36
CA TYR A 68 3.24 7.97 12.73
C TYR A 68 3.15 9.49 12.84
N ASN A 69 2.71 10.18 11.79
CA ASN A 69 2.55 11.63 11.73
C ASN A 69 1.09 11.94 12.06
N GLY A 70 0.17 11.70 11.13
CA GLY A 70 -1.26 11.76 11.43
C GLY A 70 -2.19 11.65 10.23
N THR A 71 -1.77 12.02 9.02
CA THR A 71 -2.70 12.16 7.90
C THR A 71 -2.86 10.85 7.10
N ALA A 72 -1.99 9.86 7.31
CA ALA A 72 -2.17 8.50 6.80
C ALA A 72 -2.33 7.58 8.01
N LYS A 73 -3.15 6.55 7.90
CA LYS A 73 -3.44 5.62 8.99
C LYS A 73 -4.06 4.35 8.41
N MET A 74 -3.83 3.21 9.05
CA MET A 74 -4.59 2.01 8.76
C MET A 74 -5.83 1.94 9.65
N PHE A 75 -6.93 1.45 9.08
CA PHE A 75 -8.23 1.33 9.73
C PHE A 75 -8.94 0.02 9.38
N LYS A 76 -8.37 -0.87 8.54
CA LYS A 76 -8.99 -2.07 8.01
C LYS A 76 -7.89 -3.05 7.57
N SER A 77 -8.02 -4.34 7.85
CA SER A 77 -7.10 -5.38 7.41
C SER A 77 -7.83 -6.72 7.38
N ASP A 78 -7.99 -7.33 6.20
CA ASP A 78 -8.67 -8.61 6.02
C ASP A 78 -7.62 -9.72 5.87
N ALA A 79 -8.04 -10.89 5.41
CA ALA A 79 -7.19 -12.02 5.11
C ALA A 79 -7.11 -12.27 3.60
N ILE A 80 -6.08 -13.00 3.20
CA ILE A 80 -5.81 -13.52 1.86
C ILE A 80 -5.46 -14.99 2.04
N LEU A 81 -6.40 -15.88 1.77
CA LEU A 81 -6.08 -17.31 1.78
C LEU A 81 -5.44 -17.66 0.45
N GLY A 82 -4.52 -18.63 0.46
CA GLY A 82 -3.76 -19.01 -0.72
C GLY A 82 -4.62 -19.84 -1.66
N GLN A 83 -4.66 -21.15 -1.40
CA GLN A 83 -5.48 -22.15 -2.08
C GLN A 83 -5.88 -23.23 -1.05
N ASN A 84 -4.90 -23.71 -0.26
CA ASN A 84 -5.10 -24.73 0.77
C ASN A 84 -5.27 -24.08 2.15
N LYS A 85 -6.12 -23.06 2.30
CA LYS A 85 -6.35 -22.33 3.55
C LYS A 85 -5.08 -21.71 4.17
N VAL A 86 -3.99 -21.61 3.41
CA VAL A 86 -2.73 -21.04 3.88
C VAL A 86 -2.95 -19.54 4.03
N VAL A 87 -2.58 -18.95 5.17
CA VAL A 87 -2.62 -17.51 5.42
C VAL A 87 -1.43 -16.90 4.67
N ILE A 88 -1.52 -16.78 3.33
CA ILE A 88 -0.38 -16.30 2.54
C ILE A 88 -0.07 -14.84 2.87
N GLY A 89 -1.07 -14.06 3.25
CA GLY A 89 -0.88 -12.66 3.54
C GLY A 89 -2.16 -12.03 4.04
N TRP A 90 -2.13 -10.71 4.16
CA TRP A 90 -3.26 -9.89 4.55
C TRP A 90 -3.21 -8.66 3.65
N ASP A 91 -4.37 -8.15 3.26
CA ASP A 91 -4.48 -7.08 2.26
C ASP A 91 -4.68 -5.76 3.01
N LYS A 92 -3.68 -5.40 3.80
CA LYS A 92 -3.74 -4.29 4.73
C LYS A 92 -4.07 -3.03 3.95
N TYR A 93 -5.22 -2.43 4.28
CA TYR A 93 -5.65 -1.21 3.63
C TYR A 93 -4.84 -0.06 4.25
N PHE A 94 -4.87 1.13 3.66
CA PHE A 94 -4.36 2.35 4.27
C PHE A 94 -5.18 3.53 3.75
N GLU A 95 -5.42 4.54 4.58
CA GLU A 95 -5.71 5.91 4.15
C GLU A 95 -4.37 6.60 3.98
N ILE A 96 -4.17 7.33 2.88
CA ILE A 96 -3.07 8.27 2.65
C ILE A 96 -3.71 9.55 2.06
N PRO A 97 -3.08 10.72 2.19
CA PRO A 97 -3.37 11.89 1.35
C PRO A 97 -2.95 11.63 -0.09
N MET A 98 -3.19 12.61 -0.96
CA MET A 98 -2.63 12.69 -2.32
C MET A 98 -1.79 13.94 -2.52
N ASP A 99 -1.45 14.62 -1.43
CA ASP A 99 -0.75 15.90 -1.44
C ASP A 99 0.28 15.95 -0.29
N ALA A 100 0.66 14.79 0.27
CA ALA A 100 1.70 14.78 1.33
C ALA A 100 2.90 13.91 0.95
N LEU A 101 2.95 13.47 -0.30
CA LEU A 101 3.99 12.66 -0.89
C LEU A 101 4.95 13.59 -1.61
N GLN A 102 6.19 13.13 -1.79
CA GLN A 102 7.25 13.89 -2.40
C GLN A 102 6.97 14.24 -3.88
N ASP A 103 5.95 13.64 -4.49
CA ASP A 103 5.56 13.86 -5.89
C ASP A 103 4.06 13.49 -5.98
N ASN A 104 3.44 13.57 -7.16
CA ASN A 104 2.07 13.12 -7.40
C ASN A 104 2.03 11.60 -7.57
N SER A 105 2.75 10.86 -6.73
CA SER A 105 2.70 9.41 -6.69
C SER A 105 2.66 8.98 -5.24
N ILE A 106 2.10 7.80 -4.98
CA ILE A 106 2.11 7.17 -3.65
C ILE A 106 3.06 5.99 -3.72
N GLN A 107 3.74 5.64 -2.62
CA GLN A 107 4.49 4.39 -2.50
C GLN A 107 4.56 3.97 -1.02
N ILE A 108 4.37 2.69 -0.75
CA ILE A 108 4.46 2.10 0.59
C ILE A 108 5.83 1.41 0.66
N LYS A 109 6.39 1.27 1.86
CA LYS A 109 7.63 0.50 2.07
C LYS A 109 7.63 -0.17 3.43
N ALA A 110 8.44 -1.22 3.67
CA ALA A 110 8.48 -1.81 5.00
C ALA A 110 9.80 -2.53 5.27
N LEU A 111 10.14 -2.69 6.55
CA LEU A 111 11.12 -3.66 7.03
C LEU A 111 10.52 -5.03 6.81
N SER A 112 11.17 -5.87 6.01
CA SER A 112 10.80 -7.27 5.88
C SER A 112 11.66 -8.09 6.84
N SER A 113 12.88 -8.41 6.41
CA SER A 113 13.84 -9.21 7.12
C SER A 113 14.79 -8.24 7.83
N GLY A 114 15.72 -8.76 8.62
CA GLY A 114 16.74 -8.02 9.33
C GLY A 114 17.41 -6.97 8.44
N THR A 115 16.93 -5.73 8.57
CA THR A 115 17.32 -4.44 8.01
C THR A 115 17.08 -4.36 6.48
N THR A 116 16.58 -5.43 5.86
CA THR A 116 16.01 -5.42 4.53
C THR A 116 14.78 -4.52 4.57
N PHE A 117 14.71 -3.68 3.57
CA PHE A 117 13.58 -2.82 3.32
C PHE A 117 13.14 -3.09 1.90
N VAL A 118 11.90 -3.52 1.75
CA VAL A 118 11.25 -3.57 0.45
C VAL A 118 10.91 -2.13 0.10
N TYR A 119 10.84 -1.82 -1.20
CA TYR A 119 10.15 -0.64 -1.71
C TYR A 119 9.21 -1.04 -2.84
N SER A 120 7.93 -0.67 -2.73
CA SER A 120 6.92 -1.09 -3.70
C SER A 120 7.13 -0.33 -5.03
N GLN A 121 6.27 -0.52 -6.03
CA GLN A 121 6.45 0.09 -7.36
C GLN A 121 5.70 1.41 -7.43
N LYS A 122 6.38 2.49 -7.77
CA LYS A 122 5.82 3.85 -7.79
C LYS A 122 4.61 3.90 -8.71
N ILE A 123 3.49 4.46 -8.22
CA ILE A 123 2.32 4.71 -9.03
C ILE A 123 1.99 6.20 -8.91
N ASP A 124 2.33 6.93 -9.97
CA ASP A 124 1.90 8.32 -10.23
C ASP A 124 0.40 8.33 -10.45
N PHE A 125 -0.30 9.40 -10.09
CA PHE A 125 -1.73 9.57 -10.31
C PHE A 125 -2.01 11.04 -10.67
N GLU A 126 -3.23 11.33 -11.12
CA GLU A 126 -3.61 12.67 -11.56
C GLU A 126 -4.70 13.20 -10.63
N ARG A 127 -4.65 14.51 -10.36
CA ARG A 127 -5.43 15.21 -9.35
C ARG A 127 -6.58 15.94 -10.03
N GLU A 128 -7.66 15.20 -10.24
CA GLU A 128 -8.92 15.64 -10.84
C GLU A 128 -8.75 16.23 -12.24
N GLY A 1 7.57 -25.78 5.17
CA GLY A 1 6.29 -25.75 4.46
C GLY A 1 5.88 -24.33 4.12
N ALA A 2 5.03 -23.71 4.96
CA ALA A 2 4.53 -22.34 4.84
C ALA A 2 4.16 -21.90 6.26
N GLU A 3 5.17 -21.48 7.01
CA GLU A 3 5.03 -20.94 8.36
C GLU A 3 4.70 -19.45 8.24
N ALA A 4 4.83 -18.67 9.31
CA ALA A 4 4.71 -17.22 9.24
C ALA A 4 6.01 -16.60 8.70
N LEU A 5 6.36 -16.79 7.42
CA LEU A 5 7.52 -16.19 6.83
C LEU A 5 7.44 -14.67 6.91
N PRO A 6 8.59 -13.98 7.00
CA PRO A 6 8.64 -12.56 6.88
C PRO A 6 8.32 -12.15 5.44
N LEU A 7 7.92 -10.91 5.28
CA LEU A 7 7.41 -10.29 4.06
C LEU A 7 8.32 -10.54 2.85
N TYR A 8 7.78 -11.18 1.80
CA TYR A 8 8.54 -11.62 0.62
C TYR A 8 8.04 -11.05 -0.71
N TYR A 9 7.03 -10.19 -0.70
CA TYR A 9 6.50 -9.49 -1.87
C TYR A 9 5.96 -8.16 -1.43
N LEU A 10 6.01 -7.13 -2.28
CA LEU A 10 5.41 -5.87 -1.96
C LEU A 10 4.94 -5.20 -3.23
N GLN A 11 3.64 -5.00 -3.33
CA GLN A 11 3.02 -4.19 -4.38
C GLN A 11 1.82 -3.44 -3.78
N ILE A 12 1.48 -2.30 -4.38
CA ILE A 12 0.27 -1.50 -4.08
C ILE A 12 -1.01 -2.28 -4.40
N THR A 13 -1.03 -3.07 -5.47
CA THR A 13 -2.04 -4.07 -5.84
C THR A 13 -3.47 -3.55 -6.17
N GLY A 14 -4.05 -2.63 -5.40
CA GLY A 14 -5.34 -2.01 -5.71
C GLY A 14 -5.40 -0.62 -5.11
N ILE A 15 -6.13 0.30 -5.76
CA ILE A 15 -6.17 1.70 -5.38
C ILE A 15 -7.55 2.29 -5.65
N THR A 16 -7.93 3.31 -4.91
CA THR A 16 -9.00 4.22 -5.27
C THR A 16 -8.79 5.53 -4.51
N SER A 17 -9.63 6.53 -4.77
CA SER A 17 -9.77 7.69 -3.94
C SER A 17 -11.26 7.90 -3.64
N ASP A 18 -11.55 8.81 -2.71
CA ASP A 18 -12.87 9.04 -2.10
C ASP A 18 -13.90 9.64 -3.05
N GLY A 19 -13.48 10.20 -4.17
CA GLY A 19 -14.37 10.69 -5.20
C GLY A 19 -14.60 9.65 -6.30
N ASN A 20 -13.78 8.59 -6.35
CA ASN A 20 -13.64 7.70 -7.51
C ASN A 20 -14.65 6.56 -7.52
N ASP A 21 -15.70 6.60 -6.69
CA ASP A 21 -16.72 5.57 -6.51
C ASP A 21 -16.18 4.35 -5.78
N PHE A 22 -15.07 4.53 -5.06
CA PHE A 22 -14.34 3.47 -4.39
C PHE A 22 -13.99 2.35 -5.41
N ALA A 23 -13.81 2.73 -6.68
CA ALA A 23 -13.42 1.87 -7.79
C ALA A 23 -11.97 1.39 -7.64
N TRP A 24 -11.79 0.25 -6.99
CA TRP A 24 -10.55 -0.31 -6.44
C TRP A 24 -9.45 -0.74 -7.43
N ASP A 25 -9.72 -0.74 -8.73
CA ASP A 25 -8.76 -0.84 -9.84
C ASP A 25 -7.66 -1.88 -9.61
N ASN A 26 -7.88 -3.14 -10.04
CA ASN A 26 -6.85 -4.19 -9.95
C ASN A 26 -5.63 -3.81 -10.79
N LEU A 27 -4.58 -3.31 -10.14
CA LEU A 27 -3.41 -2.76 -10.80
C LEU A 27 -2.69 -3.86 -11.54
N THR A 28 -2.17 -3.54 -12.72
CA THR A 28 -1.47 -4.50 -13.55
C THR A 28 -0.20 -5.03 -12.87
N SER A 29 0.24 -6.21 -13.29
CA SER A 29 1.21 -7.04 -12.58
C SER A 29 2.60 -6.41 -12.48
N SER A 30 2.94 -5.48 -13.39
CA SER A 30 4.09 -4.60 -13.26
C SER A 30 3.69 -3.20 -13.72
N GLN A 31 2.55 -2.71 -13.20
CA GLN A 31 2.12 -1.34 -13.45
C GLN A 31 3.21 -0.37 -12.97
N THR A 32 3.26 0.81 -13.59
CA THR A 32 4.14 1.93 -13.25
C THR A 32 3.40 3.28 -13.26
N LYS A 33 2.13 3.28 -13.65
CA LYS A 33 1.29 4.46 -13.78
C LYS A 33 -0.16 4.12 -13.52
N ALA A 34 -0.87 5.03 -12.88
CA ALA A 34 -2.20 4.82 -12.36
C ALA A 34 -3.19 4.44 -13.47
N PRO A 35 -4.31 3.81 -13.11
CA PRO A 35 -5.40 3.53 -14.02
C PRO A 35 -5.97 4.82 -14.61
N ASN A 36 -6.40 5.77 -13.76
CA ASN A 36 -6.94 7.06 -14.14
C ASN A 36 -6.46 8.00 -13.05
N VAL A 37 -6.84 9.26 -13.13
CA VAL A 37 -6.90 10.14 -11.98
C VAL A 37 -8.07 9.79 -11.08
N LEU A 38 -7.64 9.65 -9.84
CA LEU A 38 -8.32 9.37 -8.62
C LEU A 38 -8.95 10.66 -8.12
N LYS A 39 -10.22 10.91 -8.44
CA LYS A 39 -10.90 12.11 -7.95
C LYS A 39 -11.09 11.95 -6.44
N GLY A 40 -11.04 13.04 -5.68
CA GLY A 40 -11.10 12.99 -4.21
C GLY A 40 -9.74 13.35 -3.59
N ASN A 41 -9.58 13.16 -2.28
CA ASN A 41 -8.33 13.53 -1.58
C ASN A 41 -7.83 12.43 -0.64
N LYS A 42 -8.70 11.59 -0.09
CA LYS A 42 -8.27 10.41 0.64
C LYS A 42 -7.85 9.39 -0.38
N LEU A 43 -6.65 8.85 -0.21
CA LEU A 43 -5.99 7.95 -1.14
C LEU A 43 -6.05 6.58 -0.48
N TYR A 44 -6.91 5.71 -0.98
CA TYR A 44 -7.14 4.39 -0.41
C TYR A 44 -6.33 3.38 -1.20
N VAL A 45 -5.51 2.61 -0.49
CA VAL A 45 -4.69 1.55 -1.05
C VAL A 45 -5.12 0.25 -0.35
N LYS A 46 -5.03 -0.87 -1.07
CA LYS A 46 -5.29 -2.24 -0.61
C LYS A 46 -4.06 -3.05 -0.98
N ALA A 47 -2.97 -2.85 -0.22
CA ALA A 47 -1.67 -3.38 -0.63
C ALA A 47 -1.48 -4.79 -0.10
N ARG A 48 -0.97 -5.68 -0.96
CA ARG A 48 -0.96 -7.11 -0.70
C ARG A 48 0.36 -7.50 -0.05
N PHE A 49 0.41 -7.59 1.27
CA PHE A 49 1.64 -7.90 2.01
C PHE A 49 1.73 -9.41 2.12
N MET A 50 2.51 -10.04 1.24
CA MET A 50 2.72 -11.48 1.29
C MET A 50 3.81 -11.73 2.34
N GLY A 51 3.39 -12.04 3.55
CA GLY A 51 4.26 -12.38 4.68
C GLY A 51 4.12 -11.39 5.84
N TYR A 52 4.61 -11.80 7.01
CA TYR A 52 4.53 -11.02 8.24
C TYR A 52 5.41 -9.78 8.10
N THR A 53 4.82 -8.62 8.36
CA THR A 53 5.48 -7.37 8.66
C THR A 53 4.50 -6.57 9.50
N LYS A 54 5.05 -5.73 10.37
CA LYS A 54 4.30 -4.79 11.20
C LYS A 54 5.00 -3.41 11.19
N LEU A 55 5.89 -3.16 10.22
CA LEU A 55 6.69 -1.95 10.11
C LEU A 55 6.51 -1.37 8.71
N THR A 56 5.29 -0.95 8.38
CA THR A 56 5.05 -0.20 7.14
C THR A 56 5.51 1.24 7.38
N VAL A 57 6.25 1.81 6.42
CA VAL A 57 6.57 3.21 6.34
C VAL A 57 6.02 3.75 5.00
N ILE A 58 5.57 5.02 5.02
CA ILE A 58 5.14 5.81 3.90
C ILE A 58 5.91 7.12 4.10
N THR A 59 6.93 7.39 3.29
CA THR A 59 7.86 8.48 3.55
C THR A 59 7.19 9.86 3.52
N GLY A 60 6.22 10.06 2.62
CA GLY A 60 5.54 11.34 2.50
C GLY A 60 6.48 12.49 2.14
N LYS A 61 5.88 13.67 2.04
CA LYS A 61 6.48 14.92 1.65
C LYS A 61 7.50 15.30 2.71
N ASP A 62 7.07 15.24 3.98
CA ASP A 62 7.88 15.52 5.18
C ASP A 62 9.19 14.73 5.21
N GLY A 63 9.20 13.50 4.66
CA GLY A 63 10.32 12.59 4.82
C GLY A 63 10.30 11.86 6.16
N LYS A 64 9.12 11.71 6.77
CA LYS A 64 8.89 10.94 7.99
C LYS A 64 7.65 10.09 7.78
N ASN A 65 7.55 8.97 8.50
CA ASN A 65 6.48 8.01 8.29
C ASN A 65 5.12 8.67 8.52
N LEU A 66 4.36 8.92 7.45
CA LEU A 66 3.03 9.54 7.53
C LEU A 66 2.11 8.75 8.46
N LEU A 67 2.26 7.43 8.47
CA LEU A 67 1.46 6.51 9.26
C LEU A 67 1.72 6.68 10.76
N TYR A 68 2.82 7.32 11.12
CA TYR A 68 3.17 7.72 12.47
C TYR A 68 3.08 9.26 12.65
N ASN A 69 2.75 10.02 11.60
CA ASN A 69 2.51 11.45 11.64
C ASN A 69 1.11 11.73 12.18
N GLY A 70 0.06 11.19 11.54
CA GLY A 70 -1.29 11.31 12.03
C GLY A 70 -2.38 11.11 10.98
N THR A 71 -2.17 11.53 9.72
CA THR A 71 -3.25 11.51 8.73
C THR A 71 -3.42 10.10 8.18
N ALA A 72 -2.30 9.47 7.83
CA ALA A 72 -2.27 8.11 7.34
C ALA A 72 -2.44 7.18 8.55
N LYS A 73 -3.25 6.14 8.39
CA LYS A 73 -3.40 5.05 9.32
C LYS A 73 -3.78 3.80 8.54
N MET A 74 -3.37 2.64 9.06
CA MET A 74 -4.05 1.40 8.73
C MET A 74 -5.35 1.45 9.51
N PHE A 75 -6.50 1.22 8.86
CA PHE A 75 -7.78 1.18 9.55
C PHE A 75 -8.57 -0.10 9.24
N LYS A 76 -8.05 -0.97 8.37
CA LYS A 76 -8.60 -2.28 8.09
C LYS A 76 -7.43 -3.16 7.65
N SER A 77 -7.49 -4.47 7.91
CA SER A 77 -6.41 -5.38 7.59
C SER A 77 -6.99 -6.76 7.35
N ASP A 78 -7.49 -7.00 6.14
CA ASP A 78 -8.17 -8.25 5.81
C ASP A 78 -7.14 -9.34 5.53
N ALA A 79 -7.58 -10.59 5.53
CA ALA A 79 -6.71 -11.74 5.32
C ALA A 79 -6.57 -12.01 3.83
N ILE A 80 -5.44 -12.61 3.44
CA ILE A 80 -5.20 -13.16 2.11
C ILE A 80 -4.90 -14.61 2.34
N LEU A 81 -5.90 -15.43 2.05
CA LEU A 81 -5.70 -16.88 2.01
C LEU A 81 -4.96 -17.25 0.73
N GLY A 82 -4.11 -18.29 0.76
CA GLY A 82 -3.35 -18.70 -0.42
C GLY A 82 -4.14 -19.73 -1.22
N GLN A 83 -3.62 -20.95 -1.30
CA GLN A 83 -4.28 -22.07 -1.98
C GLN A 83 -4.25 -23.33 -1.10
N ASN A 84 -4.65 -23.18 0.16
CA ASN A 84 -4.81 -24.23 1.19
C ASN A 84 -5.24 -23.60 2.52
N LYS A 85 -6.14 -22.60 2.46
CA LYS A 85 -6.62 -21.76 3.57
C LYS A 85 -5.52 -21.05 4.38
N VAL A 86 -4.26 -21.17 3.99
CA VAL A 86 -3.11 -20.57 4.62
C VAL A 86 -3.18 -19.06 4.52
N VAL A 87 -2.99 -18.34 5.62
CA VAL A 87 -2.91 -16.88 5.65
C VAL A 87 -1.55 -16.48 5.07
N ILE A 88 -1.44 -16.42 3.73
CA ILE A 88 -0.20 -16.05 3.05
C ILE A 88 0.14 -14.57 3.30
N GLY A 89 -0.86 -13.73 3.54
CA GLY A 89 -0.66 -12.30 3.69
C GLY A 89 -1.89 -11.64 4.27
N TRP A 90 -1.85 -10.30 4.34
CA TRP A 90 -2.97 -9.49 4.74
C TRP A 90 -3.01 -8.29 3.81
N ASP A 91 -4.20 -7.94 3.34
CA ASP A 91 -4.43 -6.71 2.61
C ASP A 91 -4.49 -5.65 3.68
N LYS A 92 -3.41 -4.92 3.94
CA LYS A 92 -3.51 -3.74 4.80
C LYS A 92 -4.16 -2.61 3.99
N TYR A 93 -5.27 -2.10 4.50
CA TYR A 93 -6.00 -0.98 3.92
C TYR A 93 -5.53 0.29 4.61
N PHE A 94 -5.15 1.27 3.82
CA PHE A 94 -4.53 2.52 4.26
C PHE A 94 -5.37 3.73 3.86
N GLU A 95 -5.20 4.83 4.60
CA GLU A 95 -5.97 6.07 4.50
C GLU A 95 -5.01 7.24 4.27
N ILE A 96 -4.25 7.23 3.19
CA ILE A 96 -3.22 8.24 3.02
C ILE A 96 -3.89 9.57 2.56
N PRO A 97 -3.42 10.75 2.99
CA PRO A 97 -3.64 12.01 2.26
C PRO A 97 -3.04 11.95 0.86
N MET A 98 -3.30 13.02 0.09
CA MET A 98 -2.63 13.25 -1.19
C MET A 98 -1.54 14.31 -1.00
N ASP A 99 -1.82 15.46 -0.38
CA ASP A 99 -0.83 16.55 -0.37
C ASP A 99 0.22 16.42 0.75
N ALA A 100 0.21 15.31 1.47
CA ALA A 100 1.34 14.95 2.31
C ALA A 100 2.34 14.05 1.57
N LEU A 101 2.29 13.92 0.25
CA LEU A 101 3.09 12.94 -0.49
C LEU A 101 4.29 13.55 -1.18
N GLN A 102 5.35 12.76 -1.29
CA GLN A 102 6.68 13.13 -1.73
C GLN A 102 6.76 13.44 -3.22
N ASP A 103 5.80 12.96 -3.99
CA ASP A 103 5.75 13.02 -5.44
C ASP A 103 4.26 12.92 -5.80
N ASN A 104 3.94 12.99 -7.09
CA ASN A 104 2.64 12.56 -7.60
C ASN A 104 2.77 11.12 -8.06
N SER A 105 3.43 10.30 -7.24
CA SER A 105 3.35 8.87 -7.34
C SER A 105 3.12 8.32 -5.93
N ILE A 106 2.55 7.13 -5.89
CA ILE A 106 2.22 6.42 -4.68
C ILE A 106 3.21 5.26 -4.56
N GLN A 107 3.74 5.09 -3.35
CA GLN A 107 4.60 3.99 -2.96
C GLN A 107 4.35 3.71 -1.47
N ILE A 108 4.69 2.49 -1.04
CA ILE A 108 4.78 2.05 0.33
C ILE A 108 6.15 1.37 0.44
N LYS A 109 6.72 1.25 1.64
CA LYS A 109 7.89 0.40 1.85
C LYS A 109 7.82 -0.21 3.25
N ALA A 110 8.26 -1.47 3.45
CA ALA A 110 8.05 -2.13 4.75
C ALA A 110 9.23 -3.02 5.13
N LEU A 111 9.50 -3.17 6.42
CA LEU A 111 10.62 -3.99 6.91
C LEU A 111 10.31 -5.47 6.69
N SER A 112 11.02 -6.08 5.76
CA SER A 112 10.97 -7.48 5.44
C SER A 112 11.76 -8.26 6.51
N SER A 113 13.10 -8.24 6.43
CA SER A 113 13.95 -9.08 7.25
C SER A 113 15.23 -8.30 7.50
N GLY A 114 15.70 -8.25 8.74
CA GLY A 114 16.93 -7.61 9.15
C GLY A 114 16.81 -6.09 9.07
N THR A 115 17.13 -5.57 7.90
CA THR A 115 17.08 -4.17 7.55
C THR A 115 16.47 -3.95 6.17
N THR A 116 16.14 -5.02 5.43
CA THR A 116 15.54 -4.90 4.12
C THR A 116 14.20 -4.24 4.31
N PHE A 117 14.02 -3.17 3.55
CA PHE A 117 12.81 -2.39 3.53
C PHE A 117 12.35 -2.48 2.08
N VAL A 118 11.45 -3.42 1.79
CA VAL A 118 10.99 -3.65 0.42
C VAL A 118 10.35 -2.37 -0.05
N TYR A 119 10.75 -1.91 -1.22
CA TYR A 119 10.17 -0.79 -1.88
C TYR A 119 9.10 -1.34 -2.80
N SER A 120 7.88 -0.88 -2.64
CA SER A 120 6.84 -1.16 -3.60
C SER A 120 7.20 -0.51 -4.93
N GLN A 121 6.44 -0.82 -5.98
CA GLN A 121 6.60 -0.13 -7.24
C GLN A 121 6.29 1.37 -7.08
N LYS A 122 6.75 2.18 -8.04
CA LYS A 122 6.30 3.55 -8.23
C LYS A 122 5.07 3.51 -9.14
N ILE A 123 3.98 4.17 -8.74
CA ILE A 123 2.82 4.40 -9.58
C ILE A 123 2.61 5.91 -9.61
N ASP A 124 3.09 6.55 -10.68
CA ASP A 124 2.72 7.93 -11.01
C ASP A 124 1.21 8.00 -11.15
N PHE A 125 0.57 9.04 -10.62
CA PHE A 125 -0.89 9.21 -10.64
C PHE A 125 -1.26 10.66 -10.92
N GLU A 126 -2.54 10.95 -11.12
CA GLU A 126 -2.98 12.29 -11.41
C GLU A 126 -3.85 12.76 -10.27
N ARG A 127 -3.68 14.04 -9.96
CA ARG A 127 -4.47 14.80 -9.01
C ARG A 127 -5.29 15.67 -9.95
N GLU A 128 -6.59 15.46 -9.92
CA GLU A 128 -7.57 15.98 -10.88
C GLU A 128 -7.39 17.46 -11.25
N GLY A 1 8.92 -25.50 6.29
CA GLY A 1 7.51 -25.67 5.95
C GLY A 1 6.96 -24.36 5.39
N ALA A 2 5.87 -23.86 5.97
CA ALA A 2 5.26 -22.58 5.69
C ALA A 2 4.77 -22.04 7.03
N GLU A 3 5.75 -21.74 7.88
CA GLU A 3 5.61 -21.01 9.14
C GLU A 3 5.15 -19.58 8.86
N ALA A 4 5.14 -18.71 9.87
CA ALA A 4 5.02 -17.27 9.66
C ALA A 4 6.33 -16.69 9.12
N LEU A 5 6.67 -16.88 7.84
CA LEU A 5 7.80 -16.22 7.23
C LEU A 5 7.62 -14.71 7.25
N PRO A 6 8.73 -13.95 7.22
CA PRO A 6 8.68 -12.51 7.05
C PRO A 6 8.34 -12.15 5.60
N LEU A 7 8.04 -10.87 5.39
CA LEU A 7 7.58 -10.29 4.13
C LEU A 7 8.48 -10.63 2.93
N TYR A 8 7.91 -11.31 1.93
CA TYR A 8 8.61 -11.70 0.70
C TYR A 8 8.00 -11.08 -0.56
N TYR A 9 7.20 -10.02 -0.45
CA TYR A 9 6.56 -9.36 -1.59
C TYR A 9 6.22 -7.93 -1.21
N LEU A 10 6.22 -6.98 -2.15
CA LEU A 10 5.64 -5.64 -1.97
C LEU A 10 4.89 -5.19 -3.20
N GLN A 11 3.58 -4.94 -3.10
CA GLN A 11 2.79 -4.49 -4.24
C GLN A 11 1.52 -3.76 -3.83
N ILE A 12 1.33 -2.55 -4.38
CA ILE A 12 0.15 -1.70 -4.16
C ILE A 12 -1.17 -2.44 -4.42
N THR A 13 -1.25 -3.31 -5.42
CA THR A 13 -2.35 -4.26 -5.66
C THR A 13 -3.71 -3.63 -6.00
N GLY A 14 -4.29 -2.77 -5.17
CA GLY A 14 -5.43 -1.95 -5.54
C GLY A 14 -5.30 -0.58 -4.91
N ILE A 15 -5.96 0.40 -5.52
CA ILE A 15 -5.86 1.80 -5.12
C ILE A 15 -7.16 2.47 -5.60
N THR A 16 -7.64 3.49 -4.90
CA THR A 16 -8.78 4.30 -5.29
C THR A 16 -8.82 5.54 -4.40
N SER A 17 -9.90 6.34 -4.43
CA SER A 17 -10.10 7.41 -3.49
C SER A 17 -11.60 7.64 -3.21
N ASP A 18 -11.87 8.50 -2.23
CA ASP A 18 -13.20 8.96 -1.85
C ASP A 18 -13.94 9.56 -3.04
N GLY A 19 -13.26 10.42 -3.81
CA GLY A 19 -13.81 11.00 -5.03
C GLY A 19 -13.70 10.11 -6.27
N ASN A 20 -13.40 8.80 -6.15
CA ASN A 20 -13.24 7.89 -7.29
C ASN A 20 -14.37 6.87 -7.40
N ASP A 21 -15.47 7.06 -6.67
CA ASP A 21 -16.57 6.09 -6.58
C ASP A 21 -16.12 4.84 -5.82
N PHE A 22 -15.05 4.97 -5.03
CA PHE A 22 -14.38 3.91 -4.27
C PHE A 22 -13.93 2.76 -5.17
N ALA A 23 -13.76 3.02 -6.48
CA ALA A 23 -13.37 2.09 -7.53
C ALA A 23 -11.94 1.59 -7.36
N TRP A 24 -11.77 0.52 -6.59
CA TRP A 24 -10.51 -0.07 -6.10
C TRP A 24 -9.50 -0.49 -7.16
N ASP A 25 -9.93 -0.58 -8.42
CA ASP A 25 -9.18 -1.08 -9.54
C ASP A 25 -8.52 -2.43 -9.24
N ASN A 26 -7.68 -2.96 -10.13
CA ASN A 26 -6.85 -4.13 -9.87
C ASN A 26 -5.53 -3.91 -10.60
N LEU A 27 -4.53 -3.46 -9.86
CA LEU A 27 -3.28 -3.02 -10.45
C LEU A 27 -2.51 -4.23 -10.94
N THR A 28 -1.89 -4.10 -12.11
CA THR A 28 -1.15 -5.17 -12.75
C THR A 28 0.13 -5.47 -11.96
N SER A 29 0.65 -6.69 -12.07
CA SER A 29 1.81 -7.19 -11.32
C SER A 29 3.15 -6.55 -11.75
N SER A 30 3.11 -5.56 -12.67
CA SER A 30 4.26 -4.74 -13.03
C SER A 30 3.83 -3.31 -13.39
N GLN A 31 2.66 -2.86 -12.92
CA GLN A 31 2.16 -1.50 -13.18
C GLN A 31 3.21 -0.46 -12.71
N THR A 32 3.20 0.71 -13.35
CA THR A 32 4.08 1.82 -13.07
C THR A 32 3.33 3.16 -13.01
N LYS A 33 2.06 3.22 -13.41
CA LYS A 33 1.24 4.41 -13.34
C LYS A 33 -0.19 3.98 -13.04
N ALA A 34 -0.95 4.81 -12.35
CA ALA A 34 -2.28 4.49 -11.85
C ALA A 34 -3.24 4.20 -13.01
N PRO A 35 -4.35 3.53 -12.73
CA PRO A 35 -5.45 3.39 -13.68
C PRO A 35 -6.09 4.74 -13.98
N ASN A 36 -6.02 5.72 -13.06
CA ASN A 36 -6.89 6.87 -13.13
C ASN A 36 -6.36 8.07 -12.35
N VAL A 37 -6.92 9.21 -12.67
CA VAL A 37 -6.96 10.45 -11.91
C VAL A 37 -7.97 10.34 -10.77
N LEU A 38 -7.46 9.90 -9.63
CA LEU A 38 -8.13 9.77 -8.34
C LEU A 38 -8.50 11.16 -7.81
N LYS A 39 -9.80 11.50 -7.74
CA LYS A 39 -10.26 12.77 -7.18
C LYS A 39 -10.38 12.69 -5.65
N GLY A 40 -10.58 13.81 -4.97
CA GLY A 40 -10.61 13.85 -3.51
C GLY A 40 -9.18 13.95 -2.95
N ASN A 41 -9.00 13.80 -1.64
CA ASN A 41 -7.67 13.72 -1.03
C ASN A 41 -7.44 12.38 -0.33
N LYS A 42 -8.50 11.71 0.16
CA LYS A 42 -8.33 10.44 0.85
C LYS A 42 -8.07 9.36 -0.19
N LEU A 43 -6.82 8.95 -0.26
CA LEU A 43 -6.26 7.92 -1.12
C LEU A 43 -6.44 6.63 -0.34
N TYR A 44 -7.19 5.69 -0.91
CA TYR A 44 -7.42 4.38 -0.35
C TYR A 44 -6.60 3.40 -1.17
N VAL A 45 -5.79 2.57 -0.54
CA VAL A 45 -4.88 1.65 -1.22
C VAL A 45 -4.96 0.37 -0.40
N LYS A 46 -4.83 -0.77 -1.06
CA LYS A 46 -5.05 -2.10 -0.49
C LYS A 46 -3.89 -2.96 -0.97
N ALA A 47 -2.76 -2.90 -0.24
CA ALA A 47 -1.51 -3.48 -0.69
C ALA A 47 -1.32 -4.88 -0.11
N ARG A 48 -0.77 -5.79 -0.93
CA ARG A 48 -0.71 -7.21 -0.61
C ARG A 48 0.59 -7.53 0.13
N PHE A 49 0.53 -7.73 1.44
CA PHE A 49 1.73 -8.07 2.25
C PHE A 49 1.78 -9.58 2.43
N MET A 50 2.52 -10.23 1.52
CA MET A 50 2.77 -11.66 1.53
C MET A 50 3.90 -11.91 2.53
N GLY A 51 3.50 -12.27 3.74
CA GLY A 51 4.41 -12.54 4.86
C GLY A 51 4.21 -11.54 5.99
N TYR A 52 4.75 -11.86 7.17
CA TYR A 52 4.62 -11.04 8.38
C TYR A 52 5.43 -9.75 8.21
N THR A 53 4.79 -8.63 8.54
CA THR A 53 5.45 -7.34 8.76
C THR A 53 4.51 -6.52 9.65
N LYS A 54 5.11 -5.66 10.49
CA LYS A 54 4.44 -4.64 11.29
C LYS A 54 5.31 -3.37 11.36
N LEU A 55 6.05 -3.07 10.29
CA LEU A 55 6.92 -1.91 10.14
C LEU A 55 6.62 -1.26 8.78
N THR A 56 5.37 -0.85 8.58
CA THR A 56 4.95 -0.07 7.41
C THR A 56 5.50 1.34 7.54
N VAL A 57 6.04 1.92 6.47
CA VAL A 57 6.52 3.29 6.42
C VAL A 57 6.04 3.88 5.07
N ILE A 58 5.86 5.20 5.03
CA ILE A 58 5.45 5.97 3.86
C ILE A 58 6.19 7.29 4.02
N THR A 59 7.08 7.65 3.10
CA THR A 59 8.00 8.79 3.23
C THR A 59 7.24 10.12 3.19
N GLY A 60 6.18 10.20 2.39
CA GLY A 60 5.41 11.41 2.19
C GLY A 60 6.22 12.57 1.64
N LYS A 61 5.60 13.74 1.63
CA LYS A 61 6.11 15.01 1.20
C LYS A 61 7.19 15.48 2.15
N ASP A 62 6.82 15.58 3.43
CA ASP A 62 7.69 16.03 4.51
C ASP A 62 8.97 15.20 4.61
N GLY A 63 8.92 13.93 4.21
CA GLY A 63 10.01 12.97 4.34
C GLY A 63 9.90 12.11 5.61
N LYS A 64 8.78 12.18 6.34
CA LYS A 64 8.59 11.48 7.58
C LYS A 64 7.42 10.51 7.46
N ASN A 65 7.42 9.50 8.33
CA ASN A 65 6.50 8.38 8.32
C ASN A 65 5.07 8.89 8.43
N LEU A 66 4.34 8.98 7.31
CA LEU A 66 2.99 9.56 7.30
C LEU A 66 2.03 8.82 8.24
N LEU A 67 2.28 7.54 8.51
CA LEU A 67 1.48 6.76 9.46
C LEU A 67 1.73 7.15 10.92
N TYR A 68 2.75 7.96 11.21
CA TYR A 68 3.07 8.49 12.52
C TYR A 68 3.19 10.02 12.50
N ASN A 69 2.74 10.62 11.41
CA ASN A 69 2.34 12.03 11.35
C ASN A 69 0.94 12.08 11.96
N GLY A 70 -0.08 11.71 11.19
CA GLY A 70 -1.45 11.54 11.67
C GLY A 70 -2.50 11.65 10.59
N THR A 71 -2.13 12.08 9.38
CA THR A 71 -3.06 12.25 8.28
C THR A 71 -3.27 10.92 7.53
N ALA A 72 -2.36 9.95 7.70
CA ALA A 72 -2.55 8.58 7.27
C ALA A 72 -2.50 7.64 8.46
N LYS A 73 -3.24 6.53 8.33
CA LYS A 73 -3.27 5.43 9.28
C LYS A 73 -3.94 4.25 8.57
N MET A 74 -3.59 3.01 8.93
CA MET A 74 -4.31 1.83 8.43
C MET A 74 -5.58 1.59 9.25
N PHE A 75 -6.64 1.13 8.59
CA PHE A 75 -7.98 1.01 9.20
C PHE A 75 -8.70 -0.29 8.85
N LYS A 76 -8.14 -1.17 8.03
CA LYS A 76 -8.76 -2.43 7.60
C LYS A 76 -7.64 -3.38 7.19
N SER A 77 -7.81 -4.69 7.35
CA SER A 77 -6.76 -5.66 7.06
C SER A 77 -7.40 -7.03 6.80
N ASP A 78 -7.76 -7.29 5.53
CA ASP A 78 -8.43 -8.52 5.12
C ASP A 78 -7.38 -9.64 5.05
N ALA A 79 -7.77 -10.87 5.42
CA ALA A 79 -6.92 -12.05 5.34
C ALA A 79 -6.89 -12.57 3.90
N ILE A 80 -5.70 -12.86 3.34
CA ILE A 80 -5.57 -13.41 1.98
C ILE A 80 -5.27 -14.89 2.11
N LEU A 81 -6.16 -15.71 1.57
CA LEU A 81 -5.93 -17.15 1.49
C LEU A 81 -5.21 -17.51 0.19
N GLY A 82 -4.28 -18.46 0.26
CA GLY A 82 -3.49 -18.90 -0.89
C GLY A 82 -3.91 -20.28 -1.38
N GLN A 83 -5.19 -20.43 -1.73
CA GLN A 83 -5.86 -21.61 -2.28
C GLN A 83 -6.00 -22.74 -1.24
N ASN A 84 -4.89 -23.21 -0.69
CA ASN A 84 -4.81 -24.23 0.37
C ASN A 84 -5.32 -23.73 1.73
N LYS A 85 -6.14 -22.68 1.79
CA LYS A 85 -6.50 -21.93 2.99
C LYS A 85 -5.30 -21.37 3.76
N VAL A 86 -4.11 -21.44 3.18
CA VAL A 86 -2.87 -20.94 3.79
C VAL A 86 -2.96 -19.41 3.92
N VAL A 87 -2.57 -18.87 5.08
CA VAL A 87 -2.53 -17.43 5.33
C VAL A 87 -1.28 -16.89 4.62
N ILE A 88 -1.33 -16.69 3.30
CA ILE A 88 -0.16 -16.21 2.56
C ILE A 88 0.16 -14.75 2.93
N GLY A 89 -0.82 -13.99 3.36
CA GLY A 89 -0.62 -12.60 3.72
C GLY A 89 -1.92 -11.94 4.12
N TRP A 90 -1.90 -10.61 4.22
CA TRP A 90 -3.06 -9.80 4.54
C TRP A 90 -3.06 -8.60 3.60
N ASP A 91 -4.24 -8.30 3.06
CA ASP A 91 -4.56 -7.16 2.22
C ASP A 91 -4.70 -6.00 3.21
N LYS A 92 -3.60 -5.31 3.53
CA LYS A 92 -3.63 -4.17 4.46
C LYS A 92 -4.12 -2.93 3.71
N TYR A 93 -4.98 -2.12 4.34
CA TYR A 93 -5.58 -0.93 3.74
C TYR A 93 -5.02 0.34 4.40
N PHE A 94 -4.78 1.42 3.64
CA PHE A 94 -4.22 2.69 4.15
C PHE A 94 -5.14 3.86 3.82
N GLU A 95 -5.31 4.78 4.75
CA GLU A 95 -5.99 6.06 4.51
C GLU A 95 -4.95 7.15 4.24
N ILE A 96 -4.20 7.10 3.14
CA ILE A 96 -3.18 8.11 2.88
C ILE A 96 -3.83 9.39 2.33
N PRO A 97 -3.25 10.59 2.56
CA PRO A 97 -3.56 11.78 1.77
C PRO A 97 -2.93 11.64 0.37
N MET A 98 -3.39 12.46 -0.58
CA MET A 98 -2.68 12.78 -1.81
C MET A 98 -1.79 14.00 -1.60
N ASP A 99 -2.31 14.99 -0.86
CA ASP A 99 -1.76 16.34 -0.78
C ASP A 99 -0.47 16.43 0.02
N ALA A 100 -0.11 15.36 0.73
CA ALA A 100 1.11 15.24 1.53
C ALA A 100 2.03 14.16 0.97
N LEU A 101 1.99 13.94 -0.35
CA LEU A 101 2.88 13.02 -1.04
C LEU A 101 3.97 13.76 -1.78
N GLN A 102 5.07 13.04 -2.01
CA GLN A 102 6.36 13.59 -2.38
C GLN A 102 6.42 14.13 -3.81
N ASP A 103 5.52 13.66 -4.66
CA ASP A 103 5.34 13.97 -6.08
C ASP A 103 3.92 13.48 -6.43
N ASN A 104 3.55 13.47 -7.72
CA ASN A 104 2.36 12.78 -8.22
C ASN A 104 2.44 11.25 -8.07
N SER A 105 3.45 10.67 -7.42
CA SER A 105 3.52 9.22 -7.27
C SER A 105 3.38 8.80 -5.80
N ILE A 106 2.99 7.55 -5.62
CA ILE A 106 2.90 6.87 -4.34
C ILE A 106 3.64 5.54 -4.46
N GLN A 107 4.16 5.07 -3.33
CA GLN A 107 4.67 3.73 -3.08
C GLN A 107 4.59 3.51 -1.57
N ILE A 108 4.73 2.26 -1.11
CA ILE A 108 4.89 1.89 0.29
C ILE A 108 6.29 1.30 0.44
N LYS A 109 6.80 1.22 1.67
CA LYS A 109 7.99 0.47 2.02
C LYS A 109 7.72 -0.19 3.36
N ALA A 110 8.01 -1.48 3.49
CA ALA A 110 7.88 -2.20 4.75
C ALA A 110 9.11 -3.07 4.99
N LEU A 111 9.58 -3.08 6.24
CA LEU A 111 10.67 -3.94 6.69
C LEU A 111 10.16 -5.37 6.64
N SER A 112 11.00 -6.25 6.13
CA SER A 112 10.75 -7.68 6.09
C SER A 112 11.16 -8.31 7.41
N SER A 113 12.47 -8.42 7.67
CA SER A 113 12.95 -8.94 8.95
C SER A 113 14.26 -8.29 9.38
N GLY A 114 15.35 -8.49 8.64
CA GLY A 114 16.68 -8.12 9.09
C GLY A 114 17.38 -7.39 7.97
N THR A 115 17.49 -6.07 8.11
CA THR A 115 18.09 -5.19 7.12
C THR A 115 17.54 -5.48 5.71
N THR A 116 16.21 -5.52 5.61
CA THR A 116 15.49 -5.78 4.37
C THR A 116 14.28 -4.86 4.27
N PHE A 117 14.27 -3.95 3.31
CA PHE A 117 13.15 -3.10 3.01
C PHE A 117 12.82 -3.31 1.53
N VAL A 118 11.73 -4.02 1.24
CA VAL A 118 11.25 -4.20 -0.13
C VAL A 118 10.39 -2.98 -0.45
N TYR A 119 10.96 -1.99 -1.14
CA TYR A 119 10.23 -0.77 -1.51
C TYR A 119 9.29 -1.18 -2.63
N SER A 120 8.00 -0.86 -2.51
CA SER A 120 7.00 -1.22 -3.52
C SER A 120 7.32 -0.49 -4.82
N GLN A 121 6.62 -0.87 -5.90
CA GLN A 121 6.73 -0.13 -7.13
C GLN A 121 6.24 1.32 -6.93
N LYS A 122 6.66 2.20 -7.83
CA LYS A 122 6.19 3.56 -7.98
C LYS A 122 4.91 3.51 -8.79
N ILE A 123 3.88 4.25 -8.38
CA ILE A 123 2.66 4.45 -9.13
C ILE A 123 2.41 5.95 -9.11
N ASP A 124 2.82 6.60 -10.18
CA ASP A 124 2.41 7.93 -10.58
C ASP A 124 0.87 7.94 -10.74
N PHE A 125 0.18 9.02 -10.41
CA PHE A 125 -1.27 9.17 -10.53
C PHE A 125 -1.61 10.63 -10.81
N GLU A 126 -2.85 10.89 -11.23
CA GLU A 126 -3.24 12.22 -11.65
C GLU A 126 -4.15 12.81 -10.56
N ARG A 127 -4.02 14.11 -10.28
CA ARG A 127 -4.61 14.74 -9.09
C ARG A 127 -5.79 15.61 -9.48
N GLU A 128 -6.95 14.97 -9.53
CA GLU A 128 -8.25 15.37 -10.11
C GLU A 128 -8.19 16.00 -11.50
N GLY A 1 9.10 -22.93 2.34
CA GLY A 1 9.14 -22.68 3.79
C GLY A 1 7.75 -22.82 4.38
N ALA A 2 7.68 -22.80 5.71
CA ALA A 2 6.45 -22.81 6.49
C ALA A 2 6.62 -21.81 7.64
N GLU A 3 5.76 -21.87 8.66
CA GLU A 3 5.76 -20.96 9.80
C GLU A 3 5.34 -19.53 9.40
N ALA A 4 5.32 -18.61 10.36
CA ALA A 4 5.07 -17.19 10.12
C ALA A 4 6.31 -16.54 9.52
N LEU A 5 6.59 -16.82 8.25
CA LEU A 5 7.67 -16.21 7.49
C LEU A 5 7.54 -14.68 7.54
N PRO A 6 8.65 -13.95 7.52
CA PRO A 6 8.64 -12.50 7.42
C PRO A 6 8.25 -12.09 6.00
N LEU A 7 7.88 -10.83 5.86
CA LEU A 7 7.46 -10.21 4.60
C LEU A 7 8.47 -10.44 3.49
N TYR A 8 8.04 -11.05 2.38
CA TYR A 8 8.88 -11.36 1.23
C TYR A 8 8.45 -10.66 -0.07
N TYR A 9 7.34 -9.91 -0.09
CA TYR A 9 6.79 -9.31 -1.31
C TYR A 9 6.06 -8.02 -1.01
N LEU A 10 6.19 -7.03 -1.91
CA LEU A 10 5.39 -5.81 -1.95
C LEU A 10 4.78 -5.68 -3.33
N GLN A 11 3.60 -5.04 -3.35
CA GLN A 11 2.98 -4.49 -4.53
C GLN A 11 1.69 -3.76 -4.13
N ILE A 12 1.46 -2.58 -4.71
CA ILE A 12 0.26 -1.78 -4.47
C ILE A 12 -1.06 -2.54 -4.76
N THR A 13 -1.14 -3.40 -5.79
CA THR A 13 -2.27 -4.28 -6.12
C THR A 13 -3.56 -3.57 -6.57
N GLY A 14 -4.13 -2.67 -5.77
CA GLY A 14 -5.33 -1.92 -6.12
C GLY A 14 -5.24 -0.55 -5.50
N ILE A 15 -5.93 0.42 -6.10
CA ILE A 15 -5.92 1.80 -5.65
C ILE A 15 -7.29 2.38 -5.92
N THR A 16 -7.75 3.28 -5.07
CA THR A 16 -8.93 4.07 -5.31
C THR A 16 -8.89 5.32 -4.43
N SER A 17 -9.95 6.13 -4.42
CA SER A 17 -10.03 7.32 -3.59
C SER A 17 -11.47 7.60 -3.23
N ASP A 18 -11.66 8.47 -2.25
CA ASP A 18 -12.98 8.74 -1.66
C ASP A 18 -13.93 9.37 -2.66
N GLY A 19 -13.40 10.14 -3.61
CA GLY A 19 -14.14 10.67 -4.73
C GLY A 19 -14.20 9.74 -5.96
N ASN A 20 -13.98 8.42 -5.84
CA ASN A 20 -14.01 7.52 -7.01
C ASN A 20 -14.95 6.32 -6.88
N ASP A 21 -15.98 6.36 -6.02
CA ASP A 21 -16.94 5.26 -5.85
C ASP A 21 -16.24 3.99 -5.31
N PHE A 22 -15.04 4.18 -4.74
CA PHE A 22 -14.15 3.17 -4.23
C PHE A 22 -13.81 2.13 -5.32
N ALA A 23 -13.75 2.56 -6.59
CA ALA A 23 -13.36 1.78 -7.77
C ALA A 23 -11.91 1.30 -7.67
N TRP A 24 -11.68 0.08 -7.18
CA TRP A 24 -10.36 -0.43 -6.79
C TRP A 24 -9.33 -0.63 -7.90
N ASP A 25 -9.74 -0.55 -9.17
CA ASP A 25 -8.89 -0.45 -10.36
C ASP A 25 -7.71 -1.42 -10.29
N ASN A 26 -7.96 -2.69 -10.63
CA ASN A 26 -7.06 -3.79 -10.33
C ASN A 26 -5.78 -3.61 -11.12
N LEU A 27 -4.71 -3.20 -10.42
CA LEU A 27 -3.47 -2.77 -11.03
C LEU A 27 -2.84 -3.95 -11.74
N THR A 28 -2.29 -3.65 -12.90
CA THR A 28 -1.53 -4.55 -13.72
C THR A 28 -0.25 -4.95 -12.97
N SER A 29 0.30 -6.12 -13.28
CA SER A 29 1.26 -6.82 -12.43
C SER A 29 2.58 -6.07 -12.20
N SER A 30 2.91 -5.09 -13.04
CA SER A 30 4.04 -4.19 -12.86
C SER A 30 3.60 -2.78 -13.29
N GLN A 31 2.37 -2.37 -12.92
CA GLN A 31 1.86 -1.02 -13.15
C GLN A 31 2.86 -0.01 -12.57
N THR A 32 3.03 1.13 -13.23
CA THR A 32 3.86 2.23 -12.75
C THR A 32 3.13 3.58 -12.80
N LYS A 33 1.90 3.62 -13.32
CA LYS A 33 1.06 4.82 -13.32
C LYS A 33 -0.36 4.42 -12.98
N ALA A 34 -1.10 5.37 -12.41
CA ALA A 34 -2.47 5.21 -12.01
C ALA A 34 -3.34 4.87 -13.22
N PRO A 35 -4.51 4.25 -12.96
CA PRO A 35 -5.48 3.96 -13.99
C PRO A 35 -6.02 5.25 -14.64
N ASN A 36 -6.32 6.28 -13.84
CA ASN A 36 -6.89 7.55 -14.27
C ASN A 36 -6.60 8.56 -13.15
N VAL A 37 -6.84 9.86 -13.41
CA VAL A 37 -6.95 10.86 -12.35
C VAL A 37 -7.99 10.48 -11.30
N LEU A 38 -7.47 10.20 -10.10
CA LEU A 38 -8.23 9.97 -8.88
C LEU A 38 -8.75 11.30 -8.36
N LYS A 39 -9.97 11.29 -7.79
CA LYS A 39 -10.59 12.47 -7.19
C LYS A 39 -10.64 12.34 -5.67
N GLY A 40 -10.83 13.47 -5.00
CA GLY A 40 -10.80 13.55 -3.55
C GLY A 40 -9.37 13.77 -3.04
N ASN A 41 -9.17 13.69 -1.71
CA ASN A 41 -7.86 13.81 -1.06
C ASN A 41 -7.40 12.51 -0.41
N LYS A 42 -8.32 11.67 0.07
CA LYS A 42 -7.97 10.37 0.64
C LYS A 42 -7.72 9.36 -0.47
N LEU A 43 -6.52 8.77 -0.46
CA LEU A 43 -5.98 7.81 -1.38
C LEU A 43 -6.04 6.46 -0.68
N TYR A 44 -6.96 5.61 -1.11
CA TYR A 44 -7.15 4.29 -0.55
C TYR A 44 -6.31 3.33 -1.36
N VAL A 45 -5.50 2.53 -0.67
CA VAL A 45 -4.57 1.59 -1.27
C VAL A 45 -4.90 0.20 -0.69
N LYS A 46 -4.60 -0.86 -1.45
CA LYS A 46 -4.89 -2.25 -1.08
C LYS A 46 -3.66 -3.13 -1.36
N ALA A 47 -2.54 -2.78 -0.76
CA ALA A 47 -1.24 -3.40 -0.93
C ALA A 47 -1.26 -4.86 -0.46
N ARG A 48 -0.95 -5.82 -1.35
CA ARG A 48 -0.83 -7.22 -0.96
C ARG A 48 0.49 -7.36 -0.24
N PHE A 49 0.50 -7.67 1.05
CA PHE A 49 1.72 -8.08 1.73
C PHE A 49 1.73 -9.58 1.84
N MET A 50 2.83 -10.19 1.43
CA MET A 50 3.05 -11.63 1.55
C MET A 50 4.10 -11.87 2.62
N GLY A 51 3.69 -12.39 3.78
CA GLY A 51 4.54 -12.62 4.95
C GLY A 51 4.31 -11.56 6.03
N TYR A 52 4.84 -11.80 7.24
CA TYR A 52 4.61 -10.96 8.43
C TYR A 52 5.44 -9.67 8.39
N THR A 53 4.76 -8.52 8.30
CA THR A 53 5.21 -7.17 8.59
C THR A 53 4.01 -6.25 8.79
N LYS A 54 3.58 -6.08 10.03
CA LYS A 54 2.56 -5.08 10.33
C LYS A 54 3.16 -3.67 10.47
N LEU A 55 4.48 -3.53 10.35
CA LEU A 55 5.20 -2.29 10.57
C LEU A 55 5.48 -1.64 9.21
N THR A 56 4.48 -1.01 8.60
CA THR A 56 4.60 -0.37 7.29
C THR A 56 5.06 1.09 7.45
N VAL A 57 5.57 1.70 6.38
CA VAL A 57 6.00 3.10 6.31
C VAL A 57 5.56 3.66 4.95
N ILE A 58 5.32 4.97 4.90
CA ILE A 58 5.20 5.80 3.71
C ILE A 58 6.07 7.01 4.08
N THR A 59 7.13 7.30 3.33
CA THR A 59 8.09 8.35 3.64
C THR A 59 7.49 9.75 3.50
N GLY A 60 6.54 9.92 2.58
CA GLY A 60 5.92 11.22 2.29
C GLY A 60 6.94 12.29 1.89
N LYS A 61 6.47 13.55 1.83
CA LYS A 61 7.29 14.72 1.55
C LYS A 61 8.22 15.02 2.72
N ASP A 62 7.83 14.62 3.94
CA ASP A 62 8.61 14.89 5.14
C ASP A 62 9.84 13.98 5.26
N GLY A 63 9.91 12.94 4.44
CA GLY A 63 11.04 12.03 4.43
C GLY A 63 11.14 11.23 5.73
N LYS A 64 10.05 11.04 6.46
CA LYS A 64 10.04 10.28 7.70
C LYS A 64 9.00 9.18 7.62
N ASN A 65 7.73 9.43 7.96
CA ASN A 65 6.77 8.36 8.23
C ASN A 65 5.35 8.91 8.37
N LEU A 66 4.55 8.90 7.30
CA LEU A 66 3.18 9.43 7.34
C LEU A 66 2.27 8.64 8.30
N LEU A 67 2.50 7.33 8.45
CA LEU A 67 1.79 6.48 9.42
C LEU A 67 2.19 6.75 10.87
N TYR A 68 3.20 7.61 11.11
CA TYR A 68 3.58 8.12 12.42
C TYR A 68 3.55 9.65 12.36
N ASN A 69 2.61 10.19 11.57
CA ASN A 69 2.25 11.60 11.51
C ASN A 69 0.80 11.68 11.97
N GLY A 70 -0.15 11.26 11.11
CA GLY A 70 -1.56 11.23 11.49
C GLY A 70 -2.55 11.25 10.33
N THR A 71 -2.15 11.57 9.11
CA THR A 71 -3.09 11.53 7.99
C THR A 71 -3.23 10.08 7.52
N ALA A 72 -2.11 9.43 7.18
CA ALA A 72 -2.14 8.03 6.80
C ALA A 72 -2.32 7.22 8.07
N LYS A 73 -3.28 6.31 8.05
CA LYS A 73 -3.63 5.40 9.12
C LYS A 73 -4.16 4.13 8.46
N MET A 74 -4.29 3.03 9.21
CA MET A 74 -5.04 1.87 8.80
C MET A 74 -6.44 1.90 9.43
N PHE A 75 -7.44 1.47 8.68
CA PHE A 75 -8.83 1.36 9.06
C PHE A 75 -9.47 0.04 8.60
N LYS A 76 -8.75 -0.85 7.89
CA LYS A 76 -9.31 -2.11 7.41
C LYS A 76 -8.14 -3.06 7.22
N SER A 77 -8.39 -4.35 7.41
CA SER A 77 -7.40 -5.40 7.30
C SER A 77 -8.19 -6.65 6.88
N ASP A 78 -7.76 -7.36 5.84
CA ASP A 78 -8.30 -8.67 5.43
C ASP A 78 -7.17 -9.71 5.57
N ALA A 79 -7.51 -10.99 5.72
CA ALA A 79 -6.55 -12.07 5.82
C ALA A 79 -6.73 -12.96 4.59
N ILE A 80 -5.68 -13.11 3.81
CA ILE A 80 -5.72 -13.71 2.49
C ILE A 80 -5.38 -15.19 2.69
N LEU A 81 -6.35 -16.07 2.47
CA LEU A 81 -6.09 -17.50 2.46
C LEU A 81 -5.73 -17.96 1.05
N GLY A 82 -4.97 -19.05 0.98
CA GLY A 82 -4.61 -19.78 -0.22
C GLY A 82 -5.31 -21.13 -0.19
N GLN A 83 -6.65 -21.10 -0.13
CA GLN A 83 -7.59 -22.21 -0.24
C GLN A 83 -7.50 -23.17 0.95
N ASN A 84 -6.38 -23.91 1.12
CA ASN A 84 -6.13 -24.87 2.21
C ASN A 84 -5.86 -24.15 3.55
N LYS A 85 -6.60 -23.09 3.86
CA LYS A 85 -6.37 -22.17 4.97
C LYS A 85 -4.91 -21.70 5.07
N VAL A 86 -4.21 -21.60 3.94
CA VAL A 86 -2.84 -21.08 3.92
C VAL A 86 -2.91 -19.58 4.09
N VAL A 87 -2.57 -19.02 5.25
CA VAL A 87 -2.33 -17.59 5.39
C VAL A 87 -1.07 -17.24 4.59
N ILE A 88 -1.25 -16.95 3.30
CA ILE A 88 -0.16 -16.51 2.43
C ILE A 88 0.28 -15.09 2.80
N GLY A 89 -0.64 -14.27 3.29
CA GLY A 89 -0.40 -12.87 3.55
C GLY A 89 -1.69 -12.19 3.97
N TRP A 90 -1.69 -10.86 3.95
CA TRP A 90 -2.78 -10.08 4.46
C TRP A 90 -2.93 -8.86 3.57
N ASP A 91 -4.18 -8.46 3.41
CA ASP A 91 -4.58 -7.26 2.71
C ASP A 91 -4.53 -6.18 3.79
N LYS A 92 -3.40 -5.49 3.94
CA LYS A 92 -3.30 -4.32 4.83
C LYS A 92 -3.67 -3.09 4.00
N TYR A 93 -4.86 -2.50 4.23
CA TYR A 93 -5.29 -1.32 3.49
C TYR A 93 -4.69 -0.09 4.19
N PHE A 94 -4.79 1.13 3.64
CA PHE A 94 -4.49 2.39 4.35
C PHE A 94 -5.30 3.57 3.80
N GLU A 95 -5.33 4.71 4.51
CA GLU A 95 -6.01 5.97 4.16
C GLU A 95 -5.01 7.11 3.92
N ILE A 96 -4.10 6.96 2.96
CA ILE A 96 -2.99 7.91 2.78
C ILE A 96 -3.56 9.18 2.12
N PRO A 97 -2.98 10.38 2.31
CA PRO A 97 -3.28 11.56 1.52
C PRO A 97 -2.88 11.41 0.04
N MET A 98 -3.29 12.40 -0.74
CA MET A 98 -2.82 12.69 -2.10
C MET A 98 -1.96 13.94 -2.17
N ASP A 99 -1.78 14.64 -1.06
CA ASP A 99 -1.11 15.93 -1.02
C ASP A 99 0.09 15.91 -0.08
N ALA A 100 0.52 14.74 0.41
CA ALA A 100 1.58 14.74 1.45
C ALA A 100 2.78 13.90 1.02
N LEU A 101 2.72 13.43 -0.22
CA LEU A 101 3.75 12.68 -0.88
C LEU A 101 4.81 13.66 -1.38
N GLN A 102 6.02 13.16 -1.57
CA GLN A 102 7.13 13.90 -2.11
C GLN A 102 6.92 14.28 -3.59
N ASP A 103 5.98 13.63 -4.26
CA ASP A 103 5.81 13.69 -5.71
C ASP A 103 4.34 13.43 -6.02
N ASN A 104 3.91 13.50 -7.29
CA ASN A 104 2.55 13.12 -7.69
C ASN A 104 2.38 11.60 -7.74
N SER A 105 3.14 10.84 -6.94
CA SER A 105 3.03 9.39 -6.90
C SER A 105 2.96 8.93 -5.45
N ILE A 106 2.09 7.95 -5.19
CA ILE A 106 2.06 7.24 -3.93
C ILE A 106 3.18 6.18 -4.01
N GLN A 107 3.65 5.64 -2.87
CA GLN A 107 4.45 4.43 -2.79
C GLN A 107 4.48 3.98 -1.33
N ILE A 108 4.51 2.68 -1.06
CA ILE A 108 4.57 2.11 0.28
C ILE A 108 5.93 1.41 0.42
N LYS A 109 6.42 1.19 1.64
CA LYS A 109 7.64 0.44 1.90
C LYS A 109 7.58 -0.19 3.30
N ALA A 110 8.36 -1.24 3.60
CA ALA A 110 8.40 -1.74 4.97
C ALA A 110 9.70 -2.49 5.28
N LEU A 111 9.93 -2.83 6.56
CA LEU A 111 10.96 -3.76 7.00
C LEU A 111 10.56 -5.17 6.57
N SER A 112 11.47 -5.92 5.94
CA SER A 112 11.23 -7.30 5.57
C SER A 112 12.00 -8.18 6.56
N SER A 113 13.33 -8.19 6.50
CA SER A 113 14.17 -8.89 7.45
C SER A 113 15.43 -8.09 7.77
N GLY A 114 16.07 -8.40 8.90
CA GLY A 114 17.31 -7.77 9.35
C GLY A 114 17.21 -6.25 9.46
N THR A 115 17.61 -5.55 8.41
CA THR A 115 17.52 -4.11 8.24
C THR A 115 17.10 -3.74 6.81
N THR A 116 16.75 -4.72 5.98
CA THR A 116 16.32 -4.49 4.61
C THR A 116 15.01 -3.72 4.69
N PHE A 117 14.72 -2.98 3.63
CA PHE A 117 13.51 -2.24 3.49
C PHE A 117 13.02 -2.47 2.08
N VAL A 118 11.84 -3.08 1.96
CA VAL A 118 11.21 -3.34 0.69
C VAL A 118 10.47 -2.08 0.28
N TYR A 119 10.74 -1.62 -0.92
CA TYR A 119 10.09 -0.48 -1.53
C TYR A 119 9.12 -1.01 -2.57
N SER A 120 7.82 -0.73 -2.44
CA SER A 120 6.83 -1.23 -3.38
C SER A 120 6.97 -0.50 -4.73
N GLN A 121 6.22 -0.89 -5.76
CA GLN A 121 6.20 -0.15 -7.02
C GLN A 121 5.62 1.24 -6.79
N LYS A 122 6.10 2.22 -7.55
CA LYS A 122 5.68 3.62 -7.52
C LYS A 122 4.54 3.78 -8.53
N ILE A 123 3.57 4.65 -8.26
CA ILE A 123 2.38 4.82 -9.09
C ILE A 123 2.08 6.31 -9.10
N ASP A 124 2.42 6.97 -10.20
CA ASP A 124 2.07 8.37 -10.49
C ASP A 124 0.58 8.49 -10.72
N PHE A 125 -0.03 9.61 -10.32
CA PHE A 125 -1.44 9.88 -10.55
C PHE A 125 -1.65 11.36 -10.82
N GLU A 126 -2.82 11.70 -11.36
CA GLU A 126 -3.24 13.06 -11.60
C GLU A 126 -4.27 13.40 -10.55
N ARG A 127 -4.28 14.68 -10.14
CA ARG A 127 -5.04 15.14 -8.99
C ARG A 127 -6.18 16.00 -9.48
N GLU A 128 -7.35 15.41 -9.54
CA GLU A 128 -8.57 16.05 -9.99
C GLU A 128 -8.83 17.36 -9.25
N GLY A 1 11.56 -19.83 11.50
CA GLY A 1 10.80 -21.07 11.62
C GLY A 1 10.07 -21.37 10.32
N ALA A 2 8.88 -21.98 10.39
CA ALA A 2 8.12 -22.41 9.23
C ALA A 2 6.71 -21.80 9.17
N GLU A 3 6.30 -20.97 10.13
CA GLU A 3 5.09 -20.18 10.02
C GLU A 3 5.38 -18.76 10.52
N ALA A 4 4.39 -17.87 10.39
CA ALA A 4 4.51 -16.43 10.50
C ALA A 4 5.74 -15.94 9.74
N LEU A 5 5.93 -16.47 8.51
CA LEU A 5 7.06 -16.14 7.67
C LEU A 5 7.08 -14.63 7.48
N PRO A 6 8.28 -14.04 7.36
CA PRO A 6 8.45 -12.62 7.19
C PRO A 6 7.89 -12.20 5.84
N LEU A 7 7.65 -10.90 5.72
CA LEU A 7 7.22 -10.26 4.49
C LEU A 7 8.17 -10.63 3.36
N TYR A 8 7.66 -11.23 2.29
CA TYR A 8 8.41 -11.64 1.11
C TYR A 8 7.93 -11.00 -0.19
N TYR A 9 6.81 -10.25 -0.18
CA TYR A 9 6.32 -9.55 -1.37
C TYR A 9 5.54 -8.32 -0.93
N LEU A 10 5.71 -7.22 -1.66
CA LEU A 10 5.07 -5.97 -1.39
C LEU A 10 4.63 -5.48 -2.75
N GLN A 11 3.36 -5.15 -2.89
CA GLN A 11 2.88 -4.40 -4.03
C GLN A 11 1.57 -3.76 -3.67
N ILE A 12 1.25 -2.67 -4.36
CA ILE A 12 0.01 -1.93 -4.10
C ILE A 12 -1.23 -2.73 -4.54
N THR A 13 -1.11 -3.59 -5.57
CA THR A 13 -2.09 -4.47 -6.21
C THR A 13 -3.41 -3.83 -6.67
N GLY A 14 -4.12 -3.11 -5.81
CA GLY A 14 -5.30 -2.32 -6.14
C GLY A 14 -5.22 -0.98 -5.44
N ILE A 15 -5.83 0.04 -6.04
CA ILE A 15 -5.87 1.39 -5.51
C ILE A 15 -7.23 1.97 -5.87
N THR A 16 -7.71 2.93 -5.11
CA THR A 16 -8.83 3.77 -5.46
C THR A 16 -8.68 5.06 -4.64
N SER A 17 -9.68 5.93 -4.70
CA SER A 17 -9.87 6.93 -3.69
C SER A 17 -11.36 7.14 -3.44
N ASP A 18 -11.61 7.99 -2.47
CA ASP A 18 -12.89 8.44 -1.99
C ASP A 18 -13.73 9.04 -3.11
N GLY A 19 -13.12 9.91 -3.92
CA GLY A 19 -13.75 10.50 -5.08
C GLY A 19 -13.69 9.63 -6.34
N ASN A 20 -13.39 8.33 -6.25
CA ASN A 20 -13.29 7.41 -7.40
C ASN A 20 -14.31 6.27 -7.34
N ASP A 21 -15.39 6.39 -6.58
CA ASP A 21 -16.47 5.39 -6.55
C ASP A 21 -15.98 4.04 -5.99
N PHE A 22 -14.88 4.05 -5.23
CA PHE A 22 -14.16 2.86 -4.76
C PHE A 22 -13.80 1.91 -5.91
N ALA A 23 -13.47 2.44 -7.10
CA ALA A 23 -12.96 1.68 -8.23
C ALA A 23 -11.57 1.12 -7.94
N TRP A 24 -11.47 -0.10 -7.38
CA TRP A 24 -10.24 -0.71 -6.90
C TRP A 24 -9.20 -1.05 -7.96
N ASP A 25 -9.62 -1.05 -9.23
CA ASP A 25 -8.78 -0.96 -10.42
C ASP A 25 -7.53 -1.85 -10.32
N ASN A 26 -7.69 -3.15 -10.59
CA ASN A 26 -6.66 -4.16 -10.41
C ASN A 26 -5.40 -3.79 -11.18
N LEU A 27 -4.37 -3.29 -10.50
CA LEU A 27 -3.17 -2.75 -11.11
C LEU A 27 -2.45 -3.85 -11.87
N THR A 28 -1.91 -3.48 -13.03
CA THR A 28 -1.10 -4.31 -13.90
C THR A 28 0.22 -4.74 -13.22
N SER A 29 0.87 -5.79 -13.77
CA SER A 29 2.07 -6.44 -13.21
C SER A 29 3.17 -5.41 -12.91
N SER A 30 3.53 -4.60 -13.91
CA SER A 30 4.42 -3.46 -13.76
C SER A 30 3.65 -2.20 -14.13
N GLN A 31 2.51 -1.97 -13.48
CA GLN A 31 1.90 -0.64 -13.46
C GLN A 31 2.94 0.33 -12.88
N THR A 32 2.98 1.55 -13.39
CA THR A 32 3.76 2.63 -12.80
C THR A 32 2.95 3.93 -12.68
N LYS A 33 1.70 3.95 -13.18
CA LYS A 33 0.81 5.10 -13.08
C LYS A 33 -0.58 4.62 -12.73
N ALA A 34 -1.36 5.51 -12.15
CA ALA A 34 -2.70 5.19 -11.69
C ALA A 34 -3.60 4.84 -12.88
N PRO A 35 -4.68 4.10 -12.59
CA PRO A 35 -5.68 3.72 -13.57
C PRO A 35 -6.47 4.92 -14.08
N ASN A 36 -6.77 5.90 -13.21
CA ASN A 36 -7.55 7.10 -13.46
C ASN A 36 -7.14 8.15 -12.42
N VAL A 37 -7.59 9.39 -12.60
CA VAL A 37 -7.40 10.52 -11.70
C VAL A 37 -8.09 10.23 -10.35
N LEU A 38 -7.30 9.92 -9.34
CA LEU A 38 -7.78 9.65 -7.99
C LEU A 38 -8.18 10.97 -7.34
N LYS A 39 -9.49 11.14 -7.07
CA LYS A 39 -10.03 12.36 -6.45
C LYS A 39 -10.32 12.18 -4.97
N GLY A 40 -10.50 13.28 -4.23
CA GLY A 40 -11.08 13.28 -2.88
C GLY A 40 -10.07 13.29 -1.74
N ASN A 41 -8.76 13.27 -2.05
CA ASN A 41 -7.59 13.41 -1.17
C ASN A 41 -7.36 12.20 -0.28
N LYS A 42 -8.40 11.42 0.02
CA LYS A 42 -8.27 10.20 0.80
C LYS A 42 -8.00 9.09 -0.20
N LEU A 43 -6.72 8.77 -0.34
CA LEU A 43 -6.18 7.81 -1.26
C LEU A 43 -6.22 6.46 -0.59
N TYR A 44 -6.90 5.48 -1.18
CA TYR A 44 -7.12 4.17 -0.58
C TYR A 44 -6.28 3.15 -1.33
N VAL A 45 -5.25 2.62 -0.66
CA VAL A 45 -4.44 1.53 -1.19
C VAL A 45 -4.93 0.21 -0.58
N LYS A 46 -4.75 -0.88 -1.31
CA LYS A 46 -5.02 -2.24 -0.85
C LYS A 46 -3.74 -3.07 -1.09
N ALA A 47 -2.65 -2.70 -0.43
CA ALA A 47 -1.34 -3.28 -0.67
C ALA A 47 -1.29 -4.73 -0.17
N ARG A 48 -0.83 -5.68 -1.00
CA ARG A 48 -0.68 -7.08 -0.63
C ARG A 48 0.67 -7.27 0.04
N PHE A 49 0.65 -7.58 1.34
CA PHE A 49 1.81 -7.89 2.14
C PHE A 49 1.78 -9.41 2.30
N MET A 50 2.59 -10.13 1.52
CA MET A 50 2.72 -11.58 1.70
C MET A 50 3.77 -11.77 2.77
N GLY A 51 3.39 -12.31 3.93
CA GLY A 51 4.25 -12.51 5.09
C GLY A 51 4.13 -11.37 6.11
N TYR A 52 4.48 -11.62 7.37
CA TYR A 52 4.31 -10.67 8.47
C TYR A 52 5.26 -9.48 8.31
N THR A 53 4.71 -8.28 8.47
CA THR A 53 5.42 -7.06 8.81
C THR A 53 4.48 -6.21 9.68
N LYS A 54 5.06 -5.37 10.53
CA LYS A 54 4.39 -4.29 11.23
C LYS A 54 5.31 -3.05 11.24
N LEU A 55 6.08 -2.84 10.16
CA LEU A 55 6.98 -1.72 9.96
C LEU A 55 6.65 -1.11 8.61
N THR A 56 5.52 -0.41 8.51
CA THR A 56 5.08 0.22 7.27
C THR A 56 5.58 1.67 7.25
N VAL A 57 6.17 2.12 6.14
CA VAL A 57 6.60 3.50 5.93
C VAL A 57 5.98 4.09 4.64
N ILE A 58 5.19 5.14 4.80
CA ILE A 58 4.66 6.00 3.76
C ILE A 58 5.36 7.34 4.00
N THR A 59 6.60 7.47 3.55
CA THR A 59 7.58 8.49 3.95
C THR A 59 7.05 9.92 3.89
N GLY A 60 6.28 10.25 2.84
CA GLY A 60 5.81 11.60 2.55
C GLY A 60 6.92 12.46 1.98
N LYS A 61 6.59 13.72 1.70
CA LYS A 61 7.53 14.75 1.28
C LYS A 61 8.45 15.15 2.42
N ASP A 62 7.95 15.09 3.64
CA ASP A 62 8.70 15.41 4.85
C ASP A 62 9.70 14.31 5.21
N GLY A 63 9.64 13.13 4.56
CA GLY A 63 10.51 12.01 4.91
C GLY A 63 10.27 11.46 6.32
N LYS A 64 9.13 11.81 6.96
CA LYS A 64 8.90 11.56 8.39
C LYS A 64 7.88 10.45 8.64
N ASN A 65 7.47 9.71 7.61
CA ASN A 65 6.44 8.68 7.65
C ASN A 65 5.08 9.28 8.03
N LEU A 66 4.24 9.53 7.03
CA LEU A 66 2.89 10.06 7.16
C LEU A 66 2.01 9.21 8.07
N LEU A 67 2.32 7.92 8.19
CA LEU A 67 1.64 7.00 9.08
C LEU A 67 1.93 7.35 10.55
N TYR A 68 3.14 7.83 10.84
CA TYR A 68 3.53 8.38 12.13
C TYR A 68 3.15 9.86 12.24
N ASN A 69 2.96 10.57 11.13
CA ASN A 69 2.44 11.94 11.15
C ASN A 69 1.00 11.93 11.66
N GLY A 70 0.15 11.08 11.08
CA GLY A 70 -1.25 10.90 11.42
C GLY A 70 -2.15 11.03 10.19
N THR A 71 -1.67 11.68 9.13
CA THR A 71 -2.40 11.95 7.91
C THR A 71 -2.70 10.66 7.15
N ALA A 72 -1.92 9.62 7.37
CA ALA A 72 -2.15 8.30 6.82
C ALA A 72 -2.32 7.29 7.97
N LYS A 73 -3.09 6.23 7.73
CA LYS A 73 -3.48 5.28 8.76
C LYS A 73 -4.07 4.02 8.12
N MET A 74 -4.17 2.91 8.86
CA MET A 74 -4.94 1.74 8.50
C MET A 74 -6.31 1.80 9.20
N PHE A 75 -7.34 1.25 8.56
CA PHE A 75 -8.73 1.26 9.02
C PHE A 75 -9.47 -0.06 8.70
N LYS A 76 -8.83 -1.05 8.08
CA LYS A 76 -9.47 -2.30 7.69
C LYS A 76 -8.41 -3.39 7.57
N SER A 77 -8.60 -4.55 8.18
CA SER A 77 -7.68 -5.66 8.10
C SER A 77 -8.44 -7.00 8.04
N ASP A 78 -8.45 -7.66 6.89
CA ASP A 78 -8.99 -9.02 6.61
C ASP A 78 -7.80 -9.97 6.44
N ALA A 79 -8.00 -11.16 5.87
CA ALA A 79 -6.95 -12.15 5.63
C ALA A 79 -6.78 -12.50 4.14
N ILE A 80 -5.64 -13.06 3.75
CA ILE A 80 -5.41 -13.64 2.42
C ILE A 80 -4.70 -14.96 2.54
N LEU A 81 -5.28 -15.89 1.82
CA LEU A 81 -4.93 -17.25 1.87
C LEU A 81 -4.35 -17.73 0.54
N GLY A 82 -3.67 -18.86 0.62
CA GLY A 82 -3.02 -19.52 -0.50
C GLY A 82 -3.81 -20.75 -0.87
N GLN A 83 -4.99 -20.55 -1.47
CA GLN A 83 -5.97 -21.57 -1.89
C GLN A 83 -6.57 -22.29 -0.68
N ASN A 84 -5.80 -23.14 0.02
CA ASN A 84 -6.24 -23.99 1.12
C ASN A 84 -6.42 -23.22 2.44
N LYS A 85 -7.15 -22.09 2.41
CA LYS A 85 -7.48 -21.21 3.54
C LYS A 85 -6.27 -20.78 4.38
N VAL A 86 -5.08 -20.92 3.83
CA VAL A 86 -3.80 -20.91 4.52
C VAL A 86 -3.27 -19.48 4.50
N VAL A 87 -3.21 -18.81 5.64
CA VAL A 87 -2.73 -17.44 5.71
C VAL A 87 -1.32 -17.36 5.08
N ILE A 88 -1.20 -16.51 4.07
CA ILE A 88 0.04 -16.16 3.37
C ILE A 88 0.27 -14.65 3.42
N GLY A 89 -0.80 -13.89 3.63
CA GLY A 89 -0.75 -12.46 3.79
C GLY A 89 -2.09 -12.01 4.33
N TRP A 90 -2.29 -10.71 4.31
CA TRP A 90 -3.57 -10.10 4.65
C TRP A 90 -3.87 -9.12 3.53
N ASP A 91 -4.96 -8.36 3.63
CA ASP A 91 -5.10 -7.17 2.80
C ASP A 91 -5.07 -6.01 3.79
N LYS A 92 -3.88 -5.57 4.21
CA LYS A 92 -3.76 -4.38 5.03
C LYS A 92 -4.04 -3.20 4.11
N TYR A 93 -5.26 -2.67 4.23
CA TYR A 93 -5.61 -1.49 3.45
C TYR A 93 -4.84 -0.30 4.05
N PHE A 94 -4.73 0.83 3.37
CA PHE A 94 -4.23 2.07 3.96
C PHE A 94 -5.02 3.28 3.43
N GLU A 95 -5.17 4.30 4.27
CA GLU A 95 -5.73 5.62 3.96
C GLU A 95 -4.55 6.58 3.99
N ILE A 96 -4.23 7.20 2.85
CA ILE A 96 -3.11 8.14 2.69
C ILE A 96 -3.65 9.48 2.16
N PRO A 97 -2.96 10.61 2.38
CA PRO A 97 -3.20 11.82 1.59
C PRO A 97 -2.87 11.60 0.11
N MET A 98 -3.15 12.62 -0.69
CA MET A 98 -2.71 12.75 -2.06
C MET A 98 -1.79 13.93 -2.29
N ASP A 99 -1.48 14.69 -1.25
CA ASP A 99 -0.75 15.93 -1.40
C ASP A 99 0.29 16.08 -0.30
N ALA A 100 0.72 14.95 0.29
CA ALA A 100 1.76 14.99 1.30
C ALA A 100 2.91 14.07 0.92
N LEU A 101 2.84 13.50 -0.28
CA LEU A 101 3.84 12.68 -0.89
C LEU A 101 4.87 13.58 -1.52
N GLN A 102 6.08 13.07 -1.74
CA GLN A 102 7.19 13.83 -2.28
C GLN A 102 6.88 14.44 -3.65
N ASP A 103 5.95 13.83 -4.38
CA ASP A 103 5.60 14.22 -5.73
C ASP A 103 4.17 13.69 -5.96
N ASN A 104 3.65 13.71 -7.19
CA ASN A 104 2.33 13.23 -7.56
C ASN A 104 2.14 11.72 -7.41
N SER A 105 3.04 10.98 -6.77
CA SER A 105 2.95 9.53 -6.69
C SER A 105 2.87 9.10 -5.24
N ILE A 106 2.15 8.01 -4.98
CA ILE A 106 2.01 7.43 -3.65
C ILE A 106 2.68 6.07 -3.56
N GLN A 107 3.60 5.85 -2.63
CA GLN A 107 4.21 4.52 -2.45
C GLN A 107 4.50 4.18 -1.00
N ILE A 108 4.51 2.87 -0.73
CA ILE A 108 4.72 2.27 0.57
C ILE A 108 6.05 1.53 0.49
N LYS A 109 6.72 1.38 1.62
CA LYS A 109 7.89 0.51 1.76
C LYS A 109 7.85 -0.15 3.13
N ALA A 110 8.40 -1.36 3.33
CA ALA A 110 8.34 -2.01 4.64
C ALA A 110 9.56 -2.90 4.91
N LEU A 111 9.82 -3.26 6.16
CA LEU A 111 10.82 -4.26 6.51
C LEU A 111 10.33 -5.63 6.05
N SER A 112 11.17 -6.33 5.30
CA SER A 112 11.05 -7.75 5.07
C SER A 112 11.87 -8.47 6.14
N SER A 113 13.18 -8.54 5.96
CA SER A 113 14.10 -9.29 6.81
C SER A 113 15.51 -8.68 6.65
N GLY A 114 16.37 -8.81 7.65
CA GLY A 114 17.78 -8.43 7.55
C GLY A 114 18.01 -6.95 7.38
N THR A 115 17.11 -6.13 7.91
CA THR A 115 17.08 -4.66 7.80
C THR A 115 16.88 -4.15 6.36
N THR A 116 16.56 -5.04 5.40
CA THR A 116 16.14 -4.68 4.06
C THR A 116 14.87 -3.86 4.20
N PHE A 117 14.50 -3.18 3.13
CA PHE A 117 13.25 -2.48 3.07
C PHE A 117 12.77 -2.66 1.64
N VAL A 118 11.61 -3.30 1.47
CA VAL A 118 10.99 -3.46 0.16
C VAL A 118 10.34 -2.15 -0.16
N TYR A 119 10.73 -1.57 -1.28
CA TYR A 119 10.03 -0.43 -1.86
C TYR A 119 9.09 -1.04 -2.88
N SER A 120 7.79 -0.83 -2.67
CA SER A 120 6.79 -1.21 -3.66
C SER A 120 7.10 -0.43 -4.94
N GLN A 121 6.53 -0.85 -6.07
CA GLN A 121 6.64 -0.07 -7.31
C GLN A 121 5.89 1.24 -7.14
N LYS A 122 6.55 2.35 -7.43
CA LYS A 122 5.99 3.69 -7.40
C LYS A 122 4.81 3.73 -8.39
N ILE A 123 3.65 4.20 -7.96
CA ILE A 123 2.55 4.53 -8.85
C ILE A 123 2.33 6.03 -8.78
N ASP A 124 2.68 6.70 -9.87
CA ASP A 124 2.35 8.09 -10.14
C ASP A 124 0.85 8.22 -10.28
N PHE A 125 0.27 9.29 -9.77
CA PHE A 125 -1.15 9.55 -10.05
C PHE A 125 -1.47 11.03 -10.35
N GLU A 126 -2.74 11.35 -10.56
CA GLU A 126 -3.20 12.69 -10.94
C GLU A 126 -4.20 13.16 -9.88
N ARG A 127 -4.06 14.40 -9.39
CA ARG A 127 -4.79 14.95 -8.26
C ARG A 127 -5.97 15.79 -8.72
N GLU A 128 -7.08 15.14 -9.05
CA GLU A 128 -8.27 15.72 -9.69
C GLU A 128 -7.96 16.50 -10.96
N GLY A 1 6.30 -25.72 6.33
CA GLY A 1 5.19 -25.32 7.20
C GLY A 1 4.88 -23.86 7.01
N ALA A 2 4.52 -23.17 8.08
CA ALA A 2 4.57 -21.71 8.20
C ALA A 2 5.31 -21.40 9.50
N GLU A 3 5.57 -20.12 9.79
CA GLU A 3 6.20 -19.68 11.03
C GLU A 3 5.97 -18.17 11.26
N ALA A 4 4.99 -17.57 10.58
CA ALA A 4 4.94 -16.12 10.33
C ALA A 4 6.28 -15.67 9.74
N LEU A 5 6.62 -16.21 8.56
CA LEU A 5 7.80 -15.81 7.82
C LEU A 5 7.65 -14.32 7.50
N PRO A 6 8.75 -13.57 7.36
CA PRO A 6 8.73 -12.14 7.23
C PRO A 6 8.33 -11.73 5.81
N LEU A 7 8.10 -10.44 5.58
CA LEU A 7 7.66 -9.90 4.29
C LEU A 7 8.62 -10.26 3.17
N TYR A 8 8.06 -10.64 2.03
CA TYR A 8 8.81 -11.04 0.84
C TYR A 8 8.19 -10.56 -0.47
N TYR A 9 7.09 -9.79 -0.45
CA TYR A 9 6.48 -9.17 -1.62
C TYR A 9 5.68 -7.94 -1.15
N LEU A 10 6.00 -6.77 -1.68
CA LEU A 10 5.21 -5.55 -1.51
C LEU A 10 4.62 -5.25 -2.88
N GLN A 11 3.30 -5.07 -2.98
CA GLN A 11 2.69 -4.49 -4.17
C GLN A 11 1.46 -3.70 -3.75
N ILE A 12 1.18 -2.60 -4.45
CA ILE A 12 0.01 -1.77 -4.20
C ILE A 12 -1.30 -2.49 -4.56
N THR A 13 -1.29 -3.47 -5.48
CA THR A 13 -2.40 -4.40 -5.76
C THR A 13 -3.74 -3.77 -6.18
N GLY A 14 -4.41 -2.96 -5.36
CA GLY A 14 -5.62 -2.25 -5.71
C GLY A 14 -5.59 -0.84 -5.15
N ILE A 15 -6.29 0.09 -5.80
CA ILE A 15 -6.28 1.49 -5.42
C ILE A 15 -7.62 2.11 -5.79
N THR A 16 -8.04 3.10 -5.01
CA THR A 16 -9.15 3.96 -5.35
C THR A 16 -9.05 5.24 -4.52
N SER A 17 -10.05 6.12 -4.59
CA SER A 17 -10.17 7.24 -3.68
C SER A 17 -11.62 7.45 -3.29
N ASP A 18 -11.81 8.38 -2.36
CA ASP A 18 -13.11 8.87 -1.94
C ASP A 18 -13.81 9.60 -3.08
N GLY A 19 -13.05 10.25 -3.96
CA GLY A 19 -13.53 10.72 -5.26
C GLY A 19 -13.29 9.70 -6.38
N ASN A 20 -13.62 8.42 -6.20
CA ASN A 20 -13.68 7.50 -7.34
C ASN A 20 -14.73 6.39 -7.25
N ASP A 21 -15.84 6.59 -6.56
CA ASP A 21 -16.90 5.58 -6.39
C ASP A 21 -16.36 4.35 -5.64
N PHE A 22 -15.20 4.50 -4.99
CA PHE A 22 -14.42 3.48 -4.32
C PHE A 22 -14.11 2.30 -5.28
N ALA A 23 -13.93 2.59 -6.58
CA ALA A 23 -13.63 1.66 -7.66
C ALA A 23 -12.19 1.12 -7.60
N TRP A 24 -12.00 -0.06 -7.01
CA TRP A 24 -10.73 -0.60 -6.50
C TRP A 24 -9.65 -1.03 -7.49
N ASP A 25 -9.88 -1.03 -8.80
CA ASP A 25 -8.87 -1.15 -9.87
C ASP A 25 -7.79 -2.22 -9.63
N ASN A 26 -7.96 -3.45 -10.11
CA ASN A 26 -6.90 -4.46 -9.98
C ASN A 26 -5.69 -4.10 -10.83
N LEU A 27 -4.65 -3.59 -10.18
CA LEU A 27 -3.47 -3.01 -10.78
C LEU A 27 -2.63 -4.13 -11.38
N THR A 28 -2.16 -3.91 -12.61
CA THR A 28 -1.27 -4.83 -13.28
C THR A 28 -0.02 -5.02 -12.42
N SER A 29 0.56 -6.22 -12.47
CA SER A 29 1.69 -6.54 -11.62
C SER A 29 2.85 -5.58 -11.88
N SER A 30 3.24 -5.49 -13.15
CA SER A 30 4.27 -4.63 -13.68
C SER A 30 3.86 -3.16 -13.80
N GLN A 31 2.72 -2.74 -13.24
CA GLN A 31 2.23 -1.37 -13.40
C GLN A 31 3.28 -0.36 -12.92
N THR A 32 3.29 0.80 -13.57
CA THR A 32 4.16 1.92 -13.26
C THR A 32 3.38 3.25 -13.16
N LYS A 33 2.06 3.24 -13.38
CA LYS A 33 1.26 4.46 -13.52
C LYS A 33 -0.19 4.17 -13.17
N ALA A 34 -0.95 5.14 -12.67
CA ALA A 34 -2.29 4.90 -12.16
C ALA A 34 -3.28 4.71 -13.30
N PRO A 35 -4.44 4.10 -12.99
CA PRO A 35 -5.48 3.87 -13.96
C PRO A 35 -6.18 5.16 -14.41
N ASN A 36 -6.52 6.09 -13.49
CA ASN A 36 -7.20 7.35 -13.82
C ASN A 36 -6.81 8.36 -12.76
N VAL A 37 -7.07 9.65 -13.03
CA VAL A 37 -7.17 10.64 -11.97
C VAL A 37 -8.23 10.26 -10.94
N LEU A 38 -7.73 10.00 -9.74
CA LEU A 38 -8.43 9.80 -8.48
C LEU A 38 -8.86 11.16 -7.92
N LYS A 39 -10.15 11.50 -7.91
CA LYS A 39 -10.58 12.75 -7.29
C LYS A 39 -10.50 12.60 -5.76
N GLY A 40 -10.64 13.69 -5.01
CA GLY A 40 -10.66 13.62 -3.56
C GLY A 40 -9.26 13.78 -2.98
N ASN A 41 -9.07 13.29 -1.76
CA ASN A 41 -7.76 13.25 -1.09
C ASN A 41 -7.48 11.89 -0.45
N LYS A 42 -8.51 11.17 0.00
CA LYS A 42 -8.26 9.91 0.69
C LYS A 42 -7.92 8.86 -0.34
N LEU A 43 -6.66 8.50 -0.38
CA LEU A 43 -6.07 7.54 -1.29
C LEU A 43 -6.21 6.19 -0.63
N TYR A 44 -7.28 5.47 -0.97
CA TYR A 44 -7.56 4.18 -0.41
C TYR A 44 -6.73 3.17 -1.19
N VAL A 45 -5.71 2.63 -0.54
CA VAL A 45 -4.87 1.57 -1.10
C VAL A 45 -5.27 0.24 -0.45
N LYS A 46 -5.23 -0.83 -1.26
CA LYS A 46 -5.38 -2.21 -0.86
C LYS A 46 -4.08 -2.90 -1.30
N ALA A 47 -2.98 -2.61 -0.59
CA ALA A 47 -1.65 -3.12 -0.85
C ALA A 47 -1.50 -4.53 -0.26
N ARG A 48 -1.08 -5.51 -1.07
CA ARG A 48 -0.91 -6.87 -0.61
C ARG A 48 0.46 -7.01 0.03
N PHE A 49 0.53 -7.69 1.17
CA PHE A 49 1.79 -7.97 1.87
C PHE A 49 1.88 -9.48 1.96
N MET A 50 2.80 -10.10 1.23
CA MET A 50 3.01 -11.55 1.31
C MET A 50 4.14 -11.75 2.29
N GLY A 51 3.83 -12.26 3.48
CA GLY A 51 4.79 -12.37 4.57
C GLY A 51 4.47 -11.34 5.65
N TYR A 52 4.95 -11.58 6.85
CA TYR A 52 4.62 -10.86 8.06
C TYR A 52 5.48 -9.60 8.17
N THR A 53 4.85 -8.44 8.26
CA THR A 53 5.45 -7.24 8.79
C THR A 53 4.35 -6.47 9.51
N LYS A 54 4.74 -5.64 10.48
CA LYS A 54 3.87 -4.61 11.02
C LYS A 54 4.68 -3.33 11.29
N LEU A 55 5.63 -3.05 10.41
CA LEU A 55 6.35 -1.78 10.38
C LEU A 55 6.39 -1.30 8.94
N THR A 56 5.21 -0.98 8.43
CA THR A 56 5.04 -0.24 7.20
C THR A 56 5.45 1.21 7.48
N VAL A 57 6.01 1.89 6.47
CA VAL A 57 6.50 3.26 6.51
C VAL A 57 6.09 3.93 5.19
N ILE A 58 5.87 5.24 5.24
CA ILE A 58 5.52 6.06 4.10
C ILE A 58 6.27 7.36 4.35
N THR A 59 7.41 7.56 3.70
CA THR A 59 8.36 8.64 3.96
C THR A 59 7.71 10.01 3.79
N GLY A 60 6.98 10.19 2.69
CA GLY A 60 6.20 11.37 2.29
C GLY A 60 7.06 12.58 1.93
N LYS A 61 6.40 13.67 1.56
CA LYS A 61 6.98 14.99 1.29
C LYS A 61 7.65 15.48 2.56
N ASP A 62 6.93 15.36 3.67
CA ASP A 62 7.42 15.59 5.03
C ASP A 62 8.74 14.87 5.30
N GLY A 63 8.97 13.70 4.70
CA GLY A 63 10.23 13.00 4.79
C GLY A 63 10.52 12.50 6.20
N LYS A 64 9.48 12.23 7.00
CA LYS A 64 9.59 11.93 8.43
C LYS A 64 8.64 10.81 8.88
N ASN A 65 8.11 10.02 7.93
CA ASN A 65 7.17 8.93 8.14
C ASN A 65 5.77 9.48 8.41
N LEU A 66 5.00 9.67 7.35
CA LEU A 66 3.60 10.10 7.35
C LEU A 66 2.72 9.38 8.37
N LEU A 67 2.90 8.05 8.52
CA LEU A 67 2.11 7.29 9.47
C LEU A 67 2.38 7.71 10.92
N TYR A 68 3.54 8.31 11.23
CA TYR A 68 3.90 8.88 12.52
C TYR A 68 3.61 10.40 12.55
N ASN A 69 2.85 10.91 11.57
CA ASN A 69 2.31 12.26 11.54
C ASN A 69 0.85 12.12 11.98
N GLY A 70 -0.03 11.63 11.09
CA GLY A 70 -1.38 11.25 11.49
C GLY A 70 -2.42 11.21 10.36
N THR A 71 -2.17 11.76 9.19
CA THR A 71 -3.12 11.66 8.08
C THR A 71 -3.16 10.21 7.57
N ALA A 72 -2.04 9.68 7.08
CA ALA A 72 -1.97 8.30 6.64
C ALA A 72 -2.02 7.39 7.85
N LYS A 73 -2.90 6.40 7.83
CA LYS A 73 -2.97 5.37 8.86
C LYS A 73 -3.72 4.17 8.31
N MET A 74 -3.41 2.96 8.78
CA MET A 74 -4.20 1.78 8.47
C MET A 74 -5.46 1.72 9.32
N PHE A 75 -6.56 1.23 8.75
CA PHE A 75 -7.88 1.23 9.37
C PHE A 75 -8.70 -0.01 9.00
N LYS A 76 -8.11 -0.96 8.25
CA LYS A 76 -8.77 -2.20 7.88
C LYS A 76 -7.68 -3.20 7.52
N SER A 77 -7.90 -4.48 7.82
CA SER A 77 -6.94 -5.55 7.62
C SER A 77 -7.76 -6.81 7.43
N ASP A 78 -7.82 -7.33 6.20
CA ASP A 78 -8.53 -8.57 5.89
C ASP A 78 -7.54 -9.74 6.00
N ALA A 79 -7.89 -10.93 5.51
CA ALA A 79 -6.95 -12.06 5.43
C ALA A 79 -7.07 -12.79 4.07
N ILE A 80 -5.94 -12.92 3.35
CA ILE A 80 -5.87 -13.58 2.04
C ILE A 80 -5.57 -15.06 2.32
N LEU A 81 -6.53 -15.95 2.11
CA LEU A 81 -6.21 -17.37 2.03
C LEU A 81 -5.73 -17.67 0.60
N GLY A 82 -4.95 -18.73 0.41
CA GLY A 82 -4.26 -19.04 -0.83
C GLY A 82 -4.67 -20.40 -1.38
N GLN A 83 -5.98 -20.58 -1.63
CA GLN A 83 -6.64 -21.76 -2.18
C GLN A 83 -6.59 -22.95 -1.22
N ASN A 84 -5.40 -23.42 -0.83
CA ASN A 84 -5.27 -24.54 0.12
C ASN A 84 -5.37 -24.03 1.56
N LYS A 85 -6.37 -23.20 1.86
CA LYS A 85 -6.68 -22.59 3.14
C LYS A 85 -5.53 -21.88 3.85
N VAL A 86 -4.45 -21.60 3.15
CA VAL A 86 -3.18 -21.08 3.67
C VAL A 86 -3.23 -19.56 3.73
N VAL A 87 -2.94 -18.97 4.90
CA VAL A 87 -2.63 -17.54 4.98
C VAL A 87 -1.33 -17.27 4.21
N ILE A 88 -1.47 -16.88 2.94
CA ILE A 88 -0.34 -16.45 2.12
C ILE A 88 0.07 -15.03 2.48
N GLY A 89 -0.85 -14.20 2.97
CA GLY A 89 -0.61 -12.82 3.32
C GLY A 89 -1.93 -12.16 3.71
N TRP A 90 -1.94 -10.84 3.75
CA TRP A 90 -3.12 -10.07 4.12
C TRP A 90 -3.17 -8.83 3.27
N ASP A 91 -4.39 -8.33 3.07
CA ASP A 91 -4.65 -7.01 2.53
C ASP A 91 -4.84 -6.11 3.75
N LYS A 92 -3.73 -5.52 4.20
CA LYS A 92 -3.73 -4.38 5.13
C LYS A 92 -3.95 -3.10 4.32
N TYR A 93 -5.14 -2.51 4.44
CA TYR A 93 -5.52 -1.28 3.76
C TYR A 93 -4.93 -0.07 4.49
N PHE A 94 -4.69 1.03 3.76
CA PHE A 94 -4.12 2.27 4.28
C PHE A 94 -4.88 3.49 3.77
N GLU A 95 -4.93 4.56 4.58
CA GLU A 95 -5.62 5.82 4.24
C GLU A 95 -4.64 6.95 3.88
N ILE A 96 -3.85 6.79 2.83
CA ILE A 96 -2.82 7.78 2.52
C ILE A 96 -3.51 9.07 2.00
N PRO A 97 -2.91 10.27 2.14
CA PRO A 97 -3.31 11.46 1.39
C PRO A 97 -3.01 11.29 -0.11
N MET A 98 -3.34 12.31 -0.89
CA MET A 98 -2.88 12.51 -2.26
C MET A 98 -2.08 13.79 -2.41
N ASP A 99 -1.67 14.36 -1.29
CA ASP A 99 -1.11 15.70 -1.18
C ASP A 99 0.09 15.73 -0.23
N ALA A 100 0.57 14.57 0.28
CA ALA A 100 1.66 14.60 1.26
C ALA A 100 2.77 13.61 0.89
N LEU A 101 2.71 13.10 -0.32
CA LEU A 101 3.71 12.25 -0.90
C LEU A 101 4.80 13.13 -1.47
N GLN A 102 5.98 12.56 -1.64
CA GLN A 102 7.14 13.23 -2.16
C GLN A 102 6.93 13.76 -3.58
N ASP A 103 5.90 13.29 -4.29
CA ASP A 103 5.56 13.69 -5.65
C ASP A 103 4.09 13.33 -5.90
N ASN A 104 3.58 13.55 -7.11
CA ASN A 104 2.28 13.07 -7.58
C ASN A 104 2.35 11.56 -7.87
N SER A 105 3.00 10.81 -6.98
CA SER A 105 3.01 9.36 -7.03
C SER A 105 2.95 8.86 -5.59
N ILE A 106 2.17 7.81 -5.35
CA ILE A 106 2.14 7.13 -4.07
C ILE A 106 3.19 6.01 -4.15
N GLN A 107 3.84 5.68 -3.05
CA GLN A 107 4.41 4.35 -2.82
C GLN A 107 4.26 3.99 -1.33
N ILE A 108 4.63 2.79 -0.94
CA ILE A 108 4.69 2.30 0.43
C ILE A 108 6.10 1.70 0.60
N LYS A 109 6.56 1.44 1.82
CA LYS A 109 7.68 0.54 2.09
C LYS A 109 7.45 -0.15 3.44
N ALA A 110 8.14 -1.25 3.76
CA ALA A 110 8.06 -1.89 5.08
C ALA A 110 9.34 -2.62 5.45
N LEU A 111 9.58 -2.83 6.75
CA LEU A 111 10.70 -3.62 7.29
C LEU A 111 10.35 -5.10 7.25
N SER A 112 11.18 -5.93 6.58
CA SER A 112 11.05 -7.38 6.62
C SER A 112 11.42 -7.87 8.02
N SER A 113 12.71 -7.92 8.35
CA SER A 113 13.30 -8.20 9.67
C SER A 113 14.82 -8.16 9.60
N GLY A 114 15.42 -8.94 8.70
CA GLY A 114 16.86 -9.09 8.61
C GLY A 114 17.48 -7.96 7.82
N THR A 115 17.47 -6.75 8.40
CA THR A 115 17.93 -5.45 7.90
C THR A 115 17.24 -4.94 6.61
N THR A 116 16.49 -5.79 5.93
CA THR A 116 15.80 -5.66 4.66
C THR A 116 14.62 -4.70 4.78
N PHE A 117 14.52 -3.75 3.88
CA PHE A 117 13.38 -2.87 3.73
C PHE A 117 12.91 -2.96 2.28
N VAL A 118 11.63 -3.24 2.09
CA VAL A 118 11.04 -3.51 0.78
C VAL A 118 10.13 -2.34 0.46
N TYR A 119 10.46 -1.62 -0.61
CA TYR A 119 9.65 -0.54 -1.16
C TYR A 119 8.59 -1.16 -2.08
N SER A 120 7.46 -0.49 -2.24
CA SER A 120 6.59 -0.76 -3.37
C SER A 120 7.17 -0.06 -4.59
N GLN A 121 6.68 -0.44 -5.77
CA GLN A 121 6.89 0.32 -6.99
C GLN A 121 6.26 1.72 -6.87
N LYS A 122 6.77 2.66 -7.66
CA LYS A 122 6.25 4.02 -7.79
C LYS A 122 5.13 3.99 -8.82
N ILE A 123 3.99 4.59 -8.49
CA ILE A 123 2.83 4.72 -9.36
C ILE A 123 2.40 6.17 -9.19
N ASP A 124 2.67 6.91 -10.25
CA ASP A 124 2.13 8.21 -10.59
C ASP A 124 0.62 8.18 -10.63
N PHE A 125 -0.02 9.32 -10.32
CA PHE A 125 -1.45 9.51 -10.45
C PHE A 125 -1.75 10.99 -10.75
N GLU A 126 -3.01 11.33 -10.99
CA GLU A 126 -3.50 12.71 -10.98
C GLU A 126 -4.66 12.79 -10.00
N ARG A 127 -4.89 13.99 -9.46
CA ARG A 127 -5.87 14.24 -8.42
C ARG A 127 -6.71 15.46 -8.73
N GLU A 128 -7.93 15.16 -9.18
CA GLU A 128 -8.99 16.06 -9.63
C GLU A 128 -8.43 17.15 -10.54
N GLY A 1 6.82 -27.04 6.47
CA GLY A 1 6.94 -26.17 5.28
C GLY A 1 6.15 -24.90 5.50
N ALA A 2 6.55 -23.82 4.83
CA ALA A 2 6.22 -22.44 5.11
C ALA A 2 6.82 -22.03 6.46
N GLU A 3 6.17 -22.33 7.58
CA GLU A 3 6.29 -21.50 8.79
C GLU A 3 5.71 -20.09 8.50
N ALA A 4 6.01 -19.10 9.33
CA ALA A 4 5.73 -17.70 9.13
C ALA A 4 6.96 -17.03 8.50
N LEU A 5 7.07 -17.00 7.16
CA LEU A 5 8.12 -16.32 6.45
C LEU A 5 8.07 -14.83 6.72
N PRO A 6 9.17 -14.11 6.48
CA PRO A 6 9.12 -12.67 6.34
C PRO A 6 8.44 -12.29 5.02
N LEU A 7 8.14 -11.01 4.88
CA LEU A 7 7.56 -10.37 3.71
C LEU A 7 8.30 -10.74 2.41
N TYR A 8 7.73 -11.67 1.65
CA TYR A 8 8.22 -12.13 0.37
C TYR A 8 7.50 -11.46 -0.81
N TYR A 9 6.56 -10.53 -0.58
CA TYR A 9 5.97 -9.70 -1.64
C TYR A 9 5.35 -8.45 -1.04
N LEU A 10 5.69 -7.27 -1.58
CA LEU A 10 5.12 -5.97 -1.23
C LEU A 10 4.80 -5.27 -2.54
N GLN A 11 3.51 -5.12 -2.84
CA GLN A 11 3.06 -4.50 -4.07
C GLN A 11 1.71 -3.85 -3.82
N ILE A 12 1.41 -2.77 -4.54
CA ILE A 12 0.22 -1.98 -4.24
C ILE A 12 -1.08 -2.73 -4.59
N THR A 13 -1.09 -3.56 -5.63
CA THR A 13 -2.19 -4.46 -5.99
C THR A 13 -3.44 -3.74 -6.52
N GLY A 14 -4.01 -2.78 -5.81
CA GLY A 14 -4.99 -1.86 -6.37
C GLY A 14 -5.19 -0.65 -5.50
N ILE A 15 -6.02 0.25 -5.99
CA ILE A 15 -6.05 1.63 -5.57
C ILE A 15 -7.43 2.18 -5.89
N THR A 16 -7.88 3.14 -5.13
CA THR A 16 -9.04 3.96 -5.45
C THR A 16 -8.96 5.20 -4.58
N SER A 17 -9.89 6.13 -4.74
CA SER A 17 -10.06 7.26 -3.86
C SER A 17 -11.53 7.46 -3.56
N ASP A 18 -11.79 8.37 -2.63
CA ASP A 18 -13.11 8.83 -2.19
C ASP A 18 -13.88 9.55 -3.31
N GLY A 19 -13.20 9.98 -4.38
CA GLY A 19 -13.81 10.48 -5.61
C GLY A 19 -13.82 9.48 -6.77
N ASN A 20 -13.35 8.24 -6.60
CA ASN A 20 -13.31 7.22 -7.67
C ASN A 20 -14.39 6.16 -7.50
N ASP A 21 -15.37 6.38 -6.62
CA ASP A 21 -16.49 5.48 -6.35
C ASP A 21 -16.02 4.10 -5.86
N PHE A 22 -14.91 4.08 -5.13
CA PHE A 22 -14.29 2.88 -4.58
C PHE A 22 -13.98 1.82 -5.67
N ALA A 23 -13.77 2.25 -6.92
CA ALA A 23 -13.30 1.40 -8.01
C ALA A 23 -11.86 0.95 -7.73
N TRP A 24 -11.70 -0.12 -6.96
CA TRP A 24 -10.44 -0.63 -6.41
C TRP A 24 -9.40 -1.10 -7.42
N ASP A 25 -9.80 -1.26 -8.68
CA ASP A 25 -8.96 -1.58 -9.85
C ASP A 25 -8.07 -2.81 -9.62
N ASN A 26 -7.18 -3.12 -10.58
CA ASN A 26 -6.03 -4.02 -10.40
C ASN A 26 -4.82 -3.42 -11.06
N LEU A 27 -3.88 -2.91 -10.26
CA LEU A 27 -2.62 -2.37 -10.73
C LEU A 27 -1.79 -3.52 -11.31
N THR A 28 -1.33 -3.36 -12.54
CA THR A 28 -0.60 -4.38 -13.27
C THR A 28 0.79 -4.62 -12.68
N SER A 29 1.37 -5.78 -12.99
CA SER A 29 2.52 -6.39 -12.34
C SER A 29 3.81 -5.56 -12.36
N SER A 30 3.95 -4.59 -13.28
CA SER A 30 5.06 -3.63 -13.29
C SER A 30 4.55 -2.21 -13.55
N GLN A 31 3.25 -1.94 -13.37
CA GLN A 31 2.60 -0.64 -13.61
C GLN A 31 3.42 0.51 -12.98
N THR A 32 3.38 1.68 -13.61
CA THR A 32 4.08 2.86 -13.11
C THR A 32 3.15 4.08 -12.97
N LYS A 33 1.88 3.98 -13.41
CA LYS A 33 0.91 5.08 -13.36
C LYS A 33 -0.46 4.54 -12.99
N ALA A 34 -1.31 5.40 -12.43
CA ALA A 34 -2.65 5.05 -12.02
C ALA A 34 -3.52 4.72 -13.24
N PRO A 35 -4.64 4.01 -13.05
CA PRO A 35 -5.56 3.67 -14.12
C PRO A 35 -6.31 4.90 -14.67
N ASN A 36 -6.62 5.88 -13.82
CA ASN A 36 -7.27 7.15 -14.14
C ASN A 36 -6.84 8.16 -13.07
N VAL A 37 -7.16 9.44 -13.28
CA VAL A 37 -7.15 10.44 -12.21
C VAL A 37 -8.09 10.10 -11.07
N LEU A 38 -7.49 9.68 -9.96
CA LEU A 38 -8.07 9.46 -8.65
C LEU A 38 -8.59 10.79 -8.09
N LYS A 39 -9.88 11.09 -8.25
CA LYS A 39 -10.49 12.33 -7.75
C LYS A 39 -10.65 12.27 -6.22
N GLY A 40 -11.10 13.35 -5.59
CA GLY A 40 -11.21 13.41 -4.13
C GLY A 40 -9.91 13.95 -3.54
N ASN A 41 -9.72 13.77 -2.22
CA ASN A 41 -8.50 14.14 -1.52
C ASN A 41 -7.94 13.02 -0.64
N LYS A 42 -8.77 12.05 -0.23
CA LYS A 42 -8.26 10.88 0.45
C LYS A 42 -7.80 9.93 -0.65
N LEU A 43 -6.79 9.12 -0.35
CA LEU A 43 -6.28 8.08 -1.21
C LEU A 43 -6.39 6.76 -0.44
N TYR A 44 -7.08 5.76 -1.02
CA TYR A 44 -7.24 4.44 -0.43
C TYR A 44 -6.35 3.46 -1.21
N VAL A 45 -5.54 2.68 -0.50
CA VAL A 45 -4.61 1.72 -1.11
C VAL A 45 -4.86 0.32 -0.55
N LYS A 46 -4.59 -0.72 -1.36
CA LYS A 46 -4.86 -2.12 -1.06
C LYS A 46 -3.59 -2.97 -1.17
N ALA A 47 -2.50 -2.57 -0.52
CA ALA A 47 -1.18 -3.14 -0.73
C ALA A 47 -1.08 -4.58 -0.21
N ARG A 48 -1.04 -5.59 -1.10
CA ARG A 48 -0.93 -7.00 -0.71
C ARG A 48 0.43 -7.26 -0.11
N PHE A 49 0.51 -7.52 1.20
CA PHE A 49 1.73 -7.97 1.84
C PHE A 49 1.62 -9.48 1.94
N MET A 50 2.57 -10.21 1.37
CA MET A 50 2.65 -11.67 1.46
C MET A 50 3.85 -11.99 2.33
N GLY A 51 3.63 -12.68 3.44
CA GLY A 51 4.61 -12.89 4.50
C GLY A 51 4.41 -11.90 5.66
N TYR A 52 4.98 -12.21 6.83
CA TYR A 52 4.87 -11.39 8.03
C TYR A 52 5.69 -10.12 7.85
N THR A 53 5.09 -8.97 8.19
CA THR A 53 5.65 -7.63 8.33
C THR A 53 4.50 -6.70 8.66
N LYS A 54 4.42 -6.25 9.91
CA LYS A 54 3.53 -5.18 10.34
C LYS A 54 4.18 -3.81 10.24
N LEU A 55 5.48 -3.75 9.95
CA LEU A 55 6.32 -2.55 10.03
C LEU A 55 6.25 -1.75 8.72
N THR A 56 5.06 -1.31 8.33
CA THR A 56 4.88 -0.47 7.15
C THR A 56 5.54 0.90 7.37
N VAL A 57 6.03 1.55 6.31
CA VAL A 57 6.38 2.96 6.25
C VAL A 57 5.82 3.52 4.94
N ILE A 58 5.55 4.82 4.94
CA ILE A 58 5.17 5.64 3.79
C ILE A 58 5.95 6.93 4.05
N THR A 59 7.01 7.20 3.29
CA THR A 59 7.97 8.25 3.61
C THR A 59 7.30 9.63 3.59
N GLY A 60 6.46 9.89 2.59
CA GLY A 60 5.81 11.18 2.39
C GLY A 60 6.71 12.13 1.66
N LYS A 61 6.67 13.40 2.03
CA LYS A 61 7.47 14.45 1.39
C LYS A 61 8.93 14.30 1.73
N ASP A 62 9.32 14.80 2.91
CA ASP A 62 10.72 14.87 3.33
C ASP A 62 11.06 13.71 4.26
N GLY A 63 10.42 12.56 4.01
CA GLY A 63 10.72 11.31 4.66
C GLY A 63 10.48 11.35 6.16
N LYS A 64 9.35 11.91 6.59
CA LYS A 64 8.98 12.00 8.01
C LYS A 64 7.87 11.03 8.41
N ASN A 65 7.58 10.05 7.54
CA ASN A 65 6.80 8.85 7.80
C ASN A 65 5.34 9.22 8.01
N LEU A 66 4.52 9.25 6.96
CA LEU A 66 3.15 9.74 7.03
C LEU A 66 2.30 8.97 8.04
N LEU A 67 2.57 7.67 8.20
CA LEU A 67 1.88 6.84 9.20
C LEU A 67 2.18 7.30 10.64
N TYR A 68 3.22 8.10 10.87
CA TYR A 68 3.60 8.69 12.14
C TYR A 68 3.44 10.22 12.15
N ASN A 69 3.16 10.87 11.00
CA ASN A 69 2.71 12.27 10.98
C ASN A 69 1.40 12.35 11.76
N GLY A 70 0.41 11.58 11.27
CA GLY A 70 -0.94 11.54 11.79
C GLY A 70 -1.96 11.26 10.69
N THR A 71 -1.71 11.68 9.45
CA THR A 71 -2.75 11.68 8.42
C THR A 71 -2.99 10.27 7.89
N ALA A 72 -1.95 9.66 7.30
CA ALA A 72 -2.05 8.28 6.86
C ALA A 72 -2.21 7.42 8.10
N LYS A 73 -3.25 6.61 8.11
CA LYS A 73 -3.63 5.76 9.21
C LYS A 73 -4.29 4.53 8.59
N MET A 74 -4.25 3.39 9.26
CA MET A 74 -5.06 2.27 8.84
C MET A 74 -6.41 2.32 9.51
N PHE A 75 -7.40 1.78 8.81
CA PHE A 75 -8.77 1.73 9.27
C PHE A 75 -9.42 0.38 8.93
N LYS A 76 -8.69 -0.61 8.39
CA LYS A 76 -9.30 -1.91 8.05
C LYS A 76 -8.16 -2.89 7.95
N SER A 77 -8.33 -4.14 8.40
CA SER A 77 -7.29 -5.15 8.33
C SER A 77 -7.93 -6.53 8.36
N ASP A 78 -8.00 -7.24 7.25
CA ASP A 78 -8.70 -8.55 7.13
C ASP A 78 -7.64 -9.62 6.96
N ALA A 79 -8.06 -10.80 6.54
CA ALA A 79 -7.19 -11.93 6.21
C ALA A 79 -7.30 -12.31 4.73
N ILE A 80 -6.30 -13.03 4.23
CA ILE A 80 -6.20 -13.57 2.88
C ILE A 80 -5.78 -15.02 3.04
N LEU A 81 -6.60 -15.95 2.57
CA LEU A 81 -6.18 -17.33 2.48
C LEU A 81 -5.49 -17.54 1.14
N GLY A 82 -4.43 -18.35 1.13
CA GLY A 82 -3.92 -18.97 -0.09
C GLY A 82 -4.63 -20.30 -0.30
N GLN A 83 -4.50 -20.91 -1.48
CA GLN A 83 -5.36 -21.98 -2.00
C GLN A 83 -5.23 -23.33 -1.26
N ASN A 84 -4.61 -23.34 -0.08
CA ASN A 84 -4.58 -24.43 0.87
C ASN A 84 -4.95 -23.94 2.27
N LYS A 85 -5.81 -22.91 2.38
CA LYS A 85 -6.27 -22.27 3.61
C LYS A 85 -5.15 -21.67 4.46
N VAL A 86 -3.96 -21.48 3.87
CA VAL A 86 -2.77 -20.90 4.49
C VAL A 86 -2.94 -19.39 4.69
N VAL A 87 -2.35 -18.82 5.74
CA VAL A 87 -2.33 -17.37 5.95
C VAL A 87 -1.20 -16.78 5.08
N ILE A 88 -1.42 -16.62 3.77
CA ILE A 88 -0.36 -16.12 2.89
C ILE A 88 0.02 -14.68 3.21
N GLY A 89 -0.92 -13.89 3.75
CA GLY A 89 -0.73 -12.48 4.01
C GLY A 89 -2.07 -11.89 4.44
N TRP A 90 -2.16 -10.57 4.53
CA TRP A 90 -3.35 -9.86 4.97
C TRP A 90 -3.51 -8.67 4.04
N ASP A 91 -4.76 -8.23 3.79
CA ASP A 91 -4.98 -7.15 2.81
C ASP A 91 -4.93 -5.87 3.66
N LYS A 92 -3.78 -5.20 3.71
CA LYS A 92 -3.58 -4.07 4.63
C LYS A 92 -4.04 -2.77 3.98
N TYR A 93 -5.01 -2.09 4.59
CA TYR A 93 -5.63 -0.88 4.06
C TYR A 93 -5.08 0.35 4.79
N PHE A 94 -4.94 1.48 4.08
CA PHE A 94 -4.43 2.75 4.59
C PHE A 94 -5.18 3.93 3.99
N GLU A 95 -5.22 5.08 4.69
CA GLU A 95 -5.88 6.32 4.27
C GLU A 95 -4.90 7.48 4.06
N ILE A 96 -4.22 7.54 2.93
CA ILE A 96 -3.15 8.52 2.77
C ILE A 96 -3.75 9.85 2.22
N PRO A 97 -3.22 11.02 2.63
CA PRO A 97 -3.47 12.29 1.97
C PRO A 97 -3.02 12.25 0.51
N MET A 98 -3.62 13.14 -0.27
CA MET A 98 -3.20 13.46 -1.63
C MET A 98 -2.39 14.76 -1.69
N ASP A 99 -2.03 15.36 -0.55
CA ASP A 99 -1.30 16.63 -0.52
C ASP A 99 -0.09 16.62 0.42
N ALA A 100 0.37 15.43 0.83
CA ALA A 100 1.53 15.25 1.74
C ALA A 100 2.53 14.16 1.29
N LEU A 101 2.45 13.68 0.05
CA LEU A 101 3.46 12.78 -0.53
C LEU A 101 4.47 13.63 -1.30
N GLN A 102 5.70 13.13 -1.45
CA GLN A 102 6.77 13.84 -2.14
C GLN A 102 6.35 14.37 -3.52
N ASP A 103 5.49 13.65 -4.23
CA ASP A 103 4.83 14.18 -5.41
C ASP A 103 3.49 13.48 -5.60
N ASN A 104 2.78 13.73 -6.70
CA ASN A 104 1.51 13.07 -7.03
C ASN A 104 1.80 11.63 -7.49
N SER A 105 2.19 10.78 -6.57
CA SER A 105 2.25 9.34 -6.76
C SER A 105 2.10 8.65 -5.40
N ILE A 106 1.79 7.36 -5.40
CA ILE A 106 1.78 6.52 -4.21
C ILE A 106 3.05 5.66 -4.15
N GLN A 107 3.49 5.28 -2.94
CA GLN A 107 4.48 4.22 -2.74
C GLN A 107 4.54 3.80 -1.26
N ILE A 108 4.51 2.49 -1.00
CA ILE A 108 4.60 1.89 0.34
C ILE A 108 5.86 1.02 0.35
N LYS A 109 6.46 0.83 1.52
CA LYS A 109 7.74 0.15 1.72
C LYS A 109 7.76 -0.38 3.16
N ALA A 110 8.36 -1.54 3.42
CA ALA A 110 8.41 -2.12 4.78
C ALA A 110 9.64 -3.03 4.98
N LEU A 111 10.16 -3.13 6.22
CA LEU A 111 11.23 -4.07 6.61
C LEU A 111 10.67 -5.49 6.58
N SER A 112 11.22 -6.41 5.79
CA SER A 112 10.72 -7.78 5.75
C SER A 112 10.97 -8.54 7.05
N SER A 113 12.18 -8.40 7.60
CA SER A 113 12.60 -9.21 8.74
C SER A 113 13.55 -8.43 9.66
N GLY A 114 14.72 -8.07 9.15
CA GLY A 114 15.92 -7.82 9.93
C GLY A 114 16.80 -6.76 9.30
N THR A 115 17.30 -7.00 8.10
CA THR A 115 18.23 -6.09 7.41
C THR A 115 17.73 -5.68 6.03
N THR A 116 16.60 -6.22 5.60
CA THR A 116 16.13 -6.11 4.23
C THR A 116 14.81 -5.35 4.25
N PHE A 117 14.75 -4.27 3.49
CA PHE A 117 13.60 -3.39 3.34
C PHE A 117 13.06 -3.59 1.93
N VAL A 118 11.80 -4.01 1.83
CA VAL A 118 11.11 -4.23 0.58
C VAL A 118 10.45 -2.90 0.21
N TYR A 119 10.52 -2.50 -1.06
CA TYR A 119 9.86 -1.31 -1.56
C TYR A 119 8.86 -1.76 -2.63
N SER A 120 7.59 -1.39 -2.47
CA SER A 120 6.67 -1.53 -3.58
C SER A 120 7.09 -0.50 -4.64
N GLN A 121 6.66 -0.75 -5.86
CA GLN A 121 6.85 0.09 -7.03
C GLN A 121 6.15 1.44 -6.85
N LYS A 122 6.60 2.50 -7.52
CA LYS A 122 5.92 3.81 -7.52
C LYS A 122 4.78 3.77 -8.54
N ILE A 123 3.70 4.51 -8.29
CA ILE A 123 2.54 4.64 -9.15
C ILE A 123 2.08 6.07 -9.07
N ASP A 124 2.38 6.81 -10.13
CA ASP A 124 1.97 8.19 -10.29
C ASP A 124 0.47 8.32 -10.37
N PHE A 125 -0.03 9.51 -10.06
CA PHE A 125 -1.44 9.86 -10.29
C PHE A 125 -1.69 11.32 -10.69
N GLU A 126 -2.94 11.66 -11.08
CA GLU A 126 -3.40 13.00 -11.41
C GLU A 126 -4.39 13.46 -10.33
N ARG A 127 -4.63 14.77 -10.17
CA ARG A 127 -5.35 15.37 -9.04
C ARG A 127 -6.67 16.00 -9.47
N GLU A 128 -7.71 15.17 -9.47
CA GLU A 128 -9.11 15.42 -9.86
C GLU A 128 -9.26 16.20 -11.17
N GLY A 1 13.88 -20.35 11.74
CA GLY A 1 12.45 -20.28 12.10
C GLY A 1 11.60 -20.99 11.07
N ALA A 2 10.41 -21.44 11.46
CA ALA A 2 9.38 -21.98 10.59
C ALA A 2 8.06 -21.35 11.02
N GLU A 3 7.09 -21.35 10.10
CA GLU A 3 5.89 -20.53 10.07
C GLU A 3 6.13 -19.03 10.33
N ALA A 4 5.04 -18.25 10.20
CA ALA A 4 4.98 -16.80 10.33
C ALA A 4 6.15 -16.10 9.61
N LEU A 5 6.48 -16.60 8.42
CA LEU A 5 7.68 -16.18 7.72
C LEU A 5 7.60 -14.68 7.43
N PRO A 6 8.76 -14.02 7.32
CA PRO A 6 8.82 -12.61 7.06
C PRO A 6 8.40 -12.30 5.63
N LEU A 7 8.11 -11.04 5.44
CA LEU A 7 7.66 -10.39 4.22
C LEU A 7 8.45 -10.75 2.95
N TYR A 8 7.96 -11.68 2.16
CA TYR A 8 8.63 -12.17 0.95
C TYR A 8 8.05 -11.59 -0.35
N TYR A 9 7.23 -10.53 -0.29
CA TYR A 9 6.69 -9.85 -1.47
C TYR A 9 5.96 -8.57 -1.07
N LEU A 10 5.99 -7.50 -1.90
CA LEU A 10 5.25 -6.27 -1.64
C LEU A 10 4.67 -5.78 -2.94
N GLN A 11 3.40 -5.39 -2.90
CA GLN A 11 2.72 -4.80 -4.04
C GLN A 11 1.59 -3.90 -3.52
N ILE A 12 1.35 -2.77 -4.20
CA ILE A 12 0.15 -1.96 -3.98
C ILE A 12 -1.15 -2.72 -4.27
N THR A 13 -1.18 -3.67 -5.22
CA THR A 13 -2.35 -4.49 -5.63
C THR A 13 -3.53 -3.70 -6.18
N GLY A 14 -4.23 -2.91 -5.38
CA GLY A 14 -5.36 -2.10 -5.77
C GLY A 14 -5.31 -0.73 -5.09
N ILE A 15 -6.05 0.23 -5.64
CA ILE A 15 -6.06 1.63 -5.18
C ILE A 15 -7.42 2.24 -5.59
N THR A 16 -7.91 3.26 -4.91
CA THR A 16 -9.09 4.03 -5.25
C THR A 16 -9.14 5.30 -4.39
N SER A 17 -10.24 6.05 -4.37
CA SER A 17 -10.43 7.22 -3.52
C SER A 17 -11.92 7.47 -3.25
N ASP A 18 -12.28 8.43 -2.39
CA ASP A 18 -13.66 8.89 -2.15
C ASP A 18 -14.27 9.34 -3.48
N GLY A 19 -13.64 10.29 -4.14
CA GLY A 19 -14.01 10.69 -5.49
C GLY A 19 -13.51 9.65 -6.50
N ASN A 20 -13.90 8.40 -6.34
CA ASN A 20 -13.63 7.35 -7.30
C ASN A 20 -14.73 6.27 -7.29
N ASP A 21 -15.82 6.47 -6.53
CA ASP A 21 -16.85 5.45 -6.26
C ASP A 21 -16.27 4.17 -5.62
N PHE A 22 -15.15 4.32 -4.88
CA PHE A 22 -14.34 3.23 -4.34
C PHE A 22 -13.95 2.20 -5.40
N ALA A 23 -13.86 2.57 -6.69
CA ALA A 23 -13.38 1.73 -7.78
C ALA A 23 -11.94 1.25 -7.55
N TRP A 24 -11.77 0.10 -6.89
CA TRP A 24 -10.51 -0.46 -6.41
C TRP A 24 -9.46 -0.81 -7.47
N ASP A 25 -9.89 -0.93 -8.72
CA ASP A 25 -9.10 -1.34 -9.88
C ASP A 25 -8.30 -2.64 -9.60
N ASN A 26 -7.50 -3.10 -10.55
CA ASN A 26 -6.38 -4.01 -10.31
C ASN A 26 -5.14 -3.39 -10.91
N LEU A 27 -4.18 -3.03 -10.06
CA LEU A 27 -2.90 -2.50 -10.50
C LEU A 27 -2.10 -3.66 -11.07
N THR A 28 -1.59 -3.50 -12.29
CA THR A 28 -0.82 -4.53 -12.94
C THR A 28 0.42 -4.89 -12.09
N SER A 29 0.86 -6.15 -12.15
CA SER A 29 1.98 -6.68 -11.36
C SER A 29 3.29 -5.91 -11.57
N SER A 30 3.37 -5.13 -12.65
CA SER A 30 4.56 -4.43 -13.09
C SER A 30 4.29 -2.93 -13.24
N GLN A 31 3.11 -2.45 -12.81
CA GLN A 31 2.60 -1.12 -13.12
C GLN A 31 3.56 -0.03 -12.65
N THR A 32 3.52 1.10 -13.34
CA THR A 32 4.34 2.27 -13.06
C THR A 32 3.54 3.58 -13.02
N LYS A 33 2.24 3.53 -13.40
CA LYS A 33 1.33 4.67 -13.35
C LYS A 33 -0.09 4.16 -13.13
N ALA A 34 -0.89 4.96 -12.43
CA ALA A 34 -2.25 4.68 -12.00
C ALA A 34 -3.18 4.43 -13.20
N PRO A 35 -4.34 3.82 -12.95
CA PRO A 35 -5.43 3.74 -13.93
C PRO A 35 -6.18 5.05 -14.10
N ASN A 36 -6.20 5.93 -13.08
CA ASN A 36 -7.08 7.09 -13.10
C ASN A 36 -6.49 8.28 -12.33
N VAL A 37 -6.98 9.48 -12.61
CA VAL A 37 -7.00 10.57 -11.65
C VAL A 37 -8.01 10.22 -10.56
N LEU A 38 -7.50 9.77 -9.42
CA LEU A 38 -8.31 9.47 -8.25
C LEU A 38 -8.65 10.81 -7.59
N LYS A 39 -9.95 11.07 -7.35
CA LYS A 39 -10.41 12.37 -6.85
C LYS A 39 -10.77 12.27 -5.37
N GLY A 40 -11.05 13.39 -4.71
CA GLY A 40 -11.61 13.39 -3.36
C GLY A 40 -10.56 13.41 -2.23
N ASN A 41 -9.27 13.54 -2.53
CA ASN A 41 -8.13 13.77 -1.62
C ASN A 41 -7.79 12.56 -0.74
N LYS A 42 -8.71 11.61 -0.58
CA LYS A 42 -8.57 10.44 0.28
C LYS A 42 -8.11 9.28 -0.56
N LEU A 43 -6.84 8.97 -0.51
CA LEU A 43 -6.22 7.89 -1.26
C LEU A 43 -6.44 6.61 -0.48
N TYR A 44 -7.24 5.70 -1.03
CA TYR A 44 -7.50 4.40 -0.46
C TYR A 44 -6.69 3.38 -1.25
N VAL A 45 -5.88 2.55 -0.60
CA VAL A 45 -5.02 1.60 -1.31
C VAL A 45 -5.13 0.26 -0.55
N LYS A 46 -4.86 -0.85 -1.24
CA LYS A 46 -5.21 -2.20 -0.80
C LYS A 46 -4.03 -3.13 -1.09
N ALA A 47 -2.98 -3.05 -0.26
CA ALA A 47 -1.66 -3.60 -0.56
C ALA A 47 -1.43 -5.00 0.01
N ARG A 48 -0.81 -5.87 -0.78
CA ARG A 48 -0.66 -7.31 -0.52
C ARG A 48 0.68 -7.61 0.13
N PHE A 49 0.63 -7.93 1.42
CA PHE A 49 1.81 -8.21 2.22
C PHE A 49 1.92 -9.71 2.44
N MET A 50 2.70 -10.39 1.60
CA MET A 50 2.88 -11.84 1.69
C MET A 50 3.97 -12.10 2.73
N GLY A 51 3.61 -12.71 3.84
CA GLY A 51 4.49 -12.91 5.00
C GLY A 51 4.25 -11.85 6.08
N TYR A 52 4.63 -12.14 7.32
CA TYR A 52 4.27 -11.43 8.53
C TYR A 52 5.05 -10.12 8.60
N THR A 53 4.37 -8.97 8.73
CA THR A 53 5.04 -7.67 8.85
C THR A 53 4.12 -6.60 9.42
N LYS A 54 4.66 -5.68 10.24
CA LYS A 54 3.92 -4.55 10.83
C LYS A 54 4.70 -3.24 10.82
N LEU A 55 5.99 -3.23 10.46
CA LEU A 55 6.88 -2.05 10.45
C LEU A 55 6.74 -1.20 9.17
N THR A 56 5.51 -0.97 8.69
CA THR A 56 5.25 -0.31 7.41
C THR A 56 5.82 1.11 7.38
N VAL A 57 6.19 1.64 6.21
CA VAL A 57 6.56 3.04 6.04
C VAL A 57 6.00 3.58 4.70
N ILE A 58 5.71 4.88 4.67
CA ILE A 58 5.39 5.73 3.53
C ILE A 58 6.13 7.03 3.88
N THR A 59 7.21 7.38 3.19
CA THR A 59 8.09 8.46 3.60
C THR A 59 7.39 9.83 3.60
N GLY A 60 6.45 10.04 2.67
CA GLY A 60 5.74 11.28 2.46
C GLY A 60 6.62 12.38 1.89
N LYS A 61 6.04 13.58 1.77
CA LYS A 61 6.78 14.78 1.39
C LYS A 61 7.93 14.99 2.37
N ASP A 62 7.61 14.93 3.65
CA ASP A 62 8.45 15.20 4.81
C ASP A 62 9.69 14.32 4.85
N GLY A 63 9.68 13.17 4.19
CA GLY A 63 10.79 12.24 4.17
C GLY A 63 11.01 11.61 5.54
N LYS A 64 9.94 11.24 6.25
CA LYS A 64 10.00 10.42 7.46
C LYS A 64 9.01 9.27 7.37
N ASN A 65 7.74 9.44 7.75
CA ASN A 65 6.79 8.34 7.88
C ASN A 65 5.37 8.88 8.05
N LEU A 66 4.56 8.95 7.01
CA LEU A 66 3.22 9.52 7.08
C LEU A 66 2.30 8.80 8.04
N LEU A 67 2.45 7.47 8.17
CA LEU A 67 1.67 6.71 9.16
C LEU A 67 1.98 7.14 10.60
N TYR A 68 3.09 7.84 10.84
CA TYR A 68 3.45 8.35 12.16
C TYR A 68 3.35 9.88 12.23
N ASN A 69 3.23 10.56 11.09
CA ASN A 69 3.15 12.01 10.97
C ASN A 69 1.86 12.51 11.64
N GLY A 70 0.71 12.06 11.11
CA GLY A 70 -0.58 12.36 11.70
C GLY A 70 -1.75 11.94 10.81
N THR A 71 -1.60 11.95 9.49
CA THR A 71 -2.75 11.71 8.60
C THR A 71 -2.96 10.21 8.40
N ALA A 72 -1.97 9.53 7.82
CA ALA A 72 -2.23 8.27 7.16
C ALA A 72 -2.28 7.11 8.15
N LYS A 73 -3.01 6.06 7.80
CA LYS A 73 -3.27 4.97 8.72
C LYS A 73 -3.77 3.75 7.96
N MET A 74 -3.40 2.56 8.42
CA MET A 74 -4.14 1.35 8.09
C MET A 74 -5.33 1.27 9.03
N PHE A 75 -6.54 1.27 8.47
CA PHE A 75 -7.81 1.27 9.18
C PHE A 75 -8.65 0.04 8.86
N LYS A 76 -8.10 -0.94 8.15
CA LYS A 76 -8.80 -2.14 7.70
C LYS A 76 -7.74 -3.16 7.39
N SER A 77 -7.91 -4.39 7.86
CA SER A 77 -6.94 -5.44 7.68
C SER A 77 -7.64 -6.79 7.49
N ASP A 78 -7.82 -7.18 6.23
CA ASP A 78 -8.41 -8.44 5.79
C ASP A 78 -7.31 -9.49 5.60
N ALA A 79 -7.67 -10.77 5.60
CA ALA A 79 -6.77 -11.87 5.37
C ALA A 79 -6.65 -12.15 3.86
N ILE A 80 -5.42 -12.37 3.37
CA ILE A 80 -5.15 -12.75 1.99
C ILE A 80 -4.88 -14.24 2.01
N LEU A 81 -5.68 -14.95 1.22
CA LEU A 81 -5.63 -16.40 1.16
C LEU A 81 -4.92 -16.85 -0.12
N GLY A 82 -4.32 -18.04 -0.09
CA GLY A 82 -3.63 -18.67 -1.21
C GLY A 82 -4.63 -19.37 -2.10
N GLN A 83 -4.22 -20.48 -2.70
CA GLN A 83 -5.08 -21.32 -3.55
C GLN A 83 -5.75 -22.47 -2.78
N ASN A 84 -5.66 -22.45 -1.45
CA ASN A 84 -6.12 -23.51 -0.57
C ASN A 84 -6.43 -22.91 0.81
N LYS A 85 -7.04 -21.71 0.84
CA LYS A 85 -7.44 -21.00 2.06
C LYS A 85 -6.28 -20.63 3.00
N VAL A 86 -5.03 -20.86 2.57
CA VAL A 86 -3.84 -20.69 3.38
C VAL A 86 -3.58 -19.20 3.61
N VAL A 87 -3.28 -18.75 4.83
CA VAL A 87 -3.11 -17.33 5.15
C VAL A 87 -1.69 -16.90 4.75
N ILE A 88 -1.51 -16.67 3.45
CA ILE A 88 -0.25 -16.27 2.86
C ILE A 88 0.09 -14.82 3.21
N GLY A 89 -0.90 -13.98 3.46
CA GLY A 89 -0.66 -12.56 3.68
C GLY A 89 -1.88 -11.89 4.27
N TRP A 90 -1.81 -10.57 4.38
CA TRP A 90 -2.84 -9.75 4.97
C TRP A 90 -2.88 -8.47 4.16
N ASP A 91 -4.09 -8.06 3.81
CA ASP A 91 -4.38 -6.90 2.99
C ASP A 91 -4.39 -5.74 3.97
N LYS A 92 -3.24 -5.12 4.22
CA LYS A 92 -3.17 -3.92 5.05
C LYS A 92 -3.53 -2.73 4.15
N TYR A 93 -4.73 -2.19 4.35
CA TYR A 93 -5.20 -1.03 3.61
C TYR A 93 -4.46 0.22 4.08
N PHE A 94 -4.53 1.34 3.33
CA PHE A 94 -4.11 2.65 3.83
C PHE A 94 -5.12 3.71 3.47
N GLU A 95 -5.31 4.65 4.37
CA GLU A 95 -5.80 5.99 4.10
C GLU A 95 -4.53 6.80 3.94
N ILE A 96 -4.24 7.34 2.75
CA ILE A 96 -3.14 8.26 2.54
C ILE A 96 -3.78 9.57 2.05
N PRO A 97 -3.29 10.74 2.47
CA PRO A 97 -3.57 11.97 1.77
C PRO A 97 -3.00 11.94 0.35
N MET A 98 -3.46 12.88 -0.47
CA MET A 98 -2.89 13.16 -1.78
C MET A 98 -1.96 14.37 -1.71
N ASP A 99 -2.36 15.41 -0.96
CA ASP A 99 -1.64 16.69 -0.94
C ASP A 99 -0.37 16.62 -0.10
N ALA A 100 -0.35 15.77 0.94
CA ALA A 100 0.78 15.66 1.86
C ALA A 100 1.94 14.83 1.28
N LEU A 101 1.90 14.51 -0.01
CA LEU A 101 2.88 13.66 -0.68
C LEU A 101 3.94 14.51 -1.34
N GLN A 102 5.07 13.87 -1.63
CA GLN A 102 6.24 14.50 -2.16
C GLN A 102 6.08 14.85 -3.65
N ASP A 103 5.30 14.03 -4.35
CA ASP A 103 5.13 14.00 -5.80
C ASP A 103 3.68 13.63 -6.08
N ASN A 104 3.29 13.63 -7.36
CA ASN A 104 2.05 13.05 -7.84
C ASN A 104 2.22 11.53 -8.02
N SER A 105 2.77 10.82 -7.02
CA SER A 105 2.80 9.36 -7.04
C SER A 105 2.56 8.81 -5.63
N ILE A 106 2.29 7.51 -5.56
CA ILE A 106 2.20 6.71 -4.35
C ILE A 106 3.35 5.69 -4.39
N GLN A 107 3.65 5.09 -3.24
CA GLN A 107 4.57 3.98 -3.00
C GLN A 107 4.39 3.57 -1.53
N ILE A 108 4.78 2.35 -1.17
CA ILE A 108 4.82 1.84 0.20
C ILE A 108 6.18 1.14 0.35
N LYS A 109 6.68 0.97 1.57
CA LYS A 109 7.80 0.08 1.83
C LYS A 109 7.61 -0.64 3.18
N ALA A 110 8.21 -1.81 3.40
CA ALA A 110 7.97 -2.55 4.65
C ALA A 110 9.20 -3.37 5.02
N LEU A 111 9.44 -3.59 6.32
CA LEU A 111 10.60 -4.37 6.78
C LEU A 111 10.31 -5.85 6.51
N SER A 112 11.29 -6.56 6.00
CA SER A 112 11.27 -8.01 5.84
C SER A 112 12.07 -8.64 6.98
N SER A 113 13.39 -8.47 6.99
CA SER A 113 14.29 -9.04 7.97
C SER A 113 15.54 -8.15 8.05
N GLY A 114 16.10 -8.02 9.25
CA GLY A 114 17.29 -7.24 9.56
C GLY A 114 17.08 -5.76 9.28
N THR A 115 17.49 -5.32 8.10
CA THR A 115 17.40 -3.93 7.63
C THR A 115 16.73 -3.85 6.27
N THR A 116 16.45 -4.99 5.63
CA THR A 116 15.81 -5.03 4.34
C THR A 116 14.41 -4.51 4.51
N PHE A 117 14.14 -3.50 3.70
CA PHE A 117 12.93 -2.74 3.57
C PHE A 117 12.54 -2.90 2.12
N VAL A 118 11.57 -3.75 1.83
CA VAL A 118 11.03 -3.85 0.49
C VAL A 118 10.41 -2.56 0.10
N TYR A 119 10.84 -2.04 -1.04
CA TYR A 119 10.28 -0.86 -1.65
C TYR A 119 9.36 -1.36 -2.76
N SER A 120 8.09 -0.98 -2.70
CA SER A 120 7.08 -1.41 -3.66
C SER A 120 7.38 -0.82 -5.04
N GLN A 121 6.58 -1.17 -6.06
CA GLN A 121 6.58 -0.42 -7.31
C GLN A 121 6.12 1.03 -7.05
N LYS A 122 6.45 1.96 -7.94
CA LYS A 122 6.17 3.40 -7.80
C LYS A 122 5.04 3.75 -8.78
N ILE A 123 3.92 4.31 -8.32
CA ILE A 123 2.74 4.56 -9.16
C ILE A 123 2.43 6.04 -9.11
N ASP A 124 2.87 6.73 -10.16
CA ASP A 124 2.44 8.08 -10.53
C ASP A 124 0.92 8.07 -10.74
N PHE A 125 0.20 9.13 -10.38
CA PHE A 125 -1.25 9.27 -10.51
C PHE A 125 -1.61 10.71 -10.83
N GLU A 126 -2.87 10.99 -11.17
CA GLU A 126 -3.29 12.35 -11.41
C GLU A 126 -4.09 12.88 -10.23
N ARG A 127 -3.87 14.16 -9.93
CA ARG A 127 -4.53 14.95 -8.93
C ARG A 127 -5.65 15.66 -9.67
N GLU A 128 -6.88 15.25 -9.43
CA GLU A 128 -7.99 16.17 -9.53
C GLU A 128 -7.78 17.09 -8.34
N GLY A 1 7.68 -25.16 3.94
CA GLY A 1 6.38 -25.28 4.61
C GLY A 1 5.58 -24.01 4.40
N ALA A 2 5.13 -23.37 5.48
CA ALA A 2 4.66 -21.98 5.49
C ALA A 2 4.76 -21.48 6.93
N GLU A 3 5.99 -21.42 7.45
CA GLU A 3 6.31 -21.10 8.85
C GLU A 3 6.25 -19.59 9.12
N ALA A 4 5.18 -18.93 8.67
CA ALA A 4 5.00 -17.50 8.77
C ALA A 4 6.24 -16.68 8.37
N LEU A 5 6.71 -16.89 7.14
CA LEU A 5 7.85 -16.25 6.54
C LEU A 5 7.72 -14.73 6.61
N PRO A 6 8.84 -14.00 6.60
CA PRO A 6 8.84 -12.56 6.48
C PRO A 6 8.33 -12.12 5.11
N LEU A 7 8.05 -10.83 4.98
CA LEU A 7 7.45 -10.19 3.81
C LEU A 7 8.27 -10.42 2.53
N TYR A 8 7.82 -11.31 1.65
CA TYR A 8 8.49 -11.67 0.42
C TYR A 8 7.93 -10.98 -0.83
N TYR A 9 6.76 -10.31 -0.78
CA TYR A 9 6.17 -9.63 -1.94
C TYR A 9 5.30 -8.47 -1.52
N LEU A 10 5.51 -7.33 -2.16
CA LEU A 10 4.83 -6.08 -1.89
C LEU A 10 4.42 -5.51 -3.23
N GLN A 11 3.15 -5.15 -3.40
CA GLN A 11 2.68 -4.60 -4.65
C GLN A 11 1.38 -3.84 -4.42
N ILE A 12 1.23 -2.65 -4.99
CA ILE A 12 0.04 -1.79 -4.77
C ILE A 12 -1.29 -2.51 -5.01
N THR A 13 -1.41 -3.35 -6.04
CA THR A 13 -2.51 -4.30 -6.26
C THR A 13 -3.88 -3.66 -6.54
N GLY A 14 -4.40 -2.74 -5.71
CA GLY A 14 -5.59 -1.95 -5.97
C GLY A 14 -5.46 -0.59 -5.30
N ILE A 15 -6.15 0.40 -5.84
CA ILE A 15 -6.11 1.81 -5.44
C ILE A 15 -7.51 2.40 -5.64
N THR A 16 -7.89 3.39 -4.85
CA THR A 16 -8.98 4.28 -5.23
C THR A 16 -8.84 5.64 -4.54
N SER A 17 -9.82 6.50 -4.75
CA SER A 17 -9.99 7.75 -4.08
C SER A 17 -11.45 7.89 -3.66
N ASP A 18 -11.71 8.82 -2.74
CA ASP A 18 -13.06 9.14 -2.27
C ASP A 18 -13.94 9.61 -3.42
N GLY A 19 -13.47 10.60 -4.19
CA GLY A 19 -14.24 11.17 -5.30
C GLY A 19 -14.34 10.25 -6.52
N ASN A 20 -14.08 8.95 -6.37
CA ASN A 20 -13.92 7.97 -7.45
C ASN A 20 -14.95 6.85 -7.41
N ASP A 21 -15.95 6.95 -6.53
CA ASP A 21 -16.92 5.92 -6.25
C ASP A 21 -16.25 4.71 -5.56
N PHE A 22 -15.12 4.96 -4.89
CA PHE A 22 -14.31 3.99 -4.15
C PHE A 22 -13.98 2.76 -5.02
N ALA A 23 -13.85 2.95 -6.32
CA ALA A 23 -13.55 1.96 -7.34
C ALA A 23 -12.12 1.40 -7.18
N TRP A 24 -11.94 0.33 -6.41
CA TRP A 24 -10.64 -0.23 -5.98
C TRP A 24 -9.70 -0.70 -7.08
N ASP A 25 -10.19 -0.85 -8.31
CA ASP A 25 -9.44 -1.22 -9.51
C ASP A 25 -8.52 -2.43 -9.30
N ASN A 26 -7.67 -2.71 -10.29
CA ASN A 26 -6.70 -3.77 -10.26
C ASN A 26 -5.46 -3.31 -11.01
N LEU A 27 -4.36 -3.17 -10.28
CA LEU A 27 -3.11 -2.65 -10.81
C LEU A 27 -2.20 -3.81 -11.15
N THR A 28 -1.64 -3.78 -12.35
CA THR A 28 -0.88 -4.89 -12.87
C THR A 28 0.45 -5.07 -12.13
N SER A 29 1.00 -6.28 -12.16
CA SER A 29 2.10 -6.74 -11.33
C SER A 29 3.47 -6.12 -11.70
N SER A 30 3.51 -5.09 -12.53
CA SER A 30 4.72 -4.37 -12.89
C SER A 30 4.43 -2.89 -13.12
N GLN A 31 3.19 -2.44 -12.86
CA GLN A 31 2.69 -1.15 -13.31
C GLN A 31 3.54 -0.01 -12.75
N THR A 32 3.48 1.13 -13.43
CA THR A 32 4.22 2.35 -13.09
C THR A 32 3.34 3.60 -13.13
N LYS A 33 2.08 3.47 -13.56
CA LYS A 33 1.13 4.59 -13.54
C LYS A 33 -0.29 4.16 -13.21
N ALA A 34 -1.07 5.06 -12.64
CA ALA A 34 -2.46 4.80 -12.30
C ALA A 34 -3.25 4.46 -13.58
N PRO A 35 -4.35 3.71 -13.46
CA PRO A 35 -5.17 3.37 -14.61
C PRO A 35 -5.99 4.56 -15.12
N ASN A 36 -6.45 5.45 -14.23
CA ASN A 36 -7.36 6.55 -14.53
C ASN A 36 -7.16 7.55 -13.39
N VAL A 37 -7.41 8.83 -13.63
CA VAL A 37 -7.38 9.92 -12.68
C VAL A 37 -8.55 9.84 -11.71
N LEU A 38 -8.10 9.61 -10.51
CA LEU A 38 -8.69 9.81 -9.24
C LEU A 38 -9.08 11.25 -8.99
N LYS A 39 -10.20 11.47 -8.31
CA LYS A 39 -10.65 12.80 -7.90
C LYS A 39 -10.82 12.80 -6.37
N GLY A 40 -10.81 13.96 -5.73
CA GLY A 40 -10.78 14.04 -4.26
C GLY A 40 -9.33 14.03 -3.78
N ASN A 41 -9.12 14.06 -2.45
CA ASN A 41 -7.78 14.02 -1.83
C ASN A 41 -7.52 12.75 -1.02
N LYS A 42 -8.57 12.00 -0.68
CA LYS A 42 -8.48 10.82 0.18
C LYS A 42 -8.02 9.64 -0.67
N LEU A 43 -6.74 9.30 -0.60
CA LEU A 43 -6.13 8.21 -1.32
C LEU A 43 -6.34 6.95 -0.49
N TYR A 44 -6.69 5.83 -1.11
CA TYR A 44 -6.82 4.55 -0.44
C TYR A 44 -6.05 3.51 -1.24
N VAL A 45 -5.30 2.64 -0.56
CA VAL A 45 -4.42 1.65 -1.17
C VAL A 45 -4.60 0.31 -0.47
N LYS A 46 -4.54 -0.78 -1.23
CA LYS A 46 -4.70 -2.16 -0.76
C LYS A 46 -3.48 -2.97 -1.20
N ALA A 47 -2.28 -2.48 -0.90
CA ALA A 47 -1.04 -3.10 -1.39
C ALA A 47 -0.89 -4.46 -0.73
N ARG A 48 -0.80 -5.56 -1.49
CA ARG A 48 -0.70 -6.92 -0.98
C ARG A 48 0.66 -7.13 -0.33
N PHE A 49 0.65 -7.75 0.85
CA PHE A 49 1.81 -8.00 1.70
C PHE A 49 1.88 -9.52 1.84
N MET A 50 2.60 -10.22 0.95
CA MET A 50 2.76 -11.66 1.10
C MET A 50 3.90 -11.85 2.10
N GLY A 51 3.59 -12.31 3.30
CA GLY A 51 4.58 -12.56 4.35
C GLY A 51 4.44 -11.61 5.53
N TYR A 52 4.94 -12.03 6.70
CA TYR A 52 4.77 -11.37 7.98
C TYR A 52 5.57 -10.08 8.02
N THR A 53 4.91 -9.00 8.41
CA THR A 53 5.47 -7.72 8.82
C THR A 53 4.42 -7.05 9.69
N LYS A 54 4.85 -6.11 10.53
CA LYS A 54 3.97 -5.18 11.24
C LYS A 54 4.61 -3.78 11.30
N LEU A 55 5.38 -3.39 10.28
CA LEU A 55 6.13 -2.14 10.27
C LEU A 55 6.03 -1.48 8.88
N THR A 56 4.84 -1.00 8.55
CA THR A 56 4.58 -0.36 7.27
C THR A 56 5.17 1.06 7.35
N VAL A 57 5.86 1.55 6.32
CA VAL A 57 6.30 2.95 6.28
C VAL A 57 5.84 3.60 4.96
N ILE A 58 5.54 4.89 5.06
CA ILE A 58 5.18 5.83 4.01
C ILE A 58 5.97 7.08 4.41
N THR A 59 6.96 7.50 3.61
CA THR A 59 7.90 8.58 3.85
C THR A 59 7.24 9.97 3.81
N GLY A 60 6.19 10.11 2.98
CA GLY A 60 5.59 11.38 2.61
C GLY A 60 6.62 12.40 2.14
N LYS A 61 6.18 13.66 2.07
CA LYS A 61 7.06 14.75 1.72
C LYS A 61 7.84 15.27 2.92
N ASP A 62 7.32 15.05 4.13
CA ASP A 62 7.95 15.43 5.39
C ASP A 62 9.27 14.69 5.65
N GLY A 63 9.51 13.55 4.98
CA GLY A 63 10.68 12.72 5.23
C GLY A 63 10.64 12.07 6.60
N LYS A 64 9.42 11.81 7.11
CA LYS A 64 9.12 11.10 8.34
C LYS A 64 7.86 10.31 8.10
N ASN A 65 7.64 9.24 8.85
CA ASN A 65 6.55 8.32 8.58
C ASN A 65 5.17 8.99 8.69
N LEU A 66 4.41 9.11 7.59
CA LEU A 66 3.05 9.70 7.62
C LEU A 66 2.09 8.95 8.55
N LEU A 67 2.24 7.63 8.69
CA LEU A 67 1.48 6.80 9.64
C LEU A 67 1.80 7.16 11.09
N TYR A 68 2.82 7.99 11.30
CA TYR A 68 3.33 8.45 12.57
C TYR A 68 3.42 9.99 12.56
N ASN A 69 2.60 10.63 11.72
CA ASN A 69 2.46 12.07 11.62
C ASN A 69 1.13 12.46 12.27
N GLY A 70 0.03 11.96 11.69
CA GLY A 70 -1.31 12.16 12.21
C GLY A 70 -2.38 11.88 11.15
N THR A 71 -2.06 11.99 9.86
CA THR A 71 -3.07 11.79 8.81
C THR A 71 -3.28 10.29 8.58
N ALA A 72 -2.22 9.61 8.18
CA ALA A 72 -2.33 8.26 7.64
C ALA A 72 -2.39 7.25 8.78
N LYS A 73 -2.97 6.08 8.50
CA LYS A 73 -3.19 5.03 9.48
C LYS A 73 -3.45 3.72 8.73
N MET A 74 -3.06 2.59 9.31
CA MET A 74 -3.61 1.31 8.89
C MET A 74 -4.95 1.20 9.63
N PHE A 75 -6.05 1.31 8.89
CA PHE A 75 -7.38 1.45 9.47
C PHE A 75 -8.24 0.20 9.29
N LYS A 76 -7.84 -0.71 8.40
CA LYS A 76 -8.50 -1.97 8.08
C LYS A 76 -7.38 -2.92 7.64
N SER A 77 -7.55 -4.22 7.83
CA SER A 77 -6.53 -5.20 7.52
C SER A 77 -7.21 -6.57 7.41
N ASP A 78 -7.25 -7.26 6.26
CA ASP A 78 -7.89 -8.58 6.24
C ASP A 78 -6.86 -9.69 6.15
N ALA A 79 -7.26 -10.92 5.86
CA ALA A 79 -6.37 -12.05 5.67
C ALA A 79 -6.47 -12.55 4.23
N ILE A 80 -5.37 -13.12 3.75
CA ILE A 80 -5.22 -13.59 2.40
C ILE A 80 -4.95 -15.08 2.52
N LEU A 81 -6.00 -15.89 2.32
CA LEU A 81 -5.86 -17.33 2.27
C LEU A 81 -5.35 -17.74 0.89
N GLY A 82 -4.28 -18.52 0.86
CA GLY A 82 -3.89 -19.34 -0.27
C GLY A 82 -4.47 -20.75 -0.11
N GLN A 83 -4.34 -21.54 -1.16
CA GLN A 83 -5.06 -22.76 -1.57
C GLN A 83 -5.33 -23.85 -0.53
N ASN A 84 -4.70 -23.84 0.64
CA ASN A 84 -4.92 -24.81 1.71
C ASN A 84 -5.05 -24.04 3.03
N LYS A 85 -5.90 -23.01 3.03
CA LYS A 85 -6.16 -22.11 4.16
C LYS A 85 -4.86 -21.51 4.72
N VAL A 86 -3.84 -21.39 3.86
CA VAL A 86 -2.52 -20.91 4.22
C VAL A 86 -2.64 -19.39 4.31
N VAL A 87 -2.35 -18.78 5.45
CA VAL A 87 -2.35 -17.33 5.58
C VAL A 87 -1.05 -16.83 4.95
N ILE A 88 -1.08 -16.66 3.62
CA ILE A 88 0.08 -16.21 2.85
C ILE A 88 0.31 -14.71 3.01
N GLY A 89 -0.69 -13.96 3.46
CA GLY A 89 -0.60 -12.53 3.64
C GLY A 89 -1.83 -11.98 4.35
N TRP A 90 -1.87 -10.66 4.48
CA TRP A 90 -2.94 -9.90 5.10
C TRP A 90 -3.03 -8.61 4.33
N ASP A 91 -4.18 -8.32 3.75
CA ASP A 91 -4.45 -7.12 2.98
C ASP A 91 -4.55 -5.96 3.94
N LYS A 92 -3.45 -5.25 4.11
CA LYS A 92 -3.40 -4.05 4.91
C LYS A 92 -3.94 -2.89 4.07
N TYR A 93 -4.91 -2.15 4.61
CA TYR A 93 -5.50 -0.99 3.97
C TYR A 93 -4.98 0.24 4.68
N PHE A 94 -4.68 1.28 3.90
CA PHE A 94 -4.07 2.49 4.43
C PHE A 94 -4.88 3.69 3.95
N GLU A 95 -5.26 4.53 4.91
CA GLU A 95 -5.77 5.86 4.66
C GLU A 95 -4.53 6.73 4.42
N ILE A 96 -4.45 7.44 3.28
CA ILE A 96 -3.38 8.38 2.96
C ILE A 96 -4.00 9.68 2.45
N PRO A 97 -3.46 10.86 2.79
CA PRO A 97 -3.65 12.05 1.98
C PRO A 97 -2.97 11.84 0.62
N MET A 98 -3.49 12.44 -0.44
CA MET A 98 -2.74 12.61 -1.68
C MET A 98 -1.75 13.75 -1.53
N ASP A 99 -2.23 14.93 -1.16
CA ASP A 99 -1.46 16.16 -1.30
C ASP A 99 -0.28 16.23 -0.34
N ALA A 100 -0.28 15.49 0.78
CA ALA A 100 0.87 15.42 1.69
C ALA A 100 1.99 14.47 1.21
N LEU A 101 1.81 13.76 0.10
CA LEU A 101 2.81 12.78 -0.39
C LEU A 101 4.00 13.48 -1.01
N GLN A 102 5.10 12.74 -1.13
CA GLN A 102 6.38 13.22 -1.62
C GLN A 102 6.28 13.86 -3.01
N ASP A 103 5.38 13.36 -3.85
CA ASP A 103 5.20 13.78 -5.25
C ASP A 103 3.80 13.32 -5.72
N ASN A 104 3.48 13.50 -7.00
CA ASN A 104 2.31 12.94 -7.69
C ASN A 104 2.55 11.47 -8.06
N SER A 105 3.27 10.71 -7.23
CA SER A 105 3.22 9.27 -7.28
C SER A 105 3.06 8.76 -5.85
N ILE A 106 2.51 7.57 -5.73
CA ILE A 106 2.34 6.83 -4.49
C ILE A 106 3.40 5.70 -4.49
N GLN A 107 3.47 4.96 -3.39
CA GLN A 107 4.38 3.88 -3.04
C GLN A 107 4.04 3.50 -1.59
N ILE A 108 4.48 2.33 -1.13
CA ILE A 108 4.61 1.94 0.27
C ILE A 108 5.94 1.20 0.38
N LYS A 109 6.49 1.04 1.58
CA LYS A 109 7.65 0.20 1.85
C LYS A 109 7.47 -0.47 3.21
N ALA A 110 8.06 -1.65 3.47
CA ALA A 110 7.82 -2.35 4.75
C ALA A 110 9.03 -3.16 5.19
N LEU A 111 9.24 -3.25 6.50
CA LEU A 111 10.30 -4.07 7.10
C LEU A 111 9.94 -5.55 6.92
N SER A 112 10.77 -6.26 6.18
CA SER A 112 10.63 -7.68 5.90
C SER A 112 11.38 -8.47 6.97
N SER A 113 12.71 -8.48 6.89
CA SER A 113 13.57 -9.46 7.55
C SER A 113 14.89 -8.76 7.87
N GLY A 114 15.27 -8.72 9.14
CA GLY A 114 16.47 -8.07 9.64
C GLY A 114 16.36 -6.56 9.45
N THR A 115 16.82 -6.08 8.31
CA THR A 115 16.78 -4.68 7.88
C THR A 115 16.29 -4.54 6.43
N THR A 116 15.89 -5.64 5.77
CA THR A 116 15.29 -5.60 4.46
C THR A 116 14.03 -4.76 4.60
N PHE A 117 13.92 -3.81 3.70
CA PHE A 117 12.77 -2.95 3.56
C PHE A 117 12.37 -3.13 2.11
N VAL A 118 11.25 -3.82 1.84
CA VAL A 118 10.73 -3.85 0.48
C VAL A 118 10.27 -2.46 0.15
N TYR A 119 10.43 -2.08 -1.11
CA TYR A 119 9.86 -0.89 -1.66
C TYR A 119 8.93 -1.35 -2.77
N SER A 120 7.65 -1.02 -2.64
CA SER A 120 6.69 -1.33 -3.66
C SER A 120 7.06 -0.56 -4.94
N GLN A 121 6.38 -0.90 -6.04
CA GLN A 121 6.50 -0.15 -7.28
C GLN A 121 6.00 1.28 -7.08
N LYS A 122 6.51 2.20 -7.89
CA LYS A 122 6.14 3.60 -7.97
C LYS A 122 4.97 3.72 -8.94
N ILE A 123 3.83 4.24 -8.51
CA ILE A 123 2.70 4.52 -9.37
C ILE A 123 2.49 6.03 -9.36
N ASP A 124 2.89 6.67 -10.46
CA ASP A 124 2.44 8.02 -10.78
C ASP A 124 0.92 8.01 -10.82
N PHE A 125 0.30 9.04 -10.28
CA PHE A 125 -1.14 9.21 -10.39
C PHE A 125 -1.43 10.66 -10.73
N GLU A 126 -2.62 10.90 -11.25
CA GLU A 126 -3.07 12.23 -11.58
C GLU A 126 -4.14 12.64 -10.59
N ARG A 127 -4.25 13.96 -10.42
CA ARG A 127 -5.17 14.57 -9.49
C ARG A 127 -6.14 15.35 -10.35
N GLU A 128 -7.31 14.75 -10.52
CA GLU A 128 -8.53 15.31 -11.13
C GLU A 128 -8.27 16.09 -12.43
N GLY A 1 7.72 -25.71 4.11
CA GLY A 1 6.99 -25.23 5.30
C GLY A 1 6.40 -23.85 5.09
N ALA A 2 5.96 -23.20 6.16
CA ALA A 2 5.33 -21.89 6.19
C ALA A 2 5.40 -21.36 7.63
N GLU A 3 6.62 -21.11 8.10
CA GLU A 3 6.97 -20.83 9.50
C GLU A 3 6.57 -19.41 9.97
N ALA A 4 5.60 -18.76 9.31
CA ALA A 4 5.37 -17.31 9.36
C ALA A 4 6.63 -16.56 8.96
N LEU A 5 7.10 -16.77 7.73
CA LEU A 5 8.20 -16.07 7.12
C LEU A 5 7.93 -14.57 7.15
N PRO A 6 8.98 -13.76 7.17
CA PRO A 6 8.87 -12.32 7.06
C PRO A 6 8.56 -11.94 5.61
N LEU A 7 8.14 -10.69 5.43
CA LEU A 7 7.69 -10.11 4.17
C LEU A 7 8.61 -10.47 3.00
N TYR A 8 8.06 -11.06 1.95
CA TYR A 8 8.77 -11.49 0.76
C TYR A 8 8.22 -10.90 -0.54
N TYR A 9 7.10 -10.17 -0.50
CA TYR A 9 6.44 -9.59 -1.67
C TYR A 9 5.68 -8.34 -1.23
N LEU A 10 5.86 -7.23 -1.95
CA LEU A 10 5.12 -6.00 -1.80
C LEU A 10 4.54 -5.70 -3.19
N GLN A 11 3.25 -5.45 -3.32
CA GLN A 11 2.66 -4.98 -4.57
C GLN A 11 1.41 -4.16 -4.25
N ILE A 12 1.27 -2.98 -4.84
CA ILE A 12 0.15 -2.08 -4.53
C ILE A 12 -1.21 -2.71 -4.81
N THR A 13 -1.39 -3.57 -5.83
CA THR A 13 -2.55 -4.47 -6.01
C THR A 13 -3.90 -3.78 -6.31
N GLY A 14 -4.33 -2.75 -5.57
CA GLY A 14 -5.48 -1.94 -5.91
C GLY A 14 -5.36 -0.57 -5.27
N ILE A 15 -6.04 0.41 -5.87
CA ILE A 15 -6.02 1.80 -5.46
C ILE A 15 -7.38 2.41 -5.79
N THR A 16 -7.84 3.39 -5.01
CA THR A 16 -8.97 4.22 -5.36
C THR A 16 -8.88 5.51 -4.53
N SER A 17 -9.92 6.34 -4.56
CA SER A 17 -10.07 7.49 -3.70
C SER A 17 -11.54 7.71 -3.39
N ASP A 18 -11.78 8.55 -2.39
CA ASP A 18 -13.13 8.91 -1.92
C ASP A 18 -13.95 9.53 -3.05
N GLY A 19 -13.32 10.35 -3.91
CA GLY A 19 -13.97 10.90 -5.09
C GLY A 19 -14.09 9.95 -6.28
N ASN A 20 -13.77 8.64 -6.17
CA ASN A 20 -13.77 7.72 -7.32
C ASN A 20 -14.75 6.55 -7.18
N ASP A 21 -15.80 6.69 -6.39
CA ASP A 21 -16.79 5.62 -6.17
C ASP A 21 -16.17 4.39 -5.52
N PHE A 22 -15.02 4.58 -4.87
CA PHE A 22 -14.19 3.55 -4.24
C PHE A 22 -13.80 2.46 -5.26
N ALA A 23 -13.74 2.79 -6.55
CA ALA A 23 -13.40 1.91 -7.66
C ALA A 23 -11.96 1.38 -7.60
N TRP A 24 -11.74 0.25 -6.95
CA TRP A 24 -10.43 -0.32 -6.61
C TRP A 24 -9.44 -0.61 -7.76
N ASP A 25 -9.90 -0.69 -9.02
CA ASP A 25 -9.12 -0.79 -10.26
C ASP A 25 -7.95 -1.79 -10.14
N ASN A 26 -8.17 -3.05 -10.50
CA ASN A 26 -7.24 -4.14 -10.16
C ASN A 26 -5.93 -3.99 -10.92
N LEU A 27 -4.94 -3.38 -10.26
CA LEU A 27 -3.69 -2.99 -10.87
C LEU A 27 -2.97 -4.19 -11.44
N THR A 28 -2.34 -4.00 -12.59
CA THR A 28 -1.41 -4.93 -13.21
C THR A 28 -0.22 -5.20 -12.27
N SER A 29 0.52 -6.28 -12.54
CA SER A 29 1.64 -6.71 -11.70
C SER A 29 2.74 -5.64 -11.70
N SER A 30 3.36 -5.41 -12.86
CA SER A 30 4.12 -4.20 -13.14
C SER A 30 3.21 -3.22 -13.87
N GLN A 31 2.16 -2.75 -13.18
CA GLN A 31 1.65 -1.41 -13.44
C GLN A 31 2.80 -0.43 -13.10
N THR A 32 2.83 0.74 -13.73
CA THR A 32 3.79 1.81 -13.42
C THR A 32 3.10 3.17 -13.27
N LYS A 33 1.79 3.24 -13.55
CA LYS A 33 1.01 4.47 -13.53
C LYS A 33 -0.43 4.14 -13.19
N ALA A 34 -1.13 5.09 -12.61
CA ALA A 34 -2.50 4.93 -12.16
C ALA A 34 -3.43 4.63 -13.33
N PRO A 35 -4.56 3.96 -13.06
CA PRO A 35 -5.58 3.68 -14.05
C PRO A 35 -6.33 4.94 -14.49
N ASN A 36 -6.51 5.94 -13.61
CA ASN A 36 -7.30 7.15 -13.87
C ASN A 36 -6.76 8.29 -13.02
N VAL A 37 -7.25 9.49 -13.30
CA VAL A 37 -7.16 10.65 -12.44
C VAL A 37 -8.04 10.40 -11.20
N LEU A 38 -7.40 10.10 -10.07
CA LEU A 38 -8.04 9.86 -8.78
C LEU A 38 -8.56 11.19 -8.22
N LYS A 39 -9.87 11.38 -8.19
CA LYS A 39 -10.47 12.60 -7.64
C LYS A 39 -10.42 12.58 -6.11
N GLY A 40 -10.68 13.71 -5.47
CA GLY A 40 -10.65 13.80 -4.01
C GLY A 40 -9.22 13.97 -3.49
N ASN A 41 -9.02 13.79 -2.17
CA ASN A 41 -7.68 13.76 -1.54
C ASN A 41 -7.42 12.50 -0.72
N LYS A 42 -8.45 11.77 -0.27
CA LYS A 42 -8.20 10.50 0.41
C LYS A 42 -7.82 9.47 -0.63
N LEU A 43 -6.60 8.94 -0.52
CA LEU A 43 -5.96 8.03 -1.46
C LEU A 43 -5.97 6.65 -0.80
N TYR A 44 -6.99 5.85 -1.11
CA TYR A 44 -7.14 4.53 -0.53
C TYR A 44 -6.29 3.54 -1.33
N VAL A 45 -5.37 2.88 -0.65
CA VAL A 45 -4.52 1.83 -1.21
C VAL A 45 -4.96 0.52 -0.55
N LYS A 46 -4.90 -0.59 -1.31
CA LYS A 46 -5.28 -1.93 -0.89
C LYS A 46 -4.16 -2.87 -1.33
N ALA A 47 -3.13 -3.06 -0.49
CA ALA A 47 -1.87 -3.59 -0.97
C ALA A 47 -1.55 -4.95 -0.36
N ARG A 48 -0.98 -5.83 -1.19
CA ARG A 48 -0.73 -7.22 -0.82
C ARG A 48 0.66 -7.32 -0.22
N PHE A 49 0.71 -7.53 1.08
CA PHE A 49 1.93 -7.88 1.80
C PHE A 49 1.88 -9.40 1.94
N MET A 50 2.81 -10.12 1.31
CA MET A 50 2.92 -11.57 1.49
C MET A 50 4.10 -11.81 2.41
N GLY A 51 3.87 -12.54 3.49
CA GLY A 51 4.78 -12.68 4.60
C GLY A 51 4.49 -11.66 5.69
N TYR A 52 4.97 -11.93 6.90
CA TYR A 52 4.74 -11.14 8.10
C TYR A 52 5.50 -9.82 8.02
N THR A 53 4.81 -8.71 8.26
CA THR A 53 5.41 -7.44 8.58
C THR A 53 4.42 -6.63 9.39
N LYS A 54 4.93 -5.81 10.31
CA LYS A 54 4.19 -4.84 11.10
C LYS A 54 4.90 -3.48 11.13
N LEU A 55 5.85 -3.23 10.21
CA LEU A 55 6.65 -2.00 10.14
C LEU A 55 6.48 -1.44 8.73
N THR A 56 5.70 -0.36 8.59
CA THR A 56 5.25 0.16 7.30
C THR A 56 5.64 1.64 7.20
N VAL A 57 6.31 2.04 6.11
CA VAL A 57 6.89 3.37 6.01
C VAL A 57 6.56 3.99 4.65
N ILE A 58 6.02 5.20 4.74
CA ILE A 58 5.63 6.10 3.68
C ILE A 58 6.15 7.43 4.23
N THR A 59 7.26 7.95 3.73
CA THR A 59 8.02 9.00 4.38
C THR A 59 7.43 10.36 4.02
N GLY A 60 6.71 10.38 2.90
CA GLY A 60 6.05 11.58 2.38
C GLY A 60 7.08 12.61 1.96
N LYS A 61 6.59 13.83 1.76
CA LYS A 61 7.45 14.98 1.49
C LYS A 61 8.35 15.29 2.67
N ASP A 62 7.86 15.03 3.87
CA ASP A 62 8.51 15.40 5.11
C ASP A 62 9.73 14.53 5.39
N GLY A 63 9.85 13.37 4.75
CA GLY A 63 10.92 12.42 5.05
C GLY A 63 10.77 11.79 6.43
N LYS A 64 9.54 11.68 6.96
CA LYS A 64 9.22 11.13 8.27
C LYS A 64 7.95 10.30 8.14
N ASN A 65 7.89 9.13 8.79
CA ASN A 65 6.83 8.12 8.72
C ASN A 65 5.46 8.78 8.86
N LEU A 66 4.74 8.95 7.75
CA LEU A 66 3.41 9.56 7.70
C LEU A 66 2.45 8.89 8.68
N LEU A 67 2.47 7.56 8.72
CA LEU A 67 1.66 6.74 9.59
C LEU A 67 1.94 6.99 11.08
N TYR A 68 3.05 7.64 11.43
CA TYR A 68 3.41 7.99 12.80
C TYR A 68 3.01 9.42 13.16
N ASN A 69 2.22 10.13 12.33
CA ASN A 69 1.75 11.47 12.66
C ASN A 69 0.23 11.44 12.69
N GLY A 70 -0.46 11.62 11.57
CA GLY A 70 -1.89 11.91 11.61
C GLY A 70 -2.67 11.36 10.43
N THR A 71 -2.27 11.65 9.19
CA THR A 71 -3.24 11.55 8.09
C THR A 71 -3.36 10.10 7.63
N ALA A 72 -2.26 9.47 7.22
CA ALA A 72 -2.26 8.05 6.95
C ALA A 72 -2.42 7.32 8.28
N LYS A 73 -3.26 6.31 8.28
CA LYS A 73 -3.40 5.29 9.31
C LYS A 73 -3.95 4.05 8.59
N MET A 74 -4.01 2.92 9.28
CA MET A 74 -4.69 1.72 8.80
C MET A 74 -6.03 1.62 9.53
N PHE A 75 -7.08 1.31 8.78
CA PHE A 75 -8.45 1.21 9.26
C PHE A 75 -9.17 -0.06 8.76
N LYS A 76 -8.48 -1.00 8.11
CA LYS A 76 -9.08 -2.23 7.59
C LYS A 76 -7.95 -3.25 7.39
N SER A 77 -8.20 -4.51 7.73
CA SER A 77 -7.18 -5.54 7.73
C SER A 77 -7.84 -6.90 7.47
N ASP A 78 -7.89 -7.33 6.21
CA ASP A 78 -8.44 -8.65 5.85
C ASP A 78 -7.29 -9.67 5.78
N ALA A 79 -7.64 -10.96 5.78
CA ALA A 79 -6.71 -12.08 5.66
C ALA A 79 -6.62 -12.51 4.20
N ILE A 80 -5.50 -13.10 3.79
CA ILE A 80 -5.33 -13.58 2.42
C ILE A 80 -4.63 -14.91 2.43
N LEU A 81 -5.30 -15.84 1.77
CA LEU A 81 -4.98 -17.22 1.80
C LEU A 81 -4.52 -17.68 0.44
N GLY A 82 -3.67 -18.71 0.43
CA GLY A 82 -3.07 -19.24 -0.80
C GLY A 82 -4.14 -19.96 -1.61
N GLN A 83 -4.68 -21.01 -1.02
CA GLN A 83 -5.64 -21.93 -1.58
C GLN A 83 -6.31 -22.66 -0.41
N ASN A 84 -5.49 -23.32 0.42
CA ASN A 84 -5.90 -24.12 1.58
C ASN A 84 -6.15 -23.23 2.80
N LYS A 85 -6.88 -22.12 2.65
CA LYS A 85 -7.18 -21.13 3.70
C LYS A 85 -5.92 -20.73 4.50
N VAL A 86 -4.77 -20.71 3.85
CA VAL A 86 -3.44 -20.74 4.46
C VAL A 86 -2.80 -19.38 4.29
N VAL A 87 -2.47 -18.70 5.39
CA VAL A 87 -2.29 -17.25 5.45
C VAL A 87 -0.96 -16.84 4.79
N ILE A 88 -0.98 -16.66 3.47
CA ILE A 88 0.14 -16.17 2.67
C ILE A 88 0.44 -14.70 2.99
N GLY A 89 -0.57 -13.95 3.41
CA GLY A 89 -0.42 -12.52 3.64
C GLY A 89 -1.72 -11.92 4.14
N TRP A 90 -1.80 -10.59 4.12
CA TRP A 90 -2.95 -9.86 4.58
C TRP A 90 -3.16 -8.68 3.67
N ASP A 91 -4.38 -8.17 3.70
CA ASP A 91 -4.86 -7.10 2.87
C ASP A 91 -4.75 -5.87 3.78
N LYS A 92 -3.59 -5.23 3.74
CA LYS A 92 -3.31 -4.05 4.56
C LYS A 92 -3.77 -2.80 3.79
N TYR A 93 -4.91 -2.25 4.18
CA TYR A 93 -5.45 -1.02 3.62
C TYR A 93 -4.85 0.17 4.38
N PHE A 94 -4.76 1.36 3.76
CA PHE A 94 -4.34 2.59 4.42
C PHE A 94 -5.12 3.80 3.91
N GLU A 95 -5.28 4.84 4.73
CA GLU A 95 -6.12 6.01 4.44
C GLU A 95 -5.32 7.28 4.09
N ILE A 96 -4.18 7.09 3.42
CA ILE A 96 -3.19 8.13 3.17
C ILE A 96 -3.82 9.29 2.36
N PRO A 97 -3.41 10.55 2.56
CA PRO A 97 -3.75 11.64 1.67
C PRO A 97 -3.07 11.48 0.30
N MET A 98 -3.37 12.39 -0.62
CA MET A 98 -2.57 12.65 -1.81
C MET A 98 -1.60 13.79 -1.48
N ASP A 99 -2.12 14.95 -1.08
CA ASP A 99 -1.37 16.21 -1.19
C ASP A 99 -0.23 16.38 -0.16
N ALA A 100 -0.11 15.46 0.80
CA ALA A 100 1.00 15.39 1.75
C ALA A 100 2.20 14.58 1.21
N LEU A 101 2.09 13.96 0.02
CA LEU A 101 3.15 13.14 -0.56
C LEU A 101 4.20 14.03 -1.22
N GLN A 102 5.43 13.53 -1.34
CA GLN A 102 6.52 14.20 -2.00
C GLN A 102 6.29 14.30 -3.52
N ASP A 103 5.59 13.32 -4.08
CA ASP A 103 5.51 13.06 -5.50
C ASP A 103 4.02 12.99 -5.81
N ASN A 104 3.62 13.25 -7.05
CA ASN A 104 2.31 12.79 -7.56
C ASN A 104 2.37 11.27 -7.83
N SER A 105 3.09 10.48 -7.01
CA SER A 105 3.07 9.04 -7.10
C SER A 105 3.03 8.43 -5.71
N ILE A 106 2.30 7.32 -5.60
CA ILE A 106 2.23 6.51 -4.40
C ILE A 106 3.41 5.52 -4.43
N GLN A 107 3.88 5.10 -3.27
CA GLN A 107 4.68 3.91 -3.01
C GLN A 107 4.37 3.52 -1.55
N ILE A 108 4.76 2.32 -1.12
CA ILE A 108 4.98 1.97 0.29
C ILE A 108 6.29 1.19 0.33
N LYS A 109 6.99 1.16 1.47
CA LYS A 109 8.06 0.21 1.73
C LYS A 109 7.87 -0.34 3.14
N ALA A 110 8.39 -1.54 3.43
CA ALA A 110 8.22 -2.20 4.72
C ALA A 110 9.46 -3.02 5.09
N LEU A 111 9.80 -3.06 6.38
CA LEU A 111 10.93 -3.81 6.93
C LEU A 111 10.46 -5.25 7.14
N SER A 112 11.09 -6.22 6.47
CA SER A 112 10.66 -7.60 6.55
C SER A 112 10.90 -8.17 7.96
N SER A 113 12.14 -8.24 8.43
CA SER A 113 12.49 -8.52 9.82
C SER A 113 13.81 -7.84 10.22
N GLY A 114 14.90 -8.18 9.55
CA GLY A 114 16.26 -7.71 9.84
C GLY A 114 16.49 -6.32 9.26
N THR A 115 17.53 -6.16 8.46
CA THR A 115 17.87 -4.89 7.81
C THR A 115 16.97 -4.64 6.60
N THR A 116 16.59 -5.70 5.90
CA THR A 116 15.96 -5.74 4.59
C THR A 116 14.63 -5.00 4.57
N PHE A 117 14.46 -4.20 3.53
CA PHE A 117 13.36 -3.27 3.35
C PHE A 117 12.83 -3.52 1.94
N VAL A 118 11.59 -3.97 1.81
CA VAL A 118 10.97 -4.26 0.54
C VAL A 118 10.24 -3.00 0.09
N TYR A 119 10.54 -2.50 -1.11
CA TYR A 119 9.97 -1.30 -1.68
C TYR A 119 8.96 -1.70 -2.76
N SER A 120 7.74 -1.15 -2.70
CA SER A 120 6.79 -1.29 -3.80
C SER A 120 7.33 -0.57 -5.04
N GLN A 121 6.69 -0.82 -6.18
CA GLN A 121 6.86 -0.03 -7.38
C GLN A 121 6.40 1.41 -7.17
N LYS A 122 6.73 2.29 -8.13
CA LYS A 122 6.17 3.63 -8.32
C LYS A 122 4.88 3.52 -9.13
N ILE A 123 3.84 4.27 -8.74
CA ILE A 123 2.62 4.42 -9.52
C ILE A 123 2.19 5.88 -9.41
N ASP A 124 2.40 6.61 -10.49
CA ASP A 124 2.07 8.03 -10.61
C ASP A 124 0.58 8.24 -10.85
N PHE A 125 0.06 9.43 -10.60
CA PHE A 125 -1.37 9.76 -10.68
C PHE A 125 -1.59 11.27 -10.87
N GLU A 126 -2.86 11.69 -10.99
CA GLU A 126 -3.32 13.09 -11.06
C GLU A 126 -4.49 13.21 -10.08
N ARG A 127 -4.75 14.41 -9.55
CA ARG A 127 -5.73 14.65 -8.49
C ARG A 127 -6.87 15.49 -9.04
N GLU A 128 -7.89 14.83 -9.59
CA GLU A 128 -8.95 15.38 -10.46
C GLU A 128 -8.40 16.30 -11.55
#